data_6NCV
#
_entry.id   6NCV
#
_cell.length_a   1
_cell.length_b   1
_cell.length_c   1
_cell.angle_alpha   90
_cell.angle_beta   90
_cell.angle_gamma   90
#
_symmetry.space_group_name_H-M   'P 1'
#
_entity_poly.entity_id   1
_entity_poly.type   'polypeptide(L)'
_entity_poly.pdbx_seq_one_letter_code
;MDQPEAPCSSTGPRLAVARELLLAALEELSQEQLKRFRHKLRDVGPDGRSIPWGRLERADAVDLAEQLAQFYGPEPALEV
ARKTLKRADARDVAAQLQERRLQRLG
;
_entity_poly.pdbx_strand_id   A,B,C,D,E,F,G,H,I,J,K,L,M,N,O,P,Q,R,S,T,V
#
# COMPACT_ATOMS: atom_id res chain seq x y z
N ARG A 14 -3.30 25.85 32.73
CA ARG A 14 -3.34 25.70 31.28
C ARG A 14 -3.50 24.24 30.89
N LEU A 15 -3.68 23.99 29.59
CA LEU A 15 -3.83 22.63 29.11
C LEU A 15 -2.51 21.88 29.16
N ALA A 16 -1.39 22.56 28.94
CA ALA A 16 -0.10 21.88 28.89
C ALA A 16 0.35 21.46 30.29
N VAL A 17 0.17 22.32 31.29
CA VAL A 17 0.53 21.95 32.66
C VAL A 17 -0.49 21.00 33.27
N ALA A 18 -1.66 20.83 32.64
CA ALA A 18 -2.61 19.85 33.14
C ALA A 18 -2.21 18.44 32.75
N ARG A 19 -1.52 18.28 31.63
CA ARG A 19 -1.02 16.97 31.25
C ARG A 19 0.33 16.68 31.86
N GLU A 20 1.09 17.74 32.15
CA GLU A 20 2.40 17.56 32.76
C GLU A 20 2.26 17.06 34.18
N LEU A 21 1.23 17.53 34.88
CA LEU A 21 1.00 17.16 36.26
C LEU A 21 0.52 15.74 36.39
N LEU A 22 -0.17 15.23 35.37
CA LEU A 22 -0.73 13.89 35.40
C LEU A 22 0.31 12.84 35.07
N LEU A 23 1.08 13.07 34.01
CA LEU A 23 2.07 12.08 33.58
C LEU A 23 3.21 11.94 34.57
N ALA A 24 3.55 13.00 35.28
CA ALA A 24 4.55 12.89 36.33
C ALA A 24 3.98 12.31 37.61
N ALA A 25 2.66 12.24 37.75
CA ALA A 25 2.03 11.57 38.87
C ALA A 25 1.42 10.24 38.47
N LEU A 26 1.73 9.76 37.27
CA LEU A 26 1.30 8.44 36.82
C LEU A 26 2.44 7.46 36.72
N GLU A 27 3.60 7.89 36.25
CA GLU A 27 4.78 7.03 36.25
C GLU A 27 5.55 7.10 37.57
N GLU A 28 5.01 7.81 38.56
CA GLU A 28 5.47 7.63 39.94
C GLU A 28 4.94 6.34 40.53
N LEU A 29 3.92 5.75 39.91
CA LEU A 29 3.43 4.45 40.33
C LEU A 29 4.48 3.38 40.04
N SER A 30 4.49 2.35 40.86
CA SER A 30 5.38 1.22 40.61
C SER A 30 4.82 0.35 39.48
N GLN A 31 5.58 -0.68 39.15
CA GLN A 31 5.10 -1.64 38.16
C GLN A 31 3.97 -2.49 38.71
N GLU A 32 3.94 -2.69 40.03
CA GLU A 32 2.88 -3.47 40.63
C GLU A 32 1.60 -2.67 40.75
N GLN A 33 1.70 -1.39 41.14
CA GLN A 33 0.51 -0.56 41.28
C GLN A 33 -0.12 -0.26 39.93
N LEU A 34 0.69 -0.18 38.88
CA LEU A 34 0.16 0.03 37.55
C LEU A 34 -0.62 -1.16 37.03
N LYS A 35 -0.33 -2.36 37.52
CA LYS A 35 -1.19 -3.49 37.20
C LYS A 35 -2.50 -3.40 37.96
N ARG A 36 -2.47 -2.75 39.12
CA ARG A 36 -3.67 -2.57 39.92
C ARG A 36 -4.43 -1.32 39.54
N PHE A 37 -3.74 -0.30 39.06
CA PHE A 37 -4.39 0.96 38.72
C PHE A 37 -5.19 0.86 37.43
N ARG A 38 -4.68 0.11 36.44
CA ARG A 38 -5.45 -0.10 35.22
C ARG A 38 -6.65 -0.97 35.50
N HIS A 39 -6.53 -1.90 36.45
CA HIS A 39 -7.65 -2.72 36.84
C HIS A 39 -8.70 -1.91 37.58
N LYS A 40 -8.26 -0.94 38.37
CA LYS A 40 -9.16 -0.11 39.17
C LYS A 40 -9.54 1.17 38.44
N LEU A 41 -9.92 1.05 37.17
CA LEU A 41 -10.16 2.24 36.38
C LEU A 41 -11.49 2.14 35.66
N ARG A 42 -11.93 0.89 35.41
CA ARG A 42 -13.14 0.62 34.66
C ARG A 42 -14.37 0.52 35.54
N ASP A 43 -14.33 1.13 36.71
CA ASP A 43 -15.47 1.11 37.60
C ASP A 43 -16.06 2.49 37.84
N VAL A 44 -15.33 3.55 37.54
CA VAL A 44 -15.86 4.89 37.69
C VAL A 44 -16.81 5.21 36.56
N GLY A 45 -17.55 6.30 36.71
CA GLY A 45 -18.45 6.76 35.69
C GLY A 45 -19.82 7.08 36.25
N PRO A 46 -20.58 7.93 35.53
CA PRO A 46 -21.96 8.21 35.94
C PRO A 46 -22.83 6.97 35.86
N ASP A 47 -22.86 6.35 34.67
CA ASP A 47 -23.53 5.07 34.49
C ASP A 47 -22.91 4.41 33.25
N GLY A 48 -21.94 3.52 33.50
CA GLY A 48 -21.33 2.74 32.44
C GLY A 48 -20.48 3.51 31.46
N ARG A 49 -20.03 4.71 31.80
CA ARG A 49 -19.18 5.49 30.91
C ARG A 49 -17.74 5.40 31.42
N SER A 50 -17.03 4.36 30.99
CA SER A 50 -15.65 4.14 31.39
C SER A 50 -14.85 3.74 30.15
N ILE A 51 -13.55 3.56 30.35
CA ILE A 51 -12.67 3.17 29.25
C ILE A 51 -12.68 1.65 29.15
N PRO A 52 -12.90 1.08 27.97
CA PRO A 52 -12.93 -0.38 27.82
C PRO A 52 -11.53 -0.98 27.93
N TRP A 53 -11.50 -2.31 28.01
CA TRP A 53 -10.24 -3.03 28.15
C TRP A 53 -9.35 -2.94 26.94
N GLY A 54 -9.92 -2.84 25.74
CA GLY A 54 -9.14 -2.98 24.51
C GLY A 54 -8.09 -1.92 24.33
N ARG A 55 -8.25 -0.77 24.97
CA ARG A 55 -7.25 0.28 24.96
C ARG A 55 -6.66 0.52 26.35
N LEU A 56 -6.74 -0.46 27.24
CA LEU A 56 -6.15 -0.34 28.56
C LEU A 56 -5.21 -1.47 28.94
N GLU A 57 -5.39 -2.67 28.39
CA GLU A 57 -4.72 -3.85 28.89
C GLU A 57 -3.22 -3.82 28.64
N ARG A 58 -2.82 -3.35 27.47
CA ARG A 58 -1.42 -3.22 27.10
C ARG A 58 -1.02 -1.76 26.97
N ALA A 59 -1.46 -0.94 27.90
CA ALA A 59 -1.11 0.48 27.92
C ALA A 59 0.09 0.70 28.82
N ASP A 60 1.05 1.49 28.32
CA ASP A 60 2.23 1.85 29.10
C ASP A 60 1.89 2.99 30.03
N ALA A 61 2.88 3.51 30.76
CA ALA A 61 2.62 4.60 31.69
C ALA A 61 2.38 5.92 30.97
N VAL A 62 3.08 6.16 29.87
CA VAL A 62 2.83 7.38 29.12
C VAL A 62 1.54 7.23 28.31
N ASP A 63 1.32 6.04 27.74
CA ASP A 63 0.12 5.76 26.96
C ASP A 63 -1.14 5.84 27.80
N LEU A 64 -1.04 5.50 29.08
CA LEU A 64 -2.16 5.65 29.98
C LEU A 64 -2.46 7.11 30.25
N ALA A 65 -1.44 7.96 30.31
CA ALA A 65 -1.68 9.37 30.48
C ALA A 65 -2.14 10.06 29.21
N GLU A 66 -2.10 9.36 28.07
CA GLU A 66 -2.64 9.89 26.83
C GLU A 66 -4.14 9.72 26.75
N GLN A 67 -4.63 8.49 26.76
CA GLN A 67 -6.06 8.27 26.56
C GLN A 67 -6.89 8.61 27.79
N LEU A 68 -6.28 8.68 28.97
CA LEU A 68 -7.00 9.24 30.10
C LEU A 68 -7.21 10.73 29.93
N ALA A 69 -6.31 11.40 29.23
CA ALA A 69 -6.50 12.80 28.92
C ALA A 69 -7.48 13.01 27.77
N GLN A 70 -7.73 11.99 26.96
CA GLN A 70 -8.63 12.13 25.83
C GLN A 70 -10.04 11.68 26.12
N PHE A 71 -10.22 10.64 26.93
CA PHE A 71 -11.57 10.16 27.18
C PHE A 71 -12.33 11.11 28.10
N TYR A 72 -11.65 11.70 29.07
CA TYR A 72 -12.30 12.58 30.02
C TYR A 72 -12.06 14.05 29.72
N GLY A 73 -11.03 14.38 28.95
CA GLY A 73 -10.57 15.74 28.83
C GLY A 73 -9.52 15.99 29.88
N PRO A 74 -8.49 16.78 29.55
CA PRO A 74 -7.35 16.92 30.47
C PRO A 74 -7.66 17.71 31.72
N GLU A 75 -8.73 18.48 31.73
CA GLU A 75 -9.02 19.27 32.92
C GLU A 75 -9.73 18.44 34.00
N PRO A 76 -10.71 17.58 33.73
CA PRO A 76 -11.15 16.66 34.78
C PRO A 76 -10.48 15.29 34.78
N ALA A 77 -9.41 15.10 34.01
CA ALA A 77 -8.68 13.83 34.09
C ALA A 77 -7.94 13.68 35.40
N LEU A 78 -7.59 14.79 36.05
CA LEU A 78 -6.94 14.71 37.35
C LEU A 78 -7.91 14.21 38.41
N GLU A 79 -9.17 14.62 38.33
CA GLU A 79 -10.13 14.23 39.35
C GLU A 79 -10.54 12.78 39.22
N VAL A 80 -10.56 12.25 37.99
CA VAL A 80 -10.82 10.82 37.81
C VAL A 80 -9.58 9.99 38.06
N ALA A 81 -8.41 10.61 38.12
CA ALA A 81 -7.21 9.87 38.48
C ALA A 81 -7.00 9.85 39.99
N ARG A 82 -7.26 10.97 40.66
CA ARG A 82 -7.06 11.03 42.09
C ARG A 82 -8.12 10.23 42.83
N LYS A 83 -9.32 10.13 42.26
CA LYS A 83 -10.35 9.32 42.89
C LYS A 83 -10.01 7.84 42.82
N THR A 84 -9.24 7.43 41.81
CA THR A 84 -8.83 6.05 41.67
C THR A 84 -7.47 5.76 42.28
N LEU A 85 -6.58 6.75 42.37
CA LEU A 85 -5.31 6.53 43.04
C LEU A 85 -5.49 6.31 44.53
N LYS A 86 -6.52 6.92 45.13
CA LYS A 86 -6.88 6.54 46.49
C LYS A 86 -7.47 5.14 46.54
N ARG A 87 -8.10 4.71 45.45
CA ARG A 87 -8.76 3.42 45.40
C ARG A 87 -7.85 2.30 44.94
N ALA A 88 -6.69 2.61 44.35
CA ALA A 88 -5.73 1.62 43.92
C ALA A 88 -4.64 1.38 44.97
N ASP A 89 -4.90 1.81 46.21
CA ASP A 89 -4.00 1.68 47.36
C ASP A 89 -2.67 2.38 47.11
N ALA A 90 -2.74 3.60 46.57
CA ALA A 90 -1.55 4.45 46.44
C ALA A 90 -1.93 5.85 46.91
N ARG A 91 -1.87 6.06 48.21
CA ARG A 91 -2.23 7.35 48.78
C ARG A 91 -1.04 8.29 48.88
N ASP A 92 0.16 7.82 48.53
CA ASP A 92 1.32 8.69 48.54
C ASP A 92 1.24 9.72 47.43
N VAL A 93 1.14 9.26 46.18
CA VAL A 93 1.17 10.14 45.02
C VAL A 93 -0.13 10.93 44.89
N ALA A 94 -1.25 10.36 45.34
CA ALA A 94 -2.54 11.03 45.24
C ALA A 94 -2.60 12.25 46.15
N ALA A 95 -2.07 12.13 47.36
CA ALA A 95 -1.96 13.30 48.22
C ALA A 95 -0.87 14.23 47.72
N GLN A 96 0.15 13.68 47.07
CA GLN A 96 1.22 14.50 46.53
C GLN A 96 0.76 15.25 45.29
N LEU A 97 -0.22 14.70 44.57
CA LEU A 97 -0.81 15.41 43.44
C LEU A 97 -1.69 16.56 43.91
N GLN A 98 -2.28 16.43 45.09
CA GLN A 98 -3.29 17.38 45.55
C GLN A 98 -2.68 18.74 45.85
N GLU A 99 -1.49 18.78 46.44
CA GLU A 99 -0.85 20.06 46.64
C GLU A 99 -0.26 20.62 45.35
N ARG A 100 -0.04 19.76 44.35
CA ARG A 100 0.46 20.24 43.07
C ARG A 100 -0.65 20.52 42.08
N ARG A 101 -1.89 20.11 42.36
CA ARG A 101 -3.00 20.61 41.57
C ARG A 101 -3.29 22.06 41.91
N LEU A 102 -2.94 22.50 43.12
CA LEU A 102 -3.12 23.89 43.48
C LEU A 102 -2.09 24.79 42.83
N GLN A 103 -0.93 24.26 42.47
CA GLN A 103 0.09 25.05 41.77
C GLN A 103 -0.02 24.90 40.27
N ARG A 104 -1.22 25.14 39.74
CA ARG A 104 -1.45 25.08 38.31
C ARG A 104 -1.31 26.47 37.70
N ARG B 14 -23.94 -4.44 43.43
CA ARG B 14 -23.60 -3.99 42.08
C ARG B 14 -22.48 -4.84 41.50
N LEU B 15 -22.17 -4.60 40.22
CA LEU B 15 -21.09 -5.33 39.57
C LEU B 15 -19.73 -4.87 40.07
N ALA B 16 -19.59 -3.60 40.40
CA ALA B 16 -18.29 -3.07 40.81
C ALA B 16 -17.92 -3.55 42.21
N VAL B 17 -18.87 -3.55 43.14
CA VAL B 17 -18.60 -4.05 44.48
C VAL B 17 -18.52 -5.57 44.52
N ALA B 18 -18.98 -6.25 43.46
CA ALA B 18 -18.84 -7.69 43.42
C ALA B 18 -17.41 -8.10 43.07
N ARG B 19 -16.70 -7.28 42.31
CA ARG B 19 -15.30 -7.55 42.02
C ARG B 19 -14.38 -7.02 43.10
N GLU B 20 -14.82 -5.97 43.79
CA GLU B 20 -14.03 -5.39 44.85
C GLU B 20 -13.94 -6.34 46.03
N LEU B 21 -15.04 -7.05 46.30
CA LEU B 21 -15.11 -7.97 47.42
C LEU B 21 -14.27 -9.21 47.18
N LEU B 22 -14.11 -9.60 45.92
CA LEU B 22 -13.37 -10.81 45.56
C LEU B 22 -11.87 -10.58 45.57
N LEU B 23 -11.43 -9.48 44.96
CA LEU B 23 -9.99 -9.21 44.85
C LEU B 23 -9.38 -8.88 46.20
N ALA B 24 -10.15 -8.29 47.11
CA ALA B 24 -9.65 -8.05 48.45
C ALA B 24 -9.74 -9.29 49.33
N ALA B 25 -10.46 -10.32 48.90
CA ALA B 25 -10.49 -11.60 49.58
C ALA B 25 -9.72 -12.66 48.82
N LEU B 26 -8.96 -12.27 47.80
CA LEU B 26 -8.09 -13.17 47.08
C LEU B 26 -6.62 -12.93 47.34
N GLU B 27 -6.21 -11.68 47.44
CA GLU B 27 -4.84 -11.36 47.83
C GLU B 27 -4.67 -11.28 49.33
N GLU B 28 -5.71 -11.62 50.10
CA GLU B 28 -5.52 -11.94 51.51
C GLU B 28 -4.91 -13.32 51.69
N LEU B 29 -4.93 -14.14 50.65
CA LEU B 29 -4.24 -15.42 50.68
C LEU B 29 -2.74 -15.22 50.72
N SER B 30 -2.04 -16.15 51.36
CA SER B 30 -0.60 -16.10 51.37
C SER B 30 -0.03 -16.56 50.03
N GLN B 31 1.29 -16.52 49.92
CA GLN B 31 1.92 -17.04 48.73
C GLN B 31 1.84 -18.55 48.67
N GLU B 32 1.78 -19.21 49.83
CA GLU B 32 1.67 -20.66 49.85
C GLU B 32 0.27 -21.12 49.53
N GLN B 33 -0.74 -20.44 50.07
CA GLN B 33 -2.12 -20.82 49.81
C GLN B 33 -2.51 -20.57 48.36
N LEU B 34 -1.92 -19.55 47.74
CA LEU B 34 -2.19 -19.28 46.34
C LEU B 34 -1.60 -20.34 45.42
N LYS B 35 -0.56 -21.04 45.84
CA LYS B 35 -0.12 -22.19 45.08
C LYS B 35 -1.08 -23.35 45.25
N ARG B 36 -1.76 -23.41 46.38
CA ARG B 36 -2.74 -24.45 46.65
C ARG B 36 -4.13 -24.08 46.13
N PHE B 37 -4.44 -22.79 46.07
CA PHE B 37 -5.77 -22.37 45.65
C PHE B 37 -5.94 -22.50 44.15
N ARG B 38 -4.89 -22.20 43.38
CA ARG B 38 -4.97 -22.39 41.93
C ARG B 38 -5.02 -23.87 41.59
N HIS B 39 -4.37 -24.69 42.41
CA HIS B 39 -4.43 -26.13 42.22
C HIS B 39 -5.82 -26.66 42.54
N LYS B 40 -6.47 -26.08 43.55
CA LYS B 40 -7.78 -26.54 44.00
C LYS B 40 -8.90 -25.76 43.32
N LEU B 41 -8.82 -25.61 42.01
CA LEU B 41 -9.78 -24.75 41.32
C LEU B 41 -10.34 -25.48 40.12
N ARG B 42 -9.58 -26.42 39.58
CA ARG B 42 -9.94 -27.14 38.38
C ARG B 42 -10.72 -28.41 38.65
N ASP B 43 -11.38 -28.48 39.80
CA ASP B 43 -12.17 -29.64 40.15
C ASP B 43 -13.65 -29.32 40.27
N VAL B 44 -14.02 -28.06 40.41
CA VAL B 44 -15.42 -27.68 40.49
C VAL B 44 -16.05 -27.73 39.10
N GLY B 45 -17.38 -27.65 39.06
CA GLY B 45 -18.09 -27.62 37.82
C GLY B 45 -19.25 -28.60 37.81
N PRO B 46 -20.24 -28.35 36.94
CA PRO B 46 -21.33 -29.33 36.78
C PRO B 46 -20.84 -30.64 36.22
N ASP B 47 -20.18 -30.57 35.07
CA ASP B 47 -19.51 -31.73 34.47
C ASP B 47 -18.42 -31.21 33.54
N GLY B 48 -17.19 -31.15 34.05
CA GLY B 48 -16.05 -30.77 33.25
C GLY B 48 -15.99 -29.33 32.80
N ARG B 49 -16.75 -28.44 33.43
CA ARG B 49 -16.72 -27.03 33.06
C ARG B 49 -15.89 -26.27 34.09
N SER B 50 -14.58 -26.22 33.87
CA SER B 50 -13.66 -25.54 34.76
C SER B 50 -12.68 -24.73 33.94
N ILE B 51 -11.81 -24.00 34.62
CA ILE B 51 -10.80 -23.20 33.94
C ILE B 51 -9.58 -24.07 33.67
N PRO B 52 -9.07 -24.10 32.45
CA PRO B 52 -7.90 -24.93 32.15
C PRO B 52 -6.62 -24.36 32.74
N TRP B 53 -5.55 -25.16 32.68
CA TRP B 53 -4.27 -24.76 33.24
C TRP B 53 -3.62 -23.60 32.51
N GLY B 54 -3.84 -23.47 31.21
CA GLY B 54 -3.07 -22.55 30.40
C GLY B 54 -3.27 -21.09 30.79
N ARG B 55 -4.38 -20.78 31.42
CA ARG B 55 -4.63 -19.45 31.94
C ARG B 55 -4.71 -19.43 33.46
N LEU B 56 -4.12 -20.42 34.13
CA LEU B 56 -4.09 -20.44 35.58
C LEU B 56 -2.72 -20.61 36.19
N GLU B 57 -1.78 -21.23 35.47
CA GLU B 57 -0.52 -21.65 36.08
C GLU B 57 0.37 -20.49 36.46
N ARG B 58 0.42 -19.47 35.62
CA ARG B 58 1.20 -18.26 35.86
C ARG B 58 0.29 -17.06 36.06
N ALA B 59 -0.77 -17.24 36.83
CA ALA B 59 -1.69 -16.16 37.14
C ALA B 59 -1.32 -15.53 38.47
N ASP B 60 -1.31 -14.20 38.50
CA ASP B 60 -1.02 -13.45 39.72
C ASP B 60 -2.30 -13.38 40.56
N ALA B 61 -2.24 -12.66 41.69
CA ALA B 61 -3.42 -12.55 42.54
C ALA B 61 -4.49 -11.66 41.93
N VAL B 62 -4.09 -10.59 41.25
CA VAL B 62 -5.08 -9.75 40.59
C VAL B 62 -5.58 -10.43 39.33
N ASP B 63 -4.67 -11.07 38.59
CA ASP B 63 -5.02 -11.77 37.36
C ASP B 63 -5.95 -12.93 37.62
N LEU B 64 -5.83 -13.57 38.78
CA LEU B 64 -6.76 -14.61 39.15
C LEU B 64 -8.15 -14.06 39.45
N ALA B 65 -8.23 -12.86 40.00
CA ALA B 65 -9.53 -12.25 40.23
C ALA B 65 -10.13 -11.68 38.95
N GLU B 66 -9.36 -11.62 37.86
CA GLU B 66 -9.89 -11.20 36.58
C GLU B 66 -10.62 -12.33 35.88
N GLN B 67 -9.93 -13.41 35.55
CA GLN B 67 -10.55 -14.46 34.76
C GLN B 67 -11.51 -15.33 35.58
N LEU B 68 -11.41 -15.31 36.91
CA LEU B 68 -12.46 -15.93 37.69
C LEU B 68 -13.74 -15.11 37.62
N ALA B 69 -13.63 -13.81 37.42
CA ALA B 69 -14.81 -12.99 37.22
C ALA B 69 -15.36 -13.11 35.80
N GLN B 70 -14.55 -13.58 34.85
CA GLN B 70 -15.01 -13.68 33.47
C GLN B 70 -15.52 -15.06 33.11
N PHE B 71 -14.93 -16.12 33.66
CA PHE B 71 -15.37 -17.45 33.29
C PHE B 71 -16.72 -17.78 33.92
N TYR B 72 -16.95 -17.32 35.14
CA TYR B 72 -18.20 -17.61 35.83
C TYR B 72 -19.17 -16.45 35.82
N GLY B 73 -18.70 -15.24 35.58
CA GLY B 73 -19.51 -14.07 35.81
C GLY B 73 -19.26 -13.58 37.23
N PRO B 74 -19.23 -12.27 37.42
CA PRO B 74 -18.83 -11.74 38.73
C PRO B 74 -19.84 -11.97 39.83
N GLU B 75 -21.09 -12.25 39.49
CA GLU B 75 -22.09 -12.46 40.53
C GLU B 75 -22.00 -13.86 41.14
N PRO B 76 -21.85 -14.97 40.39
CA PRO B 76 -21.55 -16.24 41.08
C PRO B 76 -20.07 -16.57 41.18
N ALA B 77 -19.16 -15.64 40.91
CA ALA B 77 -17.76 -15.91 41.13
C ALA B 77 -17.42 -16.00 42.61
N LEU B 78 -18.20 -15.34 43.46
CA LEU B 78 -17.97 -15.44 44.90
C LEU B 78 -18.32 -16.83 45.41
N GLU B 79 -19.36 -17.44 44.87
CA GLU B 79 -19.79 -18.74 45.36
C GLU B 79 -18.83 -19.84 44.91
N VAL B 80 -18.23 -19.70 43.73
CA VAL B 80 -17.22 -20.66 43.31
C VAL B 80 -15.87 -20.38 43.93
N ALA B 81 -15.69 -19.21 44.54
CA ALA B 81 -14.47 -18.95 45.27
C ALA B 81 -14.57 -19.40 46.72
N ARG B 82 -15.72 -19.16 47.35
CA ARG B 82 -15.90 -19.55 48.74
C ARG B 82 -16.01 -21.06 48.90
N LYS B 83 -16.52 -21.74 47.88
CA LYS B 83 -16.58 -23.20 47.94
C LYS B 83 -15.20 -23.81 47.85
N THR B 84 -14.26 -23.12 47.20
CA THR B 84 -12.90 -23.61 47.09
C THR B 84 -11.97 -23.06 48.17
N LEU B 85 -12.26 -21.89 48.71
CA LEU B 85 -11.45 -21.37 49.82
C LEU B 85 -11.62 -22.22 51.06
N LYS B 86 -12.80 -22.81 51.25
CA LYS B 86 -12.95 -23.82 52.30
C LYS B 86 -12.19 -25.08 51.95
N ARG B 87 -12.02 -25.36 50.66
CA ARG B 87 -11.38 -26.57 50.21
C ARG B 87 -9.88 -26.42 50.02
N ALA B 88 -9.37 -25.19 50.00
CA ALA B 88 -7.93 -24.94 49.91
C ALA B 88 -7.30 -24.73 51.26
N ASP B 89 -7.99 -25.14 52.33
CA ASP B 89 -7.55 -25.03 53.73
C ASP B 89 -7.29 -23.58 54.12
N ALA B 90 -8.19 -22.69 53.73
CA ALA B 90 -8.16 -21.29 54.19
C ALA B 90 -9.57 -20.92 54.62
N ARG B 91 -9.92 -21.26 55.86
CA ARG B 91 -11.25 -20.95 56.36
C ARG B 91 -11.32 -19.60 57.04
N ASP B 92 -10.19 -18.90 57.16
CA ASP B 92 -10.21 -17.57 57.73
C ASP B 92 -10.89 -16.58 56.80
N VAL B 93 -10.37 -16.43 55.58
CA VAL B 93 -10.87 -15.44 54.65
C VAL B 93 -12.23 -15.83 54.09
N ALA B 94 -12.50 -17.14 53.98
CA ALA B 94 -13.78 -17.61 53.44
C ALA B 94 -14.93 -17.27 54.37
N ALA B 95 -14.72 -17.45 55.67
CA ALA B 95 -15.73 -17.00 56.63
C ALA B 95 -15.76 -15.48 56.72
N GLN B 96 -14.61 -14.84 56.48
CA GLN B 96 -14.55 -13.39 56.52
C GLN B 96 -15.21 -12.79 55.29
N LEU B 97 -15.23 -13.52 54.18
CA LEU B 97 -15.95 -13.07 52.99
C LEU B 97 -17.45 -13.19 53.19
N GLN B 98 -17.89 -14.15 54.01
CA GLN B 98 -19.31 -14.47 54.12
C GLN B 98 -20.09 -13.34 54.78
N GLU B 99 -19.52 -12.71 55.81
CA GLU B 99 -20.20 -11.57 56.40
C GLU B 99 -20.09 -10.33 55.52
N ARG B 100 -19.12 -10.29 54.62
CA ARG B 100 -18.99 -9.17 53.71
C ARG B 100 -19.70 -9.39 52.39
N ARG B 101 -20.14 -10.61 52.10
CA ARG B 101 -21.06 -10.78 50.98
C ARG B 101 -22.44 -10.26 51.34
N LEU B 102 -22.77 -10.22 52.63
CA LEU B 102 -24.05 -9.66 53.03
C LEU B 102 -24.06 -8.14 52.97
N GLN B 103 -22.90 -7.51 53.04
CA GLN B 103 -22.82 -6.05 52.92
C GLN B 103 -22.52 -5.63 51.48
N ARG B 104 -23.32 -6.12 50.55
CA ARG B 104 -23.17 -5.77 49.15
C ARG B 104 -24.09 -4.61 48.81
N ARG C 14 25.36 26.68 7.88
CA ARG C 14 24.64 26.48 6.62
C ARG C 14 23.37 25.69 6.87
N LEU C 15 22.55 25.54 5.82
CA LEU C 15 21.32 24.78 5.94
C LEU C 15 21.59 23.29 6.04
N ALA C 16 22.64 22.79 5.38
CA ALA C 16 22.91 21.36 5.38
C ALA C 16 23.45 20.89 6.72
N VAL C 17 24.36 21.67 7.33
CA VAL C 17 24.86 21.30 8.65
C VAL C 17 23.85 21.59 9.74
N ALA C 18 22.80 22.35 9.45
CA ALA C 18 21.76 22.56 10.44
C ALA C 18 20.85 21.35 10.56
N ARG C 19 20.68 20.59 9.49
CA ARG C 19 19.91 19.36 9.56
C ARG C 19 20.75 18.19 9.99
N GLU C 20 22.05 18.25 9.72
CA GLU C 20 22.96 17.18 10.10
C GLU C 20 23.10 17.13 11.61
N LEU C 21 23.11 18.30 12.24
CA LEU C 21 23.28 18.42 13.68
C LEU C 21 22.06 17.94 14.42
N LEU C 22 20.89 18.07 13.82
CA LEU C 22 19.63 17.71 14.46
C LEU C 22 19.37 16.22 14.39
N LEU C 23 19.56 15.62 13.20
CA LEU C 23 19.27 14.21 13.02
C LEU C 23 20.25 13.33 13.78
N ALA C 24 21.49 13.79 13.95
CA ALA C 24 22.43 13.03 14.77
C ALA C 24 22.22 13.26 16.26
N ALA C 25 21.44 14.27 16.63
CA ALA C 25 21.07 14.49 18.01
C ALA C 25 19.61 14.12 18.27
N LEU C 26 18.97 13.47 17.31
CA LEU C 26 17.62 12.96 17.50
C LEU C 26 17.55 11.45 17.59
N GLU C 27 18.36 10.74 16.79
CA GLU C 27 18.45 9.30 16.92
C GLU C 27 19.48 8.88 17.95
N GLU C 28 20.07 9.83 18.67
CA GLU C 28 20.78 9.50 19.90
C GLU C 28 19.81 9.21 21.04
N LEU C 29 18.55 9.59 20.88
CA LEU C 29 17.53 9.23 21.83
C LEU C 29 17.28 7.73 21.81
N SER C 30 16.90 7.18 22.95
CA SER C 30 16.53 5.77 22.99
C SER C 30 15.14 5.57 22.41
N GLN C 31 14.73 4.31 22.38
CA GLN C 31 13.38 4.00 21.92
C GLN C 31 12.34 4.44 22.96
N GLU C 32 12.73 4.48 24.23
CA GLU C 32 11.80 4.91 25.26
C GLU C 32 11.66 6.43 25.28
N GLN C 33 12.77 7.14 25.13
CA GLN C 33 12.70 8.60 25.14
C GLN C 33 11.99 9.14 23.92
N LEU C 34 12.08 8.44 22.78
CA LEU C 34 11.38 8.85 21.59
C LEU C 34 9.88 8.69 21.72
N LYS C 35 9.41 7.78 22.57
CA LYS C 35 7.99 7.75 22.87
C LYS C 35 7.59 8.91 23.76
N ARG C 36 8.53 9.41 24.55
CA ARG C 36 8.28 10.55 25.42
C ARG C 36 8.56 11.87 24.72
N PHE C 37 9.48 11.89 23.76
CA PHE C 37 9.83 13.12 23.08
C PHE C 37 8.76 13.55 22.10
N ARG C 38 8.14 12.61 21.41
CA ARG C 38 7.03 12.95 20.52
C ARG C 38 5.83 13.40 21.31
N HIS C 39 5.66 12.84 22.50
CA HIS C 39 4.58 13.28 23.38
C HIS C 39 4.83 14.67 23.91
N LYS C 40 6.09 15.00 24.19
CA LYS C 40 6.46 16.29 24.75
C LYS C 40 6.83 17.28 23.66
N LEU C 41 6.01 17.39 22.62
CA LEU C 41 6.37 18.21 21.48
C LEU C 41 5.21 19.12 21.10
N ARG C 42 4.00 18.68 21.44
CA ARG C 42 2.78 19.38 21.07
C ARG C 42 2.35 20.40 22.12
N ASP C 43 3.27 20.86 22.94
CA ASP C 43 2.96 21.85 23.96
C ASP C 43 3.66 23.17 23.74
N VAL C 44 4.70 23.20 22.93
CA VAL C 44 5.40 24.45 22.65
C VAL C 44 4.59 25.28 21.65
N GLY C 45 4.99 26.53 21.50
CA GLY C 45 4.35 27.42 20.57
C GLY C 45 4.00 28.76 21.18
N PRO C 46 3.85 29.79 20.34
CA PRO C 46 3.40 31.09 20.84
C PRO C 46 1.99 31.01 21.40
N ASP C 47 1.06 30.55 20.57
CA ASP C 47 -0.31 30.27 21.01
C ASP C 47 -0.91 29.26 20.04
N GLY C 48 -0.86 27.98 20.43
CA GLY C 48 -1.48 26.92 19.67
C GLY C 48 -0.84 26.61 18.33
N ARG C 49 0.41 27.01 18.10
CA ARG C 49 1.08 26.71 16.85
C ARG C 49 2.07 25.58 17.08
N SER C 50 1.59 24.34 16.98
CA SER C 50 2.41 23.17 17.18
C SER C 50 2.10 22.16 16.08
N ILE C 51 2.82 21.05 16.10
CA ILE C 51 2.61 20.01 15.10
C ILE C 51 1.50 19.07 15.60
N PRO C 52 0.50 18.79 14.79
CA PRO C 52 -0.59 17.91 15.22
C PRO C 52 -0.15 16.45 15.30
N TRP C 53 -1.03 15.63 15.89
CA TRP C 53 -0.73 14.22 16.08
C TRP C 53 -0.63 13.44 14.78
N GLY C 54 -1.39 13.83 13.75
CA GLY C 54 -1.53 13.00 12.56
C GLY C 54 -0.25 12.79 11.80
N ARG C 55 0.72 13.68 11.97
CA ARG C 55 2.04 13.52 11.39
C ARG C 55 3.12 13.35 12.44
N LEU C 56 2.74 12.91 13.65
CA LEU C 56 3.73 12.66 14.69
C LEU C 56 3.64 11.28 15.32
N GLU C 57 2.48 10.64 15.30
CA GLU C 57 2.25 9.44 16.10
C GLU C 57 3.05 8.25 15.60
N ARG C 58 3.15 8.09 14.29
CA ARG C 58 3.90 7.03 13.65
C ARG C 58 5.11 7.58 12.90
N ALA C 59 5.80 8.53 13.52
CA ALA C 59 7.00 9.11 12.92
C ALA C 59 8.23 8.39 13.43
N ASP C 60 9.14 8.06 12.53
CA ASP C 60 10.40 7.42 12.87
C ASP C 60 11.39 8.49 13.33
N ALA C 61 12.62 8.09 13.64
CA ALA C 61 13.61 9.05 14.10
C ALA C 61 14.10 9.96 12.98
N VAL C 62 14.22 9.45 11.76
CA VAL C 62 14.61 10.30 10.66
C VAL C 62 13.43 11.15 10.22
N ASP C 63 12.23 10.54 10.19
CA ASP C 63 11.02 11.23 9.79
C ASP C 63 10.67 12.36 10.75
N LEU C 64 11.01 12.20 12.03
CA LEU C 64 10.83 13.29 12.97
C LEU C 64 11.79 14.43 12.71
N ALA C 65 13.00 14.15 12.26
CA ALA C 65 13.92 15.21 11.92
C ALA C 65 13.59 15.85 10.57
N GLU C 66 12.67 15.28 9.81
CA GLU C 66 12.22 15.89 8.57
C GLU C 66 11.17 16.98 8.83
N GLN C 67 10.04 16.61 9.40
CA GLN C 67 8.97 17.59 9.55
C GLN C 67 9.21 18.57 10.68
N LEU C 68 10.11 18.26 11.61
CA LEU C 68 10.53 19.29 12.54
C LEU C 68 11.38 20.33 11.85
N ALA C 69 12.09 19.96 10.79
CA ALA C 69 12.83 20.93 10.01
C ALA C 69 11.92 21.70 9.06
N GLN C 70 10.73 21.20 8.76
CA GLN C 70 9.84 21.87 7.84
C GLN C 70 8.80 22.75 8.52
N PHE C 71 8.32 22.35 9.69
CA PHE C 71 7.29 23.14 10.34
C PHE C 71 7.87 24.41 10.93
N TYR C 72 9.08 24.34 11.48
CA TYR C 72 9.71 25.49 12.11
C TYR C 72 10.76 26.15 11.22
N GLY C 73 11.27 25.44 10.22
CA GLY C 73 12.44 25.90 9.52
C GLY C 73 13.66 25.34 10.19
N PRO C 74 14.67 24.96 9.40
CA PRO C 74 15.82 24.24 9.98
C PRO C 74 16.71 25.10 10.86
N GLU C 75 16.63 26.41 10.76
CA GLU C 75 17.48 27.25 11.58
C GLU C 75 16.94 27.41 13.01
N PRO C 76 15.65 27.64 13.26
CA PRO C 76 15.18 27.54 14.65
C PRO C 76 14.62 26.18 15.06
N ALA C 77 14.80 25.14 14.25
CA ALA C 77 14.38 23.81 14.67
C ALA C 77 15.24 23.28 15.81
N LEU C 78 16.50 23.73 15.90
CA LEU C 78 17.36 23.32 17.00
C LEU C 78 16.87 23.89 18.32
N GLU C 79 16.38 25.12 18.30
CA GLU C 79 15.96 25.76 19.55
C GLU C 79 14.64 25.18 20.05
N VAL C 80 13.76 24.75 19.16
CA VAL C 80 12.54 24.08 19.59
C VAL C 80 12.79 22.61 19.91
N ALA C 81 13.95 22.08 19.53
CA ALA C 81 14.28 20.72 19.93
C ALA C 81 15.00 20.69 21.27
N ARG C 82 15.91 21.64 21.49
CA ARG C 82 16.67 21.68 22.72
C ARG C 82 15.79 22.11 23.89
N LYS C 83 14.77 22.94 23.62
CA LYS C 83 13.86 23.32 24.69
C LYS C 83 13.00 22.16 25.13
N THR C 84 12.75 21.20 24.25
CA THR C 84 11.97 20.01 24.59
C THR C 84 12.82 18.83 25.00
N LEU C 85 14.07 18.75 24.56
CA LEU C 85 14.94 17.68 25.02
C LEU C 85 15.29 17.84 26.48
N LYS C 86 15.34 19.08 26.98
CA LYS C 86 15.44 19.29 28.41
C LYS C 86 14.13 18.91 29.10
N ARG C 87 13.02 19.03 28.39
CA ARG C 87 11.71 18.76 28.96
C ARG C 87 11.28 17.32 28.81
N ALA C 88 11.94 16.54 27.96
CA ALA C 88 11.64 15.12 27.79
C ALA C 88 12.54 14.25 28.64
N ASP C 89 13.19 14.84 29.64
CA ASP C 89 14.10 14.18 30.58
C ASP C 89 15.27 13.51 29.84
N ALA C 90 15.86 14.24 28.89
CA ALA C 90 17.09 13.81 28.23
C ALA C 90 18.03 15.00 28.20
N ARG C 91 18.75 15.22 29.29
CA ARG C 91 19.68 16.34 29.37
C ARG C 91 21.07 15.99 28.89
N ASP C 92 21.30 14.72 28.55
CA ASP C 92 22.61 14.33 28.00
C ASP C 92 22.81 14.91 26.62
N VAL C 93 21.92 14.56 25.68
CA VAL C 93 22.09 14.96 24.30
C VAL C 93 21.82 16.44 24.10
N ALA C 94 20.94 17.03 24.92
CA ALA C 94 20.60 18.44 24.79
C ALA C 94 21.79 19.32 25.16
N ALA C 95 22.51 18.96 26.22
CA ALA C 95 23.75 19.67 26.52
C ALA C 95 24.84 19.32 25.52
N GLN C 96 24.78 18.11 24.97
CA GLN C 96 25.77 17.70 23.97
C GLN C 96 25.51 18.39 22.64
N LEU C 97 24.25 18.75 22.36
CA LEU C 97 23.95 19.53 21.17
C LEU C 97 24.42 20.97 21.31
N GLN C 98 24.46 21.49 22.53
CA GLN C 98 24.72 22.91 22.76
C GLN C 98 26.15 23.28 22.40
N GLU C 99 27.11 22.43 22.70
CA GLU C 99 28.48 22.72 22.29
C GLU C 99 28.67 22.47 20.80
N ARG C 100 27.81 21.66 20.18
CA ARG C 100 27.90 21.42 18.75
C ARG C 100 27.04 22.37 17.94
N ARG C 101 26.14 23.12 18.57
CA ARG C 101 25.51 24.21 17.85
C ARG C 101 26.49 25.37 17.66
N LEU C 102 27.50 25.47 18.53
CA LEU C 102 28.51 26.50 18.34
C LEU C 102 29.48 26.16 17.23
N GLN C 103 29.64 24.89 16.90
CA GLN C 103 30.51 24.47 15.79
C GLN C 103 29.71 24.32 14.50
N ARG C 104 28.97 25.36 14.14
CA ARG C 104 28.20 25.35 12.91
C ARG C 104 28.99 26.01 11.80
N ARG D 14 32.57 1.70 -19.83
CA ARG D 14 31.48 2.00 -20.75
C ARG D 14 30.28 2.56 -20.01
N LEU D 15 29.27 3.00 -20.77
CA LEU D 15 28.07 3.53 -20.15
C LEU D 15 27.22 2.43 -19.52
N ALA D 16 27.23 1.23 -20.11
CA ALA D 16 26.39 0.15 -19.59
C ALA D 16 26.94 -0.41 -18.30
N VAL D 17 28.25 -0.60 -18.21
CA VAL D 17 28.84 -1.07 -16.96
C VAL D 17 28.90 0.02 -15.90
N ALA D 18 28.69 1.28 -16.28
CA ALA D 18 28.63 2.33 -15.28
C ALA D 18 27.30 2.34 -14.55
N ARG D 19 26.24 1.89 -15.20
CA ARG D 19 24.96 1.77 -14.52
C ARG D 19 24.82 0.44 -13.81
N GLU D 20 25.51 -0.57 -14.32
CA GLU D 20 25.45 -1.89 -13.70
C GLU D 20 26.12 -1.87 -12.34
N LEU D 21 27.21 -1.10 -12.23
CA LEU D 21 27.99 -1.02 -11.01
C LEU D 21 27.24 -0.25 -9.94
N LEU D 22 26.39 0.69 -10.33
CA LEU D 22 25.66 1.53 -9.40
C LEU D 22 24.44 0.82 -8.84
N LEU D 23 23.66 0.19 -9.71
CA LEU D 23 22.42 -0.45 -9.27
C LEU D 23 22.70 -1.68 -8.41
N ALA D 24 23.81 -2.36 -8.64
CA ALA D 24 24.18 -3.47 -7.78
C ALA D 24 24.84 -3.00 -6.49
N ALA D 25 25.23 -1.73 -6.41
CA ALA D 25 25.73 -1.15 -5.17
C ALA D 25 24.72 -0.20 -4.55
N LEU D 26 23.49 -0.20 -5.04
CA LEU D 26 22.43 0.59 -4.45
C LEU D 26 21.37 -0.26 -3.77
N GLU D 27 21.03 -1.40 -4.35
CA GLU D 27 20.13 -2.34 -3.69
C GLU D 27 20.87 -3.30 -2.77
N GLU D 28 22.17 -3.11 -2.59
CA GLU D 28 22.87 -3.73 -1.48
C GLU D 28 22.57 -3.02 -0.17
N LEU D 29 22.02 -1.81 -0.24
CA LEU D 29 21.56 -1.11 0.95
C LEU D 29 20.36 -1.83 1.54
N SER D 30 20.23 -1.73 2.86
CA SER D 30 19.06 -2.28 3.52
C SER D 30 17.85 -1.37 3.30
N GLN D 31 16.71 -1.81 3.84
CA GLN D 31 15.52 -0.97 3.78
C GLN D 31 15.65 0.22 4.72
N GLU D 32 16.43 0.07 5.79
CA GLU D 32 16.61 1.18 6.72
C GLU D 32 17.57 2.21 6.17
N GLN D 33 18.68 1.74 5.56
CA GLN D 33 19.66 2.67 5.01
C GLN D 33 19.10 3.44 3.82
N LEU D 34 18.21 2.81 3.06
CA LEU D 34 17.59 3.49 1.93
C LEU D 34 16.64 4.59 2.37
N LYS D 35 16.08 4.51 3.58
CA LYS D 35 15.35 5.64 4.11
C LYS D 35 16.29 6.75 4.52
N ARG D 36 17.52 6.40 4.89
CA ARG D 36 18.53 7.38 5.27
C ARG D 36 19.31 7.88 4.07
N PHE D 37 19.46 7.05 3.04
CA PHE D 37 20.26 7.44 1.89
C PHE D 37 19.52 8.45 1.01
N ARG D 38 18.21 8.29 0.86
CA ARG D 38 17.44 9.28 0.11
C ARG D 38 17.37 10.59 0.87
N HIS D 39 17.37 10.52 2.19
CA HIS D 39 17.40 11.73 3.00
C HIS D 39 18.74 12.43 2.89
N LYS D 40 19.82 11.65 2.80
CA LYS D 40 21.17 12.21 2.73
C LYS D 40 21.63 12.39 1.30
N LEU D 41 20.79 12.99 0.46
CA LEU D 41 21.11 13.08 -0.95
C LEU D 41 20.91 14.50 -1.44
N ARG D 42 20.02 15.23 -0.77
CA ARG D 42 19.65 16.58 -1.17
C ARG D 42 20.53 17.64 -0.53
N ASP D 43 21.74 17.28 -0.13
CA ASP D 43 22.65 18.24 0.46
C ASP D 43 23.89 18.46 -0.37
N VAL D 44 24.20 17.56 -1.30
CA VAL D 44 25.35 17.73 -2.16
C VAL D 44 25.05 18.76 -3.23
N GLY D 45 26.10 19.20 -3.93
CA GLY D 45 25.95 20.13 -5.03
C GLY D 45 26.93 21.27 -4.92
N PRO D 46 27.21 21.93 -6.05
CA PRO D 46 28.06 23.13 -6.03
C PRO D 46 27.40 24.24 -5.25
N ASP D 47 26.19 24.62 -5.66
CA ASP D 47 25.38 25.59 -4.93
C ASP D 47 23.92 25.33 -5.30
N GLY D 48 23.22 24.56 -4.46
CA GLY D 48 21.80 24.33 -4.63
C GLY D 48 21.41 23.49 -5.82
N ARG D 49 22.34 22.72 -6.40
CA ARG D 49 22.00 21.88 -7.54
C ARG D 49 21.90 20.44 -7.05
N SER D 50 20.71 20.07 -6.59
CA SER D 50 20.45 18.72 -6.09
C SER D 50 19.13 18.25 -6.64
N ILE D 51 18.78 17.01 -6.32
CA ILE D 51 17.51 16.43 -6.77
C ILE D 51 16.42 16.81 -5.77
N PRO D 52 15.29 17.34 -6.22
CA PRO D 52 14.22 17.72 -5.29
C PRO D 52 13.50 16.50 -4.73
N TRP D 53 12.65 16.76 -3.74
CA TRP D 53 11.92 15.69 -3.06
C TRP D 53 10.90 15.00 -3.94
N GLY D 54 10.30 15.72 -4.89
CA GLY D 54 9.16 15.21 -5.63
C GLY D 54 9.45 13.99 -6.45
N ARG D 55 10.71 13.78 -6.81
CA ARG D 55 11.13 12.58 -7.50
C ARG D 55 12.09 11.74 -6.67
N LEU D 56 12.06 11.89 -5.35
CA LEU D 56 12.89 11.08 -4.47
C LEU D 56 12.14 10.38 -3.36
N GLU D 57 10.99 10.92 -2.92
CA GLU D 57 10.37 10.45 -1.69
C GLU D 57 9.80 9.05 -1.82
N ARG D 58 9.21 8.75 -2.96
CA ARG D 58 8.65 7.44 -3.25
C ARG D 58 9.43 6.73 -4.35
N ALA D 59 10.75 6.82 -4.29
CA ALA D 59 11.62 6.16 -5.25
C ALA D 59 12.05 4.81 -4.72
N ASP D 60 11.98 3.79 -5.58
CA ASP D 60 12.42 2.44 -5.23
C ASP D 60 13.94 2.36 -5.39
N ALA D 61 14.51 1.18 -5.19
CA ALA D 61 15.95 1.02 -5.31
C ALA D 61 16.41 1.07 -6.76
N VAL D 62 15.62 0.53 -7.68
CA VAL D 62 15.99 0.62 -9.09
C VAL D 62 15.69 2.01 -9.60
N ASP D 63 14.56 2.59 -9.18
CA ASP D 63 14.16 3.92 -9.60
C ASP D 63 15.14 4.98 -9.13
N LEU D 64 15.76 4.76 -7.97
CA LEU D 64 16.80 5.66 -7.50
C LEU D 64 18.05 5.56 -8.34
N ALA D 65 18.37 4.38 -8.86
CA ALA D 65 19.52 4.26 -9.74
C ALA D 65 19.22 4.75 -11.14
N GLU D 66 17.96 5.06 -11.45
CA GLU D 66 17.61 5.65 -12.73
C GLU D 66 17.86 7.15 -12.75
N GLN D 67 17.17 7.90 -11.89
CA GLN D 67 17.28 9.35 -11.95
C GLN D 67 18.58 9.87 -11.35
N LEU D 68 19.27 9.08 -10.55
CA LEU D 68 20.63 9.46 -10.17
C LEU D 68 21.56 9.34 -11.35
N ALA D 69 21.28 8.44 -12.28
CA ALA D 69 22.06 8.37 -13.50
C ALA D 69 21.68 9.44 -14.50
N GLN D 70 20.51 10.04 -14.37
CA GLN D 70 20.08 11.07 -15.31
C GLN D 70 20.35 12.48 -14.86
N PHE D 71 20.27 12.75 -13.56
CA PHE D 71 20.49 14.12 -13.10
C PHE D 71 21.97 14.49 -13.16
N TYR D 72 22.84 13.54 -12.85
CA TYR D 72 24.27 13.80 -12.84
C TYR D 72 24.98 13.28 -14.08
N GLY D 73 24.39 12.34 -14.80
CA GLY D 73 25.09 11.62 -15.82
C GLY D 73 25.70 10.38 -15.20
N PRO D 74 25.72 9.27 -15.94
CA PRO D 74 26.12 7.99 -15.34
C PRO D 74 27.60 7.90 -15.02
N GLU D 75 28.43 8.74 -15.62
CA GLU D 75 29.86 8.67 -15.35
C GLU D 75 30.23 9.35 -14.03
N PRO D 76 29.73 10.54 -13.66
CA PRO D 76 29.97 11.00 -12.29
C PRO D 76 28.86 10.67 -11.30
N ALA D 77 27.90 9.81 -11.65
CA ALA D 77 26.91 9.39 -10.67
C ALA D 77 27.51 8.50 -9.59
N LEU D 78 28.60 7.80 -9.90
CA LEU D 78 29.26 6.99 -8.89
C LEU D 78 29.92 7.86 -7.84
N GLU D 79 30.49 9.00 -8.24
CA GLU D 79 31.20 9.84 -7.29
C GLU D 79 30.24 10.58 -6.38
N VAL D 80 29.04 10.93 -6.87
CA VAL D 80 28.04 11.53 -6.01
C VAL D 80 27.30 10.48 -5.19
N ALA D 81 27.44 9.21 -5.53
CA ALA D 81 26.86 8.17 -4.70
C ALA D 81 27.82 7.73 -3.60
N ARG D 82 29.11 7.61 -3.93
CA ARG D 82 30.09 7.17 -2.95
C ARG D 82 30.35 8.25 -1.91
N LYS D 83 30.22 9.52 -2.30
CA LYS D 83 30.39 10.59 -1.33
C LYS D 83 29.25 10.61 -0.33
N THR D 84 28.08 10.13 -0.72
CA THR D 84 26.94 10.08 0.18
C THR D 84 26.78 8.74 0.88
N LEU D 85 27.28 7.65 0.29
CA LEU D 85 27.23 6.36 0.98
C LEU D 85 28.16 6.36 2.18
N LYS D 86 29.25 7.11 2.13
CA LYS D 86 30.05 7.32 3.34
C LYS D 86 29.30 8.19 4.33
N ARG D 87 28.44 9.07 3.84
CA ARG D 87 27.72 10.01 4.68
C ARG D 87 26.38 9.47 5.18
N ALA D 88 25.88 8.38 4.60
CA ALA D 88 24.66 7.74 5.05
C ALA D 88 24.92 6.60 6.01
N ASP D 89 26.13 6.55 6.57
CA ASP D 89 26.59 5.52 7.52
C ASP D 89 26.52 4.13 6.91
N ALA D 90 26.97 4.00 5.66
CA ALA D 90 27.13 2.68 5.02
C ALA D 90 28.50 2.65 4.37
N ARG D 91 29.53 2.34 5.15
CA ARG D 91 30.88 2.29 4.62
C ARG D 91 31.26 0.93 4.08
N ASP D 92 30.37 -0.06 4.22
CA ASP D 92 30.64 -1.38 3.66
C ASP D 92 30.59 -1.34 2.15
N VAL D 93 29.44 -0.95 1.59
CA VAL D 93 29.24 -1.00 0.15
C VAL D 93 30.04 0.09 -0.56
N ALA D 94 30.27 1.22 0.11
CA ALA D 94 31.01 2.33 -0.49
C ALA D 94 32.47 1.96 -0.72
N ALA D 95 33.08 1.29 0.25
CA ALA D 95 34.42 0.77 0.03
C ALA D 95 34.41 -0.41 -0.91
N GLN D 96 33.30 -1.16 -0.94
CA GLN D 96 33.18 -2.28 -1.85
C GLN D 96 32.97 -1.80 -3.28
N LEU D 97 32.36 -0.64 -3.45
CA LEU D 97 32.23 -0.05 -4.78
C LEU D 97 33.57 0.46 -5.30
N GLN D 98 34.46 0.88 -4.39
CA GLN D 98 35.69 1.55 -4.79
C GLN D 98 36.65 0.61 -5.51
N GLU D 99 36.74 -0.64 -5.06
CA GLU D 99 37.57 -1.58 -5.79
C GLU D 99 36.91 -2.06 -7.07
N ARG D 100 35.59 -1.93 -7.17
CA ARG D 100 34.88 -2.30 -8.38
C ARG D 100 34.69 -1.14 -9.34
N ARG D 101 34.95 0.10 -8.91
CA ARG D 101 35.05 1.18 -9.87
C ARG D 101 36.34 1.07 -10.66
N LEU D 102 37.36 0.44 -10.09
CA LEU D 102 38.60 0.24 -10.84
C LEU D 102 38.47 -0.86 -11.88
N GLN D 103 37.55 -1.79 -11.71
CA GLN D 103 37.32 -2.84 -12.70
C GLN D 103 36.21 -2.44 -13.67
N ARG D 104 36.35 -1.27 -14.28
CA ARG D 104 35.38 -0.80 -15.26
C ARG D 104 35.86 -1.15 -16.65
N ARG E 14 8.03 -22.23 -36.40
CA ARG E 14 7.23 -21.30 -37.17
C ARG E 14 7.22 -19.92 -36.52
N LEU E 15 6.62 -18.94 -37.20
CA LEU E 15 6.53 -17.61 -36.64
C LEU E 15 5.53 -17.54 -35.50
N ALA E 16 4.45 -18.33 -35.56
CA ALA E 16 3.42 -18.26 -34.55
C ALA E 16 3.89 -18.86 -33.23
N VAL E 17 4.58 -20.01 -33.30
CA VAL E 17 5.10 -20.62 -32.08
C VAL E 17 6.33 -19.89 -31.56
N ALA E 18 6.92 -19.00 -32.37
CA ALA E 18 8.04 -18.21 -31.88
C ALA E 18 7.56 -17.08 -30.98
N ARG E 19 6.35 -16.58 -31.21
CA ARG E 19 5.79 -15.56 -30.34
C ARG E 19 5.07 -16.17 -29.16
N GLU E 20 4.57 -17.38 -29.33
CA GLU E 20 3.88 -18.07 -28.25
C GLU E 20 4.84 -18.42 -27.14
N LEU E 21 6.05 -18.81 -27.53
CA LEU E 21 7.08 -19.23 -26.57
C LEU E 21 7.62 -18.05 -25.78
N LEU E 22 7.60 -16.87 -26.37
CA LEU E 22 8.15 -15.67 -25.74
C LEU E 22 7.16 -15.07 -24.74
N LEU E 23 5.90 -14.94 -25.15
CA LEU E 23 4.90 -14.30 -24.30
C LEU E 23 4.58 -15.15 -23.09
N ALA E 24 4.65 -16.47 -23.21
CA ALA E 24 4.46 -17.33 -22.05
C ALA E 24 5.70 -17.41 -21.18
N ALA E 25 6.85 -16.95 -21.67
CA ALA E 25 8.05 -16.86 -20.86
C ALA E 25 8.38 -15.42 -20.51
N LEU E 26 7.46 -14.50 -20.75
CA LEU E 26 7.61 -13.11 -20.35
C LEU E 26 6.68 -12.72 -19.23
N GLU E 27 5.44 -13.20 -19.23
CA GLU E 27 4.54 -12.98 -18.12
C GLU E 27 4.68 -14.03 -17.04
N GLU E 28 5.66 -14.94 -17.17
CA GLU E 28 6.09 -15.74 -16.04
C GLU E 28 6.95 -14.91 -15.08
N LEU E 29 7.43 -13.76 -15.53
CA LEU E 29 8.14 -12.84 -14.65
C LEU E 29 7.18 -12.25 -13.63
N SER E 30 7.70 -11.94 -12.45
CA SER E 30 6.90 -11.27 -11.45
C SER E 30 6.73 -9.79 -11.79
N GLN E 31 5.98 -9.10 -10.95
CA GLN E 31 5.85 -7.66 -11.13
C GLN E 31 7.13 -6.93 -10.77
N GLU E 32 7.93 -7.52 -9.87
CA GLU E 32 9.18 -6.88 -9.49
C GLU E 32 10.25 -7.09 -10.56
N GLN E 33 10.33 -8.31 -11.12
CA GLN E 33 11.32 -8.60 -12.14
C GLN E 33 11.03 -7.83 -13.42
N LEU E 34 9.76 -7.59 -13.72
CA LEU E 34 9.40 -6.81 -14.89
C LEU E 34 9.79 -5.36 -14.77
N LYS E 35 9.90 -4.83 -13.56
CA LYS E 35 10.47 -3.51 -13.40
C LYS E 35 11.98 -3.54 -13.62
N ARG E 36 12.60 -4.68 -13.36
CA ARG E 36 14.03 -4.84 -13.57
C ARG E 36 14.36 -5.31 -14.97
N PHE E 37 13.45 -6.03 -15.61
CA PHE E 37 13.72 -6.55 -16.94
C PHE E 37 13.62 -5.47 -18.01
N ARG E 38 12.67 -4.54 -17.86
CA ARG E 38 12.59 -3.43 -18.79
C ARG E 38 13.77 -2.49 -18.62
N HIS E 39 14.27 -2.39 -17.39
CA HIS E 39 15.45 -1.59 -17.13
C HIS E 39 16.69 -2.24 -17.73
N LYS E 40 16.76 -3.57 -17.70
CA LYS E 40 17.91 -4.32 -18.20
C LYS E 40 17.72 -4.73 -19.65
N LEU E 41 17.29 -3.80 -20.49
CA LEU E 41 16.97 -4.16 -21.86
C LEU E 41 17.63 -3.20 -22.82
N ARG E 42 17.90 -1.99 -22.35
CA ARG E 42 18.45 -0.93 -23.18
C ARG E 42 19.97 -0.90 -23.18
N ASP E 43 20.60 -2.03 -22.87
CA ASP E 43 22.05 -2.11 -22.86
C ASP E 43 22.59 -3.06 -23.91
N VAL E 44 21.76 -3.95 -24.45
CA VAL E 44 22.21 -4.85 -25.49
C VAL E 44 22.30 -4.12 -26.82
N GLY E 45 22.93 -4.76 -27.79
CA GLY E 45 23.04 -4.22 -29.12
C GLY E 45 24.47 -4.28 -29.64
N PRO E 46 24.62 -4.24 -30.97
CA PRO E 46 25.96 -4.20 -31.56
C PRO E 46 26.67 -2.91 -31.19
N ASP E 47 26.05 -1.77 -31.50
CA ASP E 47 26.55 -0.46 -31.08
C ASP E 47 25.36 0.50 -31.07
N GLY E 48 24.77 0.68 -29.90
CA GLY E 48 23.69 1.64 -29.72
C GLY E 48 22.38 1.30 -30.41
N ARG E 49 22.16 0.05 -30.78
CA ARG E 49 20.90 -0.34 -31.42
C ARG E 49 20.04 -1.05 -30.40
N SER E 50 19.27 -0.29 -29.63
CA SER E 50 18.40 -0.83 -28.60
C SER E 50 17.06 -0.13 -28.70
N ILE E 51 16.12 -0.57 -27.86
CA ILE E 51 14.80 0.03 -27.83
C ILE E 51 14.81 1.23 -26.90
N PRO E 52 14.34 2.39 -27.32
CA PRO E 52 14.35 3.57 -26.45
C PRO E 52 13.31 3.48 -25.34
N TRP E 53 13.40 4.42 -24.40
CA TRP E 53 12.50 4.42 -23.25
C TRP E 53 11.07 4.72 -23.61
N GLY E 54 10.82 5.52 -24.65
CA GLY E 54 9.49 6.03 -24.91
C GLY E 54 8.47 4.97 -25.23
N ARG E 55 8.92 3.80 -25.69
CA ARG E 55 8.05 2.67 -25.92
C ARG E 55 8.37 1.50 -24.99
N LEU E 56 9.00 1.77 -23.85
CA LEU E 56 9.29 0.73 -22.88
C LEU E 56 8.81 1.02 -21.47
N GLU E 57 8.70 2.30 -21.09
CA GLU E 57 8.50 2.66 -19.69
C GLU E 57 7.14 2.25 -19.17
N ARG E 58 6.11 2.41 -19.98
CA ARG E 58 4.75 2.02 -19.64
C ARG E 58 4.27 0.86 -20.49
N ALA E 59 5.13 -0.12 -20.68
CA ALA E 59 4.79 -1.31 -21.44
C ALA E 59 4.32 -2.42 -20.50
N ASP E 60 3.22 -3.07 -20.87
CA ASP E 60 2.68 -4.18 -20.10
C ASP E 60 3.46 -5.45 -20.47
N ALA E 61 3.07 -6.59 -19.92
CA ALA E 61 3.75 -7.84 -20.21
C ALA E 61 3.46 -8.33 -21.62
N VAL E 62 2.23 -8.14 -22.10
CA VAL E 62 1.93 -8.54 -23.47
C VAL E 62 2.52 -7.53 -24.44
N ASP E 63 2.42 -6.25 -24.09
CA ASP E 63 2.95 -5.17 -24.93
C ASP E 63 4.46 -5.25 -25.07
N LEU E 64 5.14 -5.75 -24.04
CA LEU E 64 6.57 -5.97 -24.15
C LEU E 64 6.90 -7.11 -25.08
N ALA E 65 6.06 -8.14 -25.14
CA ALA E 65 6.28 -9.21 -26.08
C ALA E 65 5.88 -8.84 -27.50
N GLU E 66 5.21 -7.70 -27.69
CA GLU E 66 4.89 -7.21 -29.02
C GLU E 66 6.08 -6.51 -29.66
N GLN E 67 6.54 -5.42 -29.06
CA GLN E 67 7.60 -4.64 -29.70
C GLN E 67 8.97 -5.28 -29.58
N LEU E 68 9.15 -6.22 -28.66
CA LEU E 68 10.37 -7.01 -28.70
C LEU E 68 10.37 -7.95 -29.88
N ALA E 69 9.19 -8.38 -30.32
CA ALA E 69 9.10 -9.20 -31.52
C ALA E 69 9.21 -8.35 -32.78
N GLN E 70 8.99 -7.05 -32.71
CA GLN E 70 9.05 -6.20 -33.89
C GLN E 70 10.39 -5.52 -34.08
N PHE E 71 11.06 -5.13 -32.99
CA PHE E 71 12.34 -4.44 -33.15
C PHE E 71 13.43 -5.39 -33.60
N TYR E 72 13.41 -6.62 -33.10
CA TYR E 72 14.44 -7.58 -33.43
C TYR E 72 13.99 -8.60 -34.47
N GLY E 73 12.69 -8.77 -34.65
CA GLY E 73 12.19 -9.90 -35.41
C GLY E 73 11.94 -11.05 -34.46
N PRO E 74 10.86 -11.81 -34.70
CA PRO E 74 10.47 -12.83 -33.71
C PRO E 74 11.41 -14.02 -33.65
N GLU E 75 12.23 -14.23 -34.65
CA GLU E 75 13.13 -15.38 -34.62
C GLU E 75 14.37 -15.12 -33.76
N PRO E 76 15.06 -13.96 -33.80
CA PRO E 76 16.08 -13.72 -32.77
C PRO E 76 15.60 -12.92 -31.57
N ALA E 77 14.30 -12.73 -31.39
CA ALA E 77 13.82 -12.08 -30.17
C ALA E 77 14.01 -12.97 -28.95
N LEU E 78 14.03 -14.28 -29.14
CA LEU E 78 14.27 -15.18 -28.02
C LEU E 78 15.71 -15.06 -27.51
N GLU E 79 16.65 -14.87 -28.42
CA GLU E 79 18.05 -14.81 -28.01
C GLU E 79 18.38 -13.50 -27.32
N VAL E 80 17.71 -12.41 -27.71
CA VAL E 80 17.90 -11.15 -26.99
C VAL E 80 17.07 -11.10 -25.72
N ALA E 81 16.13 -12.03 -25.54
CA ALA E 81 15.40 -12.09 -24.29
C ALA E 81 16.11 -12.99 -23.28
N ARG E 82 16.65 -14.12 -23.75
CA ARG E 82 17.32 -15.05 -22.86
C ARG E 82 18.65 -14.48 -22.39
N LYS E 83 19.31 -13.66 -23.21
CA LYS E 83 20.55 -13.04 -22.79
C LYS E 83 20.31 -12.00 -21.70
N THR E 84 19.12 -11.41 -21.66
CA THR E 84 18.78 -10.44 -20.63
C THR E 84 18.04 -11.05 -19.45
N LEU E 85 17.33 -12.16 -19.64
CA LEU E 85 16.70 -12.82 -18.51
C LEU E 85 17.73 -13.42 -17.57
N LYS E 86 18.87 -13.84 -18.10
CA LYS E 86 19.98 -14.20 -17.22
C LYS E 86 20.56 -12.98 -16.54
N ARG E 87 20.45 -11.81 -17.18
CA ARG E 87 21.03 -10.59 -16.67
C ARG E 87 20.08 -9.81 -15.78
N ALA E 88 18.79 -10.14 -15.79
CA ALA E 88 17.81 -9.49 -14.93
C ALA E 88 17.56 -10.29 -13.66
N ASP E 89 18.47 -11.21 -13.34
CA ASP E 89 18.42 -12.07 -12.16
C ASP E 89 17.15 -12.92 -12.14
N ALA E 90 16.81 -13.51 -13.29
CA ALA E 90 15.74 -14.49 -13.39
C ALA E 90 16.25 -15.67 -14.20
N ARG E 91 16.96 -16.58 -13.55
CA ARG E 91 17.51 -17.74 -14.23
C ARG E 91 16.56 -18.92 -14.24
N ASP E 92 15.41 -18.80 -13.58
CA ASP E 92 14.42 -19.87 -13.61
C ASP E 92 13.80 -19.98 -14.99
N VAL E 93 13.16 -18.90 -15.46
CA VAL E 93 12.41 -18.93 -16.70
C VAL E 93 13.35 -18.99 -17.91
N ALA E 94 14.56 -18.41 -17.79
CA ALA E 94 15.51 -18.40 -18.90
C ALA E 94 16.02 -19.81 -19.19
N ALA E 95 16.31 -20.58 -18.15
CA ALA E 95 16.65 -21.98 -18.37
C ALA E 95 15.43 -22.78 -18.77
N GLN E 96 14.25 -22.36 -18.31
CA GLN E 96 13.02 -23.06 -18.67
C GLN E 96 12.64 -22.76 -20.11
N LEU E 97 13.03 -21.60 -20.63
CA LEU E 97 12.81 -21.29 -22.04
C LEU E 97 13.75 -22.11 -22.93
N GLN E 98 14.93 -22.46 -22.42
CA GLN E 98 15.96 -23.07 -23.25
C GLN E 98 15.57 -24.46 -23.70
N GLU E 99 14.94 -25.24 -22.81
CA GLU E 99 14.48 -26.56 -23.25
C GLU E 99 13.23 -26.45 -24.10
N ARG E 100 12.51 -25.34 -24.02
CA ARG E 100 11.32 -25.15 -24.85
C ARG E 100 11.63 -24.42 -26.15
N ARG E 101 12.82 -23.83 -26.28
CA ARG E 101 13.23 -23.36 -27.60
C ARG E 101 13.60 -24.53 -28.49
N LEU E 102 13.99 -25.66 -27.89
CA LEU E 102 14.28 -26.85 -28.69
C LEU E 102 13.01 -27.52 -29.19
N GLN E 103 11.89 -27.33 -28.51
CA GLN E 103 10.61 -27.90 -28.97
C GLN E 103 9.83 -26.90 -29.81
N ARG E 104 10.49 -26.37 -30.84
CA ARG E 104 9.84 -25.43 -31.75
C ARG E 104 9.30 -26.18 -32.95
N ARG F 14 -29.80 -18.91 -37.95
CA ARG F 14 -29.92 -17.79 -38.88
C ARG F 14 -28.70 -16.89 -38.82
N LEU F 15 -28.64 -15.91 -39.71
CA LEU F 15 -27.54 -14.97 -39.72
C LEU F 15 -27.61 -14.01 -38.54
N ALA F 16 -28.81 -13.64 -38.12
CA ALA F 16 -28.94 -12.66 -37.04
C ALA F 16 -28.58 -13.25 -35.70
N VAL F 17 -29.00 -14.49 -35.43
CA VAL F 17 -28.62 -15.14 -34.18
C VAL F 17 -27.18 -15.61 -34.20
N ALA F 18 -26.54 -15.64 -35.37
CA ALA F 18 -25.13 -16.00 -35.41
C ALA F 18 -24.25 -14.84 -34.97
N ARG F 19 -24.71 -13.61 -35.17
CA ARG F 19 -23.96 -12.46 -34.68
C ARG F 19 -24.32 -12.12 -33.26
N GLU F 20 -25.54 -12.48 -32.85
CA GLU F 20 -25.99 -12.21 -31.49
C GLU F 20 -25.22 -13.07 -30.50
N LEU F 21 -24.94 -14.31 -30.91
CA LEU F 21 -24.24 -15.27 -30.06
C LEU F 21 -22.79 -14.90 -29.89
N LEU F 22 -22.20 -14.24 -30.88
CA LEU F 22 -20.79 -13.89 -30.85
C LEU F 22 -20.53 -12.63 -30.02
N LEU F 23 -21.34 -11.60 -30.24
CA LEU F 23 -21.13 -10.33 -29.55
C LEU F 23 -21.43 -10.44 -28.07
N ALA F 24 -22.35 -11.31 -27.68
CA ALA F 24 -22.60 -11.55 -26.26
C ALA F 24 -21.58 -12.49 -25.64
N ALA F 25 -20.79 -13.18 -26.46
CA ALA F 25 -19.68 -13.98 -25.96
C ALA F 25 -18.34 -13.35 -26.26
N LEU F 26 -18.33 -12.09 -26.68
CA LEU F 26 -17.10 -11.34 -26.88
C LEU F 26 -16.92 -10.23 -25.86
N GLU F 27 -17.98 -9.55 -25.47
CA GLU F 27 -17.90 -8.57 -24.40
C GLU F 27 -18.12 -9.19 -23.04
N GLU F 28 -18.23 -10.52 -22.97
CA GLU F 28 -18.07 -11.23 -21.70
C GLU F 28 -16.60 -11.30 -21.30
N LEU F 29 -15.69 -11.04 -22.23
CA LEU F 29 -14.28 -10.96 -21.91
C LEU F 29 -14.01 -9.73 -21.06
N SER F 30 -13.01 -9.84 -20.20
CA SER F 30 -12.60 -8.69 -19.41
C SER F 30 -11.81 -7.71 -20.26
N GLN F 31 -11.41 -6.60 -19.65
CA GLN F 31 -10.56 -5.65 -20.34
C GLN F 31 -9.15 -6.20 -20.51
N GLU F 32 -8.72 -7.07 -19.61
CA GLU F 32 -7.39 -7.65 -19.73
C GLU F 32 -7.35 -8.75 -20.78
N GLN F 33 -8.38 -9.58 -20.83
CA GLN F 33 -8.41 -10.66 -21.82
C GLN F 33 -8.57 -10.12 -23.23
N LEU F 34 -9.27 -9.00 -23.38
CA LEU F 34 -9.43 -8.38 -24.69
C LEU F 34 -8.12 -7.80 -25.21
N LYS F 35 -7.19 -7.44 -24.32
CA LYS F 35 -5.87 -7.09 -24.80
C LYS F 35 -5.10 -8.32 -25.23
N ARG F 36 -5.41 -9.47 -24.65
CA ARG F 36 -4.78 -10.72 -25.02
C ARG F 36 -5.49 -11.41 -26.17
N PHE F 37 -6.79 -11.20 -26.31
CA PHE F 37 -7.54 -11.87 -27.36
C PHE F 37 -7.28 -11.27 -28.73
N ARG F 38 -7.12 -9.95 -28.80
CA ARG F 38 -6.76 -9.31 -30.06
C ARG F 38 -5.35 -9.68 -30.46
N HIS F 39 -4.48 -9.88 -29.48
CA HIS F 39 -3.13 -10.31 -29.75
C HIS F 39 -3.10 -11.75 -30.25
N LYS F 40 -3.99 -12.58 -29.71
CA LYS F 40 -4.03 -13.99 -30.07
C LYS F 40 -5.03 -14.25 -31.19
N LEU F 41 -4.97 -13.47 -32.24
CA LEU F 41 -5.97 -13.57 -33.29
C LEU F 41 -5.31 -13.63 -34.65
N ARG F 42 -4.10 -13.06 -34.74
CA ARG F 42 -3.38 -12.95 -36.00
C ARG F 42 -2.47 -14.14 -36.25
N ASP F 43 -2.77 -15.28 -35.65
CA ASP F 43 -1.98 -16.48 -35.84
C ASP F 43 -2.74 -17.59 -36.51
N VAL F 44 -4.07 -17.53 -36.52
CA VAL F 44 -4.87 -18.54 -37.19
C VAL F 44 -4.84 -18.31 -38.69
N GLY F 45 -5.33 -19.32 -39.43
CA GLY F 45 -5.41 -19.22 -40.86
C GLY F 45 -4.85 -20.45 -41.54
N PRO F 46 -5.27 -20.69 -42.79
CA PRO F 46 -4.69 -21.80 -43.57
C PRO F 46 -3.22 -21.54 -43.85
N ASP F 47 -2.91 -20.40 -44.46
CA ASP F 47 -1.54 -19.97 -44.68
C ASP F 47 -1.56 -18.45 -44.85
N GLY F 48 -1.30 -17.74 -43.76
CA GLY F 48 -1.18 -16.30 -43.79
C GLY F 48 -2.46 -15.54 -44.06
N ARG F 49 -3.62 -16.15 -43.88
CA ARG F 49 -4.88 -15.45 -44.10
C ARG F 49 -5.48 -15.09 -42.75
N SER F 50 -5.08 -13.93 -42.23
CA SER F 50 -5.56 -13.45 -40.93
C SER F 50 -5.89 -11.97 -41.06
N ILE F 51 -6.40 -11.41 -39.98
CA ILE F 51 -6.75 -9.99 -39.96
C ILE F 51 -5.51 -9.19 -39.58
N PRO F 52 -5.15 -8.16 -40.35
CA PRO F 52 -3.96 -7.37 -40.01
C PRO F 52 -4.19 -6.48 -38.80
N TRP F 53 -3.09 -5.88 -38.33
CA TRP F 53 -3.13 -5.04 -37.15
C TRP F 53 -3.92 -3.76 -37.34
N GLY F 54 -3.93 -3.20 -38.55
CA GLY F 54 -4.46 -1.86 -38.77
C GLY F 54 -5.93 -1.73 -38.47
N ARG F 55 -6.67 -2.83 -38.51
CA ARG F 55 -8.07 -2.85 -38.13
C ARG F 55 -8.32 -3.69 -36.89
N LEU F 56 -7.30 -3.92 -36.07
CA LEU F 56 -7.47 -4.66 -34.83
C LEU F 56 -6.95 -3.95 -33.59
N GLU F 57 -5.98 -3.04 -33.72
CA GLU F 57 -5.26 -2.52 -32.57
C GLU F 57 -6.14 -1.63 -31.70
N ARG F 58 -6.96 -0.81 -32.33
CA ARG F 58 -7.89 0.08 -31.64
C ARG F 58 -9.33 -0.34 -31.88
N ALA F 59 -9.60 -1.63 -31.81
CA ALA F 59 -10.94 -2.15 -31.99
C ALA F 59 -11.61 -2.34 -30.63
N ASP F 60 -12.85 -1.90 -30.52
CA ASP F 60 -13.63 -2.06 -29.30
C ASP F 60 -14.22 -3.47 -29.27
N ALA F 61 -15.02 -3.77 -28.27
CA ALA F 61 -15.61 -5.10 -28.16
C ALA F 61 -16.71 -5.32 -29.19
N VAL F 62 -17.49 -4.29 -29.49
CA VAL F 62 -18.50 -4.44 -30.53
C VAL F 62 -17.85 -4.41 -31.91
N ASP F 63 -16.85 -3.52 -32.07
CA ASP F 63 -16.14 -3.38 -33.34
C ASP F 63 -15.37 -4.65 -33.69
N LEU F 64 -14.90 -5.37 -32.67
CA LEU F 64 -14.26 -6.65 -32.93
C LEU F 64 -15.25 -7.70 -33.38
N ALA F 65 -16.48 -7.65 -32.90
CA ALA F 65 -17.49 -8.58 -33.37
C ALA F 65 -18.05 -8.19 -34.73
N GLU F 66 -17.71 -7.01 -35.22
CA GLU F 66 -18.11 -6.61 -36.58
C GLU F 66 -17.18 -7.20 -37.62
N GLN F 67 -15.89 -6.84 -37.58
CA GLN F 67 -14.99 -7.29 -38.64
C GLN F 67 -14.59 -8.74 -38.51
N LEU F 68 -14.77 -9.35 -37.35
CA LEU F 68 -14.61 -10.79 -37.28
C LEU F 68 -15.77 -11.48 -37.98
N ALA F 69 -16.94 -10.85 -38.02
CA ALA F 69 -18.05 -11.40 -38.78
C ALA F 69 -17.92 -11.12 -40.27
N GLN F 70 -17.09 -10.15 -40.66
CA GLN F 70 -16.94 -9.83 -42.07
C GLN F 70 -15.76 -10.51 -42.73
N PHE F 71 -14.66 -10.70 -42.02
CA PHE F 71 -13.50 -11.30 -42.64
C PHE F 71 -13.70 -12.79 -42.85
N TYR F 72 -14.36 -13.46 -41.93
CA TYR F 72 -14.57 -14.89 -42.03
C TYR F 72 -15.97 -15.26 -42.49
N GLY F 73 -16.93 -14.35 -42.36
CA GLY F 73 -18.32 -14.71 -42.54
C GLY F 73 -18.88 -15.09 -41.19
N PRO F 74 -20.14 -14.72 -40.93
CA PRO F 74 -20.69 -14.92 -39.58
C PRO F 74 -20.95 -16.36 -39.22
N GLU F 75 -21.02 -17.25 -40.18
CA GLU F 75 -21.28 -18.64 -39.85
C GLU F 75 -20.02 -19.38 -39.38
N PRO F 76 -18.83 -19.24 -39.98
CA PRO F 76 -17.65 -19.79 -39.32
C PRO F 76 -16.87 -18.80 -38.46
N ALA F 77 -17.42 -17.63 -38.15
CA ALA F 77 -16.75 -16.73 -37.22
C ALA F 77 -16.77 -17.27 -35.80
N LEU F 78 -17.75 -18.09 -35.46
CA LEU F 78 -17.79 -18.71 -34.14
C LEU F 78 -16.66 -19.71 -33.97
N GLU F 79 -16.34 -20.45 -35.03
CA GLU F 79 -15.31 -21.48 -34.91
C GLU F 79 -13.92 -20.88 -34.85
N VAL F 80 -13.70 -19.75 -35.51
CA VAL F 80 -12.42 -19.05 -35.38
C VAL F 80 -12.35 -18.22 -34.11
N ALA F 81 -13.48 -18.01 -33.43
CA ALA F 81 -13.43 -17.34 -32.14
C ALA F 81 -13.24 -18.33 -31.01
N ARG F 82 -13.91 -19.48 -31.08
CA ARG F 82 -13.79 -20.47 -30.02
C ARG F 82 -12.43 -21.15 -30.04
N LYS F 83 -11.81 -21.26 -31.21
CA LYS F 83 -10.47 -21.83 -31.28
C LYS F 83 -9.45 -20.90 -30.65
N THR F 84 -9.71 -19.59 -30.65
CA THR F 84 -8.81 -18.63 -30.03
C THR F 84 -9.18 -18.28 -28.61
N LEU F 85 -10.46 -18.39 -28.23
CA LEU F 85 -10.83 -18.16 -26.85
C LEU F 85 -10.26 -19.23 -25.93
N LYS F 86 -10.10 -20.46 -26.44
CA LYS F 86 -9.35 -21.46 -25.69
C LYS F 86 -7.87 -21.10 -25.65
N ARG F 87 -7.38 -20.39 -26.66
CA ARG F 87 -5.98 -20.07 -26.77
C ARG F 87 -5.62 -18.75 -26.11
N ALA F 88 -6.61 -17.91 -25.77
CA ALA F 88 -6.39 -16.66 -25.08
C ALA F 88 -6.57 -16.80 -23.59
N ASP F 89 -6.54 -18.03 -23.08
CA ASP F 89 -6.70 -18.38 -21.66
C ASP F 89 -8.03 -17.89 -21.11
N ALA F 90 -9.11 -18.10 -21.87
CA ALA F 90 -10.47 -17.84 -21.39
C ALA F 90 -11.33 -19.04 -21.76
N ARG F 91 -11.28 -20.08 -20.93
CA ARG F 91 -12.05 -21.29 -21.20
C ARG F 91 -13.44 -21.23 -20.58
N ASP F 92 -13.76 -20.17 -19.84
CA ASP F 92 -15.10 -20.03 -19.29
C ASP F 92 -16.11 -19.76 -20.38
N VAL F 93 -15.92 -18.66 -21.12
CA VAL F 93 -16.88 -18.23 -22.11
C VAL F 93 -16.86 -19.14 -23.34
N ALA F 94 -15.71 -19.73 -23.66
CA ALA F 94 -15.59 -20.61 -24.82
C ALA F 94 -16.39 -21.88 -24.64
N ALA F 95 -16.34 -22.47 -23.44
CA ALA F 95 -17.21 -23.60 -23.15
C ALA F 95 -18.66 -23.15 -22.99
N GLN F 96 -18.86 -21.91 -22.55
CA GLN F 96 -20.21 -21.39 -22.40
C GLN F 96 -20.82 -21.07 -23.75
N LEU F 97 -19.99 -20.75 -24.75
CA LEU F 97 -20.48 -20.54 -26.10
C LEU F 97 -20.86 -21.87 -26.75
N GLN F 98 -20.21 -22.96 -26.35
CA GLN F 98 -20.37 -24.23 -27.04
C GLN F 98 -21.76 -24.82 -26.83
N GLU F 99 -22.32 -24.69 -25.62
CA GLU F 99 -23.68 -25.15 -25.43
C GLU F 99 -24.69 -24.19 -26.04
N ARG F 100 -24.31 -22.94 -26.27
CA ARG F 100 -25.20 -21.98 -26.91
C ARG F 100 -25.04 -21.93 -28.42
N ARG F 101 -23.98 -22.54 -28.96
CA ARG F 101 -23.96 -22.73 -30.41
C ARG F 101 -24.93 -23.82 -30.82
N LEU F 102 -25.24 -24.75 -29.91
CA LEU F 102 -26.23 -25.77 -30.22
C LEU F 102 -27.65 -25.22 -30.19
N GLN F 103 -27.89 -24.14 -29.48
CA GLN F 103 -29.22 -23.51 -29.45
C GLN F 103 -29.32 -22.39 -30.47
N ARG F 104 -28.99 -22.70 -31.72
CA ARG F 104 -29.08 -21.74 -32.79
C ARG F 104 -30.41 -21.89 -33.51
N ARG G 14 -50.40 12.89 -34.08
CA ARG G 14 -50.08 13.56 -35.33
C ARG G 14 -48.71 13.13 -35.83
N LEU G 15 -48.36 13.58 -37.05
CA LEU G 15 -47.06 13.25 -37.61
C LEU G 15 -45.94 14.02 -36.91
N ALA G 16 -46.21 15.24 -36.46
CA ALA G 16 -45.16 16.04 -35.85
C ALA G 16 -44.80 15.53 -34.46
N VAL G 17 -45.80 15.16 -33.66
CA VAL G 17 -45.52 14.61 -32.34
C VAL G 17 -45.02 13.17 -32.43
N ALA G 18 -45.16 12.52 -33.58
CA ALA G 18 -44.60 11.19 -33.73
C ALA G 18 -43.10 11.23 -33.93
N ARG G 19 -42.58 12.31 -34.52
CA ARG G 19 -41.14 12.45 -34.65
C ARG G 19 -40.53 13.09 -33.43
N GLU G 20 -41.31 13.90 -32.72
CA GLU G 20 -40.83 14.55 -31.51
C GLU G 20 -40.57 13.52 -30.42
N LEU G 21 -41.44 12.51 -30.36
CA LEU G 21 -41.35 11.49 -29.33
C LEU G 21 -40.17 10.56 -29.56
N LEU G 22 -39.78 10.38 -30.82
CA LEU G 22 -38.71 9.48 -31.18
C LEU G 22 -37.34 10.11 -30.97
N LEU G 23 -37.18 11.35 -31.42
CA LEU G 23 -35.87 12.01 -31.33
C LEU G 23 -35.51 12.34 -29.90
N ALA G 24 -36.50 12.60 -29.05
CA ALA G 24 -36.23 12.79 -27.64
C ALA G 24 -36.04 11.49 -26.88
N ALA G 25 -36.39 10.36 -27.49
CA ALA G 25 -36.11 9.05 -26.92
C ALA G 25 -35.00 8.35 -27.67
N LEU G 26 -34.30 9.04 -28.54
CA LEU G 26 -33.13 8.50 -29.22
C LEU G 26 -31.83 9.11 -28.76
N GLU G 27 -31.81 10.41 -28.51
CA GLU G 27 -30.63 11.04 -27.93
C GLU G 27 -30.63 10.98 -26.41
N GLU G 28 -31.60 10.29 -25.82
CA GLU G 28 -31.47 9.88 -24.42
C GLU G 28 -30.50 8.71 -24.28
N LEU G 29 -30.19 8.04 -25.38
CA LEU G 29 -29.17 7.00 -25.37
C LEU G 29 -27.80 7.61 -25.12
N SER G 30 -26.93 6.84 -24.49
CA SER G 30 -25.56 7.29 -24.29
C SER G 30 -24.77 7.15 -25.59
N GLN G 31 -23.51 7.57 -25.52
CA GLN G 31 -22.64 7.39 -26.68
C GLN G 31 -22.28 5.92 -26.86
N GLU G 32 -22.27 5.15 -25.78
CA GLU G 32 -21.95 3.73 -25.89
C GLU G 32 -23.13 2.94 -26.42
N GLN G 33 -24.34 3.25 -25.96
CA GLN G 33 -25.51 2.53 -26.42
C GLN G 33 -25.81 2.83 -27.88
N LEU G 34 -25.49 4.04 -28.34
CA LEU G 34 -25.69 4.39 -29.73
C LEU G 34 -24.74 3.64 -30.66
N LYS G 35 -23.58 3.21 -30.17
CA LYS G 35 -22.75 2.33 -30.96
C LYS G 35 -23.35 0.93 -31.01
N ARG G 36 -24.11 0.56 -29.98
CA ARG G 36 -24.76 -0.73 -29.92
C ARG G 36 -26.13 -0.71 -30.58
N PHE G 37 -26.81 0.44 -30.56
CA PHE G 37 -28.15 0.53 -31.12
C PHE G 37 -28.13 0.53 -32.63
N ARG G 38 -27.15 1.20 -33.24
CA ARG G 38 -27.02 1.16 -34.69
C ARG G 38 -26.61 -0.23 -35.16
N HIS G 39 -25.84 -0.93 -34.34
CA HIS G 39 -25.47 -2.30 -34.66
C HIS G 39 -26.67 -3.23 -34.55
N LYS G 40 -27.54 -2.97 -33.58
CA LYS G 40 -28.71 -3.81 -33.35
C LYS G 40 -29.94 -3.30 -34.09
N LEU G 41 -29.78 -2.98 -35.36
CA LEU G 41 -30.87 -2.36 -36.09
C LEU G 41 -31.09 -3.07 -37.41
N ARG G 42 -30.02 -3.69 -37.92
CA ARG G 42 -30.05 -4.33 -39.22
C ARG G 42 -30.47 -5.80 -39.14
N ASP G 43 -31.18 -6.17 -38.11
CA ASP G 43 -31.64 -7.55 -37.96
C ASP G 43 -33.15 -7.67 -37.99
N VAL G 44 -33.87 -6.58 -37.79
CA VAL G 44 -35.33 -6.62 -37.86
C VAL G 44 -35.78 -6.67 -39.31
N GLY G 45 -37.06 -6.96 -39.50
CA GLY G 45 -37.64 -6.98 -40.82
C GLY G 45 -38.45 -8.24 -41.06
N PRO G 46 -39.38 -8.18 -42.02
CA PRO G 46 -40.15 -9.38 -42.39
C PRO G 46 -39.23 -10.43 -43.01
N ASP G 47 -38.51 -10.05 -44.06
CA ASP G 47 -37.49 -10.91 -44.65
C ASP G 47 -36.51 -10.00 -45.41
N GLY G 48 -35.41 -9.67 -44.74
CA GLY G 48 -34.35 -8.90 -45.35
C GLY G 48 -34.66 -7.46 -45.67
N ARG G 49 -35.70 -6.89 -45.06
CA ARG G 49 -36.03 -5.49 -45.31
C ARG G 49 -35.57 -4.65 -44.13
N SER G 50 -34.31 -4.22 -44.18
CA SER G 50 -33.72 -3.42 -43.12
C SER G 50 -32.93 -2.29 -43.75
N ILE G 51 -32.39 -1.43 -42.90
CA ILE G 51 -31.58 -0.31 -43.39
C ILE G 51 -30.14 -0.77 -43.57
N PRO G 52 -29.53 -0.51 -44.72
CA PRO G 52 -28.15 -0.95 -44.94
C PRO G 52 -27.16 -0.11 -44.15
N TRP G 53 -25.90 -0.58 -44.15
CA TRP G 53 -24.85 0.09 -43.40
C TRP G 53 -24.49 1.45 -43.93
N GLY G 54 -24.61 1.66 -45.25
CA GLY G 54 -24.07 2.86 -45.87
C GLY G 54 -24.70 4.14 -45.40
N ARG G 55 -25.92 4.06 -44.88
CA ARG G 55 -26.59 5.21 -44.29
C ARG G 55 -26.82 5.02 -42.79
N LEU G 56 -26.03 4.17 -42.14
CA LEU G 56 -26.14 3.99 -40.70
C LEU G 56 -24.83 4.14 -39.95
N GLU G 57 -23.69 3.89 -40.58
CA GLU G 57 -22.44 3.75 -39.87
C GLU G 57 -21.95 5.07 -39.28
N ARG G 58 -22.12 6.16 -40.03
CA ARG G 58 -21.75 7.49 -39.59
C ARG G 58 -22.98 8.37 -39.39
N ALA G 59 -24.01 7.81 -38.78
CA ALA G 59 -25.23 8.55 -38.50
C ALA G 59 -25.19 9.11 -37.09
N ASP G 60 -25.57 10.38 -36.94
CA ASP G 60 -25.62 11.03 -35.65
C ASP G 60 -26.94 10.65 -34.97
N ALA G 61 -27.20 11.22 -33.79
CA ALA G 61 -28.43 10.90 -33.08
C ALA G 61 -29.65 11.54 -33.74
N VAL G 62 -29.51 12.74 -34.28
CA VAL G 62 -30.64 13.35 -34.98
C VAL G 62 -30.79 12.70 -36.35
N ASP G 63 -29.67 12.43 -37.01
CA ASP G 63 -29.68 11.81 -38.34
C ASP G 63 -30.27 10.40 -38.30
N LEU G 64 -30.08 9.70 -37.17
CA LEU G 64 -30.71 8.40 -37.02
C LEU G 64 -32.20 8.51 -36.85
N ALA G 65 -32.69 9.57 -36.21
CA ALA G 65 -34.11 9.77 -36.10
C ALA G 65 -34.73 10.31 -37.39
N GLU G 66 -33.91 10.69 -38.36
CA GLU G 66 -34.42 11.09 -39.66
C GLU G 66 -34.73 9.90 -40.55
N GLN G 67 -33.72 9.09 -40.87
CA GLN G 67 -33.94 8.00 -41.81
C GLN G 67 -34.68 6.82 -41.20
N LEU G 68 -34.71 6.72 -39.88
CA LEU G 68 -35.61 5.75 -39.28
C LEU G 68 -37.06 6.17 -39.44
N ALA G 69 -37.32 7.48 -39.52
CA ALA G 69 -38.65 7.96 -39.79
C ALA G 69 -39.00 7.85 -41.27
N GLN G 70 -38.01 7.74 -42.15
CA GLN G 70 -38.28 7.67 -43.58
C GLN G 70 -38.34 6.25 -44.11
N PHE G 71 -37.53 5.34 -43.58
CA PHE G 71 -37.54 3.99 -44.12
C PHE G 71 -38.78 3.24 -43.70
N TYR G 72 -39.25 3.46 -42.48
CA TYR G 72 -40.43 2.76 -41.97
C TYR G 72 -41.68 3.61 -42.01
N GLY G 73 -41.55 4.92 -42.08
CA GLY G 73 -42.68 5.79 -41.86
C GLY G 73 -42.72 6.16 -40.39
N PRO G 74 -43.09 7.41 -40.08
CA PRO G 74 -42.98 7.87 -38.69
C PRO G 74 -43.99 7.25 -37.76
N GLU G 75 -45.06 6.66 -38.26
CA GLU G 75 -46.06 6.08 -37.38
C GLU G 75 -45.63 4.69 -36.89
N PRO G 76 -45.09 3.76 -37.70
CA PRO G 76 -44.52 2.56 -37.09
C PRO G 76 -43.02 2.62 -36.83
N ALA G 77 -42.39 3.80 -36.91
CA ALA G 77 -40.99 3.90 -36.54
C ALA G 77 -40.78 3.74 -35.04
N LEU G 78 -41.80 4.06 -34.24
CA LEU G 78 -41.70 3.87 -32.79
C LEU G 78 -41.67 2.38 -32.46
N GLU G 79 -42.44 1.58 -33.18
CA GLU G 79 -42.51 0.16 -32.85
C GLU G 79 -41.26 -0.59 -33.26
N VAL G 80 -40.61 -0.15 -34.34
CA VAL G 80 -39.33 -0.73 -34.72
C VAL G 80 -38.19 -0.16 -33.90
N ALA G 81 -38.41 0.93 -33.17
CA ALA G 81 -37.38 1.43 -32.28
C ALA G 81 -37.49 0.80 -30.90
N ARG G 82 -38.72 0.65 -30.41
CA ARG G 82 -38.91 0.07 -29.08
C ARG G 82 -38.59 -1.42 -29.07
N LYS G 83 -38.79 -2.10 -30.19
CA LYS G 83 -38.43 -3.51 -30.26
C LYS G 83 -36.94 -3.70 -30.23
N THR G 84 -36.18 -2.71 -30.70
CA THR G 84 -34.72 -2.79 -30.68
C THR G 84 -34.10 -2.13 -29.46
N LEU G 85 -34.77 -1.15 -28.85
CA LEU G 85 -34.24 -0.57 -27.62
C LEU G 85 -34.29 -1.56 -26.48
N LYS G 86 -35.26 -2.48 -26.49
CA LYS G 86 -35.22 -3.59 -25.55
C LYS G 86 -34.09 -4.55 -25.91
N ARG G 87 -33.74 -4.63 -27.18
CA ARG G 87 -32.73 -5.55 -27.66
C ARG G 87 -31.32 -4.98 -27.64
N ALA G 88 -31.17 -3.66 -27.49
CA ALA G 88 -29.88 -3.01 -27.39
C ALA G 88 -29.46 -2.79 -25.95
N ASP G 89 -30.11 -3.49 -25.02
CA ASP G 89 -29.85 -3.43 -23.57
C ASP G 89 -30.06 -2.02 -23.03
N ALA G 90 -31.14 -1.37 -23.45
CA ALA G 90 -31.56 -0.08 -22.89
C ALA G 90 -33.04 -0.17 -22.60
N ARG G 91 -33.40 -0.74 -21.45
CA ARG G 91 -34.81 -0.86 -21.08
C ARG G 91 -35.32 0.33 -20.31
N ASP G 92 -34.47 1.29 -19.99
CA ASP G 92 -34.92 2.50 -19.32
C ASP G 92 -35.76 3.35 -20.24
N VAL G 93 -35.19 3.77 -21.37
CA VAL G 93 -35.85 4.70 -22.28
C VAL G 93 -36.99 4.01 -23.03
N ALA G 94 -36.87 2.70 -23.29
CA ALA G 94 -37.89 1.97 -24.01
C ALA G 94 -39.18 1.86 -23.21
N ALA G 95 -39.06 1.60 -21.91
CA ALA G 95 -40.24 1.65 -21.06
C ALA G 95 -40.70 3.07 -20.84
N GLN G 96 -39.77 4.03 -20.87
CA GLN G 96 -40.13 5.42 -20.71
C GLN G 96 -40.82 5.95 -21.96
N LEU G 97 -40.51 5.38 -23.12
CA LEU G 97 -41.22 5.75 -24.35
C LEU G 97 -42.64 5.20 -24.35
N GLN G 98 -42.87 4.07 -23.67
CA GLN G 98 -44.14 3.36 -23.77
C GLN G 98 -45.27 4.14 -23.12
N GLU G 99 -45.00 4.79 -21.98
CA GLU G 99 -46.03 5.61 -21.38
C GLU G 99 -46.21 6.93 -22.13
N ARG G 100 -45.20 7.34 -22.89
CA ARG G 100 -45.31 8.56 -23.69
C ARG G 100 -45.80 8.30 -25.11
N ARG G 101 -45.84 7.05 -25.55
CA ARG G 101 -46.56 6.76 -26.78
C ARG G 101 -48.06 6.83 -26.55
N LEU G 102 -48.51 6.62 -25.32
CA LEU G 102 -49.92 6.76 -25.03
C LEU G 102 -50.36 8.22 -24.97
N GLN G 103 -49.45 9.14 -24.70
CA GLN G 103 -49.77 10.56 -24.69
C GLN G 103 -49.47 11.21 -26.04
N ARG G 104 -50.01 10.63 -27.10
CA ARG G 104 -49.84 11.17 -28.43
C ARG G 104 -51.02 12.06 -28.78
N ARG H 14 36.38 14.73 30.56
CA ARG H 14 35.60 14.55 29.35
C ARG H 14 34.26 13.90 29.66
N LEU H 15 33.40 13.79 28.65
CA LEU H 15 32.11 13.16 28.85
C LEU H 15 32.24 11.65 28.99
N ALA H 16 33.21 11.04 28.31
CA ALA H 16 33.35 9.59 28.35
C ALA H 16 33.89 9.12 29.68
N VAL H 17 34.89 9.82 30.23
CA VAL H 17 35.41 9.45 31.54
C VAL H 17 34.48 9.86 32.66
N ALA H 18 33.49 10.71 32.38
CA ALA H 18 32.51 11.05 33.41
C ALA H 18 31.50 9.93 33.60
N ARG H 19 31.22 9.16 32.56
CA ARG H 19 30.34 8.01 32.71
C ARG H 19 31.09 6.78 33.16
N GLU H 20 32.38 6.71 32.82
CA GLU H 20 33.20 5.58 33.22
C GLU H 20 33.39 5.56 34.72
N LEU H 21 33.54 6.74 35.31
CA LEU H 21 33.78 6.89 36.73
C LEU H 21 32.54 6.56 37.54
N LEU H 22 31.37 6.78 36.97
CA LEU H 22 30.12 6.56 37.67
C LEU H 22 29.71 5.09 37.66
N LEU H 23 29.80 4.45 36.49
CA LEU H 23 29.37 3.06 36.37
C LEU H 23 30.29 2.12 37.12
N ALA H 24 31.57 2.45 37.23
CA ALA H 24 32.47 1.65 38.03
C ALA H 24 32.35 1.95 39.52
N ALA H 25 31.68 3.03 39.89
CA ALA H 25 31.38 3.33 41.28
C ALA H 25 29.91 3.11 41.60
N LEU H 26 29.17 2.48 40.69
CA LEU H 26 27.79 2.12 40.95
C LEU H 26 27.59 0.63 41.09
N GLU H 27 28.28 -0.18 40.30
CA GLU H 27 28.24 -1.62 40.47
C GLU H 27 29.28 -2.11 41.47
N GLU H 28 29.99 -1.20 42.14
CA GLU H 28 30.71 -1.55 43.34
C GLU H 28 29.76 -1.71 44.53
N LEU H 29 28.53 -1.22 44.41
CA LEU H 29 27.52 -1.44 45.42
C LEU H 29 27.14 -2.92 45.44
N SER H 30 26.75 -3.39 46.62
CA SER H 30 26.26 -4.75 46.74
C SER H 30 24.84 -4.85 46.20
N GLN H 31 24.30 -6.06 46.24
CA GLN H 31 22.91 -6.24 45.85
C GLN H 31 21.97 -5.68 46.90
N GLU H 32 22.40 -5.64 48.17
CA GLU H 32 21.57 -5.09 49.21
C GLU H 32 21.57 -3.57 49.18
N GLN H 33 22.73 -2.96 48.96
CA GLN H 33 22.81 -1.51 48.92
C GLN H 33 22.09 -0.94 47.71
N LEU H 34 22.08 -1.68 46.60
CA LEU H 34 21.36 -1.24 45.41
C LEU H 34 19.86 -1.26 45.61
N LYS H 35 19.35 -2.10 46.51
CA LYS H 35 17.94 -1.97 46.87
C LYS H 35 17.70 -0.75 47.73
N ARG H 36 18.70 -0.32 48.47
CA ARG H 36 18.61 0.86 49.30
C ARG H 36 18.97 2.13 48.54
N PHE H 37 19.84 2.02 47.55
CA PHE H 37 20.29 3.20 46.82
C PHE H 37 19.21 3.70 45.86
N ARG H 38 18.49 2.79 45.22
CA ARG H 38 17.39 3.22 44.36
C ARG H 38 16.26 3.81 45.19
N HIS H 39 16.08 3.30 46.41
CA HIS H 39 15.08 3.86 47.30
C HIS H 39 15.50 5.25 47.78
N LYS H 40 16.79 5.45 47.99
CA LYS H 40 17.30 6.73 48.49
C LYS H 40 17.72 7.64 47.35
N LEU H 41 16.86 7.79 46.35
CA LEU H 41 17.25 8.54 45.17
C LEU H 41 16.17 9.55 44.81
N ARG H 42 14.94 9.24 45.20
CA ARG H 42 13.78 10.04 44.85
C ARG H 42 13.49 11.12 45.88
N ASP H 43 14.48 11.52 46.65
CA ASP H 43 14.31 12.56 47.64
C ASP H 43 15.12 13.80 47.36
N VAL H 44 16.13 13.71 46.50
CA VAL H 44 16.92 14.88 46.15
C VAL H 44 16.16 15.75 45.16
N GLY H 45 16.66 16.96 44.95
CA GLY H 45 16.08 17.86 44.00
C GLY H 45 15.89 19.24 44.59
N PRO H 46 15.79 20.27 43.71
CA PRO H 46 15.49 21.62 44.19
C PRO H 46 14.10 21.69 44.80
N ASP H 47 13.09 21.29 44.02
CA ASP H 47 11.72 21.16 44.52
C ASP H 47 11.00 20.17 43.61
N GLY H 48 10.94 18.92 44.04
CA GLY H 48 10.19 17.90 43.35
C GLY H 48 10.75 17.48 41.99
N ARG H 49 12.01 17.75 41.71
CA ARG H 49 12.61 17.35 40.44
C ARG H 49 13.50 16.14 40.69
N SER H 50 12.89 14.96 40.63
CA SER H 50 13.60 13.71 40.85
C SER H 50 13.16 12.71 39.80
N ILE H 51 13.78 11.54 39.83
CA ILE H 51 13.43 10.48 38.88
C ILE H 51 12.26 9.68 39.45
N PRO H 52 11.19 9.47 38.68
CA PRO H 52 10.05 8.71 39.20
C PRO H 52 10.35 7.22 39.30
N TRP H 53 9.43 6.51 39.94
CA TRP H 53 9.60 5.07 40.18
C TRP H 53 9.57 4.25 38.91
N GLY H 54 8.81 4.67 37.89
CA GLY H 54 8.54 3.82 36.74
C GLY H 54 9.77 3.47 35.94
N ARG H 55 10.82 4.27 36.05
CA ARG H 55 12.09 3.97 35.42
C ARG H 55 13.19 3.73 36.44
N LEU H 56 12.84 3.36 37.67
CA LEU H 56 13.83 3.06 38.69
C LEU H 56 13.64 1.71 39.35
N GLU H 57 12.42 1.19 39.40
CA GLU H 57 12.12 0.03 40.26
C GLU H 57 12.78 -1.24 39.77
N ARG H 58 12.80 -1.44 38.46
CA ARG H 58 13.43 -2.60 37.84
C ARG H 58 14.65 -2.18 37.02
N ALA H 59 15.46 -1.29 37.57
CA ALA H 59 16.67 -0.84 36.92
C ALA H 59 17.86 -1.66 37.41
N ASP H 60 18.70 -2.10 36.47
CA ASP H 60 19.90 -2.86 36.80
C ASP H 60 21.00 -1.87 37.19
N ALA H 61 22.20 -2.37 37.45
CA ALA H 61 23.30 -1.49 37.85
C ALA H 61 23.82 -0.67 36.68
N VAL H 62 23.84 -1.23 35.47
CA VAL H 62 24.27 -0.46 34.32
C VAL H 62 23.15 0.48 33.90
N ASP H 63 21.91 -0.01 33.95
CA ASP H 63 20.74 0.78 33.57
C ASP H 63 20.54 1.97 34.49
N LEU H 64 20.93 1.83 35.76
CA LEU H 64 20.88 2.95 36.67
C LEU H 64 21.93 3.99 36.34
N ALA H 65 23.09 3.58 35.85
CA ALA H 65 24.09 4.54 35.43
C ALA H 65 23.77 5.16 34.09
N GLU H 66 22.77 4.65 33.38
CA GLU H 66 22.32 5.27 32.13
C GLU H 66 21.41 6.45 32.39
N GLN H 67 20.26 6.21 33.03
CA GLN H 67 19.29 7.29 33.17
C GLN H 67 19.67 8.29 34.27
N LEU H 68 20.57 7.92 35.17
CA LEU H 68 21.12 8.93 36.05
C LEU H 68 22.05 9.87 35.29
N ALA H 69 22.67 9.39 34.21
CA ALA H 69 23.46 10.27 33.37
C ALA H 69 22.60 11.10 32.43
N GLN H 70 21.35 10.69 32.20
CA GLN H 70 20.49 11.43 31.28
C GLN H 70 19.57 12.41 31.97
N PHE H 71 19.10 12.10 33.18
CA PHE H 71 18.18 13.01 33.84
C PHE H 71 18.90 14.24 34.37
N TYR H 72 20.12 14.06 34.86
CA TYR H 72 20.88 15.16 35.41
C TYR H 72 21.94 15.69 34.47
N GLY H 73 22.35 14.92 33.48
CA GLY H 73 23.53 15.24 32.72
C GLY H 73 24.72 14.57 33.36
N PRO H 74 25.66 14.08 32.55
CA PRO H 74 26.75 13.27 33.11
C PRO H 74 27.75 14.07 33.93
N GLU H 75 27.80 15.38 33.78
CA GLU H 75 28.75 16.16 34.54
C GLU H 75 28.29 16.42 35.97
N PRO H 76 27.03 16.77 36.27
CA PRO H 76 26.62 16.77 37.68
C PRO H 76 25.95 15.49 38.15
N ALA H 77 25.99 14.40 37.38
CA ALA H 77 25.47 13.14 37.87
C ALA H 77 26.33 12.56 38.99
N LEU H 78 27.61 12.89 39.01
CA LEU H 78 28.48 12.43 40.09
C LEU H 78 28.10 13.09 41.41
N GLU H 79 27.72 14.36 41.37
CA GLU H 79 27.43 15.07 42.60
C GLU H 79 26.09 14.64 43.19
N VAL H 80 25.13 14.27 42.34
CA VAL H 80 23.87 13.73 42.84
C VAL H 80 23.99 12.26 43.20
N ALA H 81 25.07 11.60 42.79
CA ALA H 81 25.30 10.23 43.23
C ALA H 81 26.07 10.19 44.54
N ARG H 82 27.07 11.05 44.68
CA ARG H 82 27.87 11.05 45.90
C ARG H 82 27.09 11.60 47.08
N LYS H 83 26.15 12.51 46.83
CA LYS H 83 25.32 13.02 47.91
C LYS H 83 24.37 11.94 48.42
N THR H 84 24.00 10.99 47.57
CA THR H 84 23.13 9.90 47.99
C THR H 84 23.87 8.65 48.42
N LEU H 85 25.09 8.44 47.92
CA LEU H 85 25.88 7.30 48.39
C LEU H 85 26.30 7.49 49.84
N LYS H 86 26.50 8.72 50.28
CA LYS H 86 26.66 8.97 51.70
C LYS H 86 25.37 8.73 52.45
N ARG H 87 24.24 8.94 51.79
CA ARG H 87 22.93 8.82 52.42
C ARG H 87 22.34 7.42 52.33
N ALA H 88 22.90 6.55 51.48
CA ALA H 88 22.47 5.16 51.37
C ALA H 88 23.31 4.23 52.22
N ASP H 89 24.07 4.79 53.18
CA ASP H 89 24.95 4.07 54.10
C ASP H 89 26.01 3.28 53.35
N ALA H 90 26.62 3.91 52.35
CA ALA H 90 27.79 3.35 51.66
C ALA H 90 28.84 4.45 51.55
N ARG H 91 29.61 4.63 52.61
CA ARG H 91 30.65 5.66 52.60
C ARG H 91 31.98 5.15 52.09
N ASP H 92 32.08 3.87 51.77
CA ASP H 92 33.31 3.34 51.21
C ASP H 92 33.52 3.85 49.79
N VAL H 93 32.56 3.56 48.91
CA VAL H 93 32.70 3.89 47.49
C VAL H 93 32.56 5.40 47.26
N ALA H 94 31.78 6.08 48.09
CA ALA H 94 31.58 7.52 47.93
C ALA H 94 32.85 8.29 48.22
N ALA H 95 33.58 7.91 49.25
CA ALA H 95 34.89 8.50 49.48
C ALA H 95 35.90 8.02 48.46
N GLN H 96 35.71 6.80 47.95
CA GLN H 96 36.61 6.27 46.93
C GLN H 96 36.36 6.94 45.59
N LEU H 97 35.14 7.40 45.35
CA LEU H 97 34.85 8.17 44.15
C LEU H 97 35.47 9.56 44.22
N GLN H 98 35.60 10.11 45.42
CA GLN H 98 36.00 11.50 45.58
C GLN H 98 37.44 11.73 45.15
N GLU H 99 38.34 10.79 45.46
CA GLU H 99 39.71 10.95 44.98
C GLU H 99 39.82 10.62 43.49
N ARG H 100 38.85 9.89 42.95
CA ARG H 100 38.86 9.59 41.52
C ARG H 100 38.07 10.59 40.70
N ARG H 101 37.27 11.44 41.34
CA ARG H 101 36.72 12.58 40.60
C ARG H 101 37.79 13.62 40.34
N LEU H 102 38.83 13.65 41.17
CA LEU H 102 39.93 14.57 40.91
C LEU H 102 40.81 14.11 39.77
N GLN H 103 40.85 12.81 39.47
CA GLN H 103 41.62 12.29 38.35
C GLN H 103 40.77 12.18 37.09
N ARG H 104 40.11 13.27 36.73
CA ARG H 104 39.29 13.30 35.52
C ARG H 104 40.10 13.85 34.36
N ARG I 14 39.96 -11.81 3.49
CA ARG I 14 38.87 -11.44 2.60
C ARG I 14 37.76 -10.74 3.37
N LEU I 15 36.77 -10.23 2.64
CA LEU I 15 35.64 -9.55 3.28
C LEU I 15 34.73 -10.54 3.98
N ALA I 16 34.59 -11.76 3.44
CA ALA I 16 33.67 -12.72 4.03
C ALA I 16 34.21 -13.29 5.33
N VAL I 17 35.51 -13.61 5.38
CA VAL I 17 36.10 -14.09 6.62
C VAL I 17 36.31 -12.97 7.63
N ALA I 18 36.21 -11.72 7.21
CA ALA I 18 36.30 -10.62 8.17
C ALA I 18 35.01 -10.46 8.95
N ARG I 19 33.87 -10.82 8.37
CA ARG I 19 32.62 -10.78 9.10
C ARG I 19 32.38 -12.06 9.86
N GLU I 20 32.95 -13.16 9.37
CA GLU I 20 32.79 -14.45 10.04
C GLU I 20 33.52 -14.44 11.36
N LEU I 21 34.68 -13.79 11.41
CA LEU I 21 35.50 -13.75 12.59
C LEU I 21 34.88 -12.86 13.67
N LEU I 22 34.11 -11.86 13.26
CA LEU I 22 33.52 -10.92 14.19
C LEU I 22 32.26 -11.47 14.83
N LEU I 23 31.38 -12.05 14.01
CA LEU I 23 30.10 -12.56 14.52
C LEU I 23 30.29 -13.77 15.42
N ALA I 24 31.32 -14.57 15.17
CA ALA I 24 31.62 -15.67 16.06
C ALA I 24 32.37 -15.23 17.31
N ALA I 25 32.90 -14.01 17.33
CA ALA I 25 33.50 -13.45 18.52
C ALA I 25 32.62 -12.37 19.14
N LEU I 26 31.37 -12.26 18.69
CA LEU I 26 30.42 -11.35 19.29
C LEU I 26 29.32 -12.07 20.04
N GLU I 27 28.83 -13.19 19.53
CA GLU I 27 27.87 -14.00 20.26
C GLU I 27 28.55 -15.00 21.18
N GLU I 28 29.88 -14.93 21.30
CA GLU I 28 30.56 -15.59 22.42
C GLU I 28 30.38 -14.80 23.71
N LEU I 29 29.95 -13.55 23.60
CA LEU I 29 29.62 -12.77 24.79
C LEU I 29 28.38 -13.34 25.45
N SER I 30 28.31 -13.18 26.77
CA SER I 30 27.12 -13.58 27.49
C SER I 30 25.99 -12.57 27.29
N GLN I 31 24.85 -12.86 27.88
CA GLN I 31 23.74 -11.92 27.85
C GLN I 31 24.03 -10.71 28.73
N GLU I 32 24.84 -10.89 29.77
CA GLU I 32 25.16 -9.78 30.65
C GLU I 32 26.21 -8.87 30.02
N GLN I 33 27.23 -9.46 29.39
CA GLN I 33 28.27 -8.66 28.76
C GLN I 33 27.75 -7.89 27.56
N LEU I 34 26.77 -8.45 26.87
CA LEU I 34 26.16 -7.75 25.73
C LEU I 34 25.35 -6.54 26.17
N LYS I 35 24.85 -6.53 27.40
CA LYS I 35 24.24 -5.31 27.91
C LYS I 35 25.31 -4.29 28.24
N ARG I 36 26.51 -4.75 28.57
CA ARG I 36 27.63 -3.87 28.88
C ARG I 36 28.41 -3.49 27.64
N PHE I 37 28.43 -4.36 26.63
CA PHE I 37 29.22 -4.08 25.43
C PHE I 37 28.55 -3.05 24.55
N ARG I 38 27.21 -3.08 24.46
CA ARG I 38 26.51 -2.05 23.70
C ARG I 38 26.61 -0.71 24.40
N HIS I 39 26.66 -0.73 25.73
CA HIS I 39 26.84 0.49 26.49
C HIS I 39 28.24 1.05 26.30
N LYS I 40 29.24 0.18 26.19
CA LYS I 40 30.62 0.59 26.05
C LYS I 40 31.05 0.67 24.59
N LEU I 41 30.23 1.32 23.77
CA LEU I 41 30.50 1.33 22.34
C LEU I 41 30.42 2.75 21.81
N ARG I 42 29.64 3.58 22.49
CA ARG I 42 29.38 4.94 22.05
C ARG I 42 30.39 5.94 22.60
N ASP I 43 31.57 5.47 22.97
CA ASP I 43 32.60 6.35 23.49
C ASP I 43 33.83 6.41 22.61
N VAL I 44 34.00 5.45 21.69
CA VAL I 44 35.13 5.49 20.79
C VAL I 44 34.88 6.50 19.68
N GLY I 45 35.94 6.79 18.93
CA GLY I 45 35.84 7.69 17.81
C GLY I 45 36.93 8.75 17.83
N PRO I 46 37.22 9.32 16.66
CA PRO I 46 38.19 10.43 16.60
C PRO I 46 37.69 11.64 17.36
N ASP I 47 36.49 12.12 16.98
CA ASP I 47 35.81 13.18 17.72
C ASP I 47 34.32 13.07 17.40
N GLY I 48 33.59 12.41 18.30
CA GLY I 48 32.15 12.32 18.20
C GLY I 48 31.63 11.47 17.05
N ARG I 49 32.44 10.60 16.47
CA ARG I 49 31.98 9.75 15.39
C ARG I 49 31.75 8.34 15.93
N SER I 50 30.56 8.11 16.45
CA SER I 50 30.19 6.82 17.02
C SER I 50 28.80 6.47 16.54
N ILE I 51 28.35 5.28 16.92
CA ILE I 51 27.01 4.82 16.54
C ILE I 51 26.00 5.33 17.57
N PRO I 52 24.92 5.96 17.14
CA PRO I 52 23.93 6.48 18.09
C PRO I 52 23.12 5.35 18.73
N TRP I 53 22.34 5.74 19.74
CA TRP I 53 21.54 4.77 20.49
C TRP I 53 20.42 4.16 19.68
N GLY I 54 19.85 4.91 18.73
CA GLY I 54 18.63 4.49 18.06
C GLY I 54 18.77 3.21 17.27
N ARG I 55 19.98 2.86 16.87
CA ARG I 55 20.25 1.60 16.20
C ARG I 55 21.15 0.70 17.04
N LEU I 56 21.20 0.90 18.36
CA LEU I 56 21.98 0.05 19.23
C LEU I 56 21.21 -0.53 20.39
N GLU I 57 20.15 0.12 20.86
CA GLU I 57 19.53 -0.22 22.12
C GLU I 57 18.83 -1.57 22.07
N ARG I 58 18.15 -1.86 20.96
CA ARG I 58 17.45 -3.11 20.75
C ARG I 58 18.11 -3.92 19.65
N ALA I 59 19.43 -3.97 19.66
CA ALA I 59 20.19 -4.75 18.69
C ALA I 59 20.51 -6.13 19.26
N ASP I 60 20.30 -7.16 18.44
CA ASP I 60 20.62 -8.52 18.83
C ASP I 60 22.11 -8.76 18.61
N ALA I 61 22.57 -9.99 18.85
CA ALA I 61 23.98 -10.29 18.67
C ALA I 61 24.38 -10.34 17.20
N VAL I 62 23.51 -10.84 16.33
CA VAL I 62 23.82 -10.84 14.91
C VAL I 62 23.65 -9.43 14.35
N ASP I 63 22.59 -8.74 14.80
CA ASP I 63 22.31 -7.38 14.34
C ASP I 63 23.41 -6.42 14.74
N LEU I 64 24.06 -6.66 15.88
CA LEU I 64 25.20 -5.85 16.26
C LEU I 64 26.39 -6.09 15.38
N ALA I 65 26.58 -7.33 14.91
CA ALA I 65 27.66 -7.59 13.97
C ALA I 65 27.35 -7.12 12.57
N GLU I 66 26.13 -6.70 12.30
CA GLU I 66 25.78 -6.13 11.00
C GLU I 66 26.17 -4.66 10.93
N GLN I 67 25.60 -3.82 11.78
CA GLN I 67 25.86 -2.38 11.66
C GLN I 67 27.22 -1.97 12.19
N LEU I 68 27.87 -2.81 12.99
CA LEU I 68 29.26 -2.54 13.30
C LEU I 68 30.14 -2.79 12.09
N ALA I 69 29.72 -3.70 11.21
CA ALA I 69 30.45 -3.90 9.96
C ALA I 69 30.14 -2.83 8.93
N GLN I 70 29.03 -2.10 9.09
CA GLN I 70 28.66 -1.09 8.12
C GLN I 70 29.10 0.31 8.50
N PHE I 71 29.10 0.64 9.79
CA PHE I 71 29.47 1.98 10.19
C PHE I 71 30.97 2.20 10.06
N TYR I 72 31.76 1.19 10.37
CA TYR I 72 33.21 1.31 10.31
C TYR I 72 33.81 0.67 9.08
N GLY I 73 33.09 -0.23 8.41
CA GLY I 73 33.69 -1.06 7.40
C GLY I 73 34.19 -2.33 8.04
N PRO I 74 34.06 -3.46 7.35
CA PRO I 74 34.37 -4.76 7.99
C PRO I 74 35.84 -4.97 8.24
N GLU I 75 36.73 -4.24 7.59
CA GLU I 75 38.14 -4.45 7.81
C GLU I 75 38.64 -3.77 9.08
N PRO I 76 38.28 -2.52 9.42
CA PRO I 76 38.61 -2.04 10.77
C PRO I 76 37.53 -2.21 11.81
N ALA I 77 36.47 -2.99 11.53
CA ALA I 77 35.49 -3.28 12.56
C ALA I 77 36.04 -4.18 13.64
N LEU I 78 37.04 -5.00 13.32
CA LEU I 78 37.67 -5.83 14.34
C LEU I 78 38.45 -4.99 15.34
N GLU I 79 39.11 -3.94 14.85
CA GLU I 79 39.94 -3.14 15.74
C GLU I 79 39.10 -2.27 16.67
N VAL I 80 37.93 -1.83 16.20
CA VAL I 80 37.02 -1.10 17.08
C VAL I 80 36.21 -2.03 17.97
N ALA I 81 36.22 -3.33 17.67
CA ALA I 81 35.57 -4.27 18.58
C ALA I 81 36.53 -4.76 19.65
N ARG I 82 37.78 -5.02 19.28
CA ARG I 82 38.75 -5.52 20.23
C ARG I 82 39.17 -4.44 21.22
N LYS I 83 39.15 -3.18 20.78
CA LYS I 83 39.47 -2.09 21.69
C LYS I 83 38.38 -1.92 22.75
N THR I 84 37.14 -2.29 22.42
CA THR I 84 36.05 -2.20 23.38
C THR I 84 35.78 -3.50 24.13
N LEU I 85 36.14 -4.65 23.56
CA LEU I 85 36.00 -5.90 24.29
C LEU I 85 36.96 -5.96 25.46
N LYS I 86 38.13 -5.32 25.34
CA LYS I 86 38.99 -5.15 26.50
C LYS I 86 38.38 -4.18 27.49
N ARG I 87 37.59 -3.23 27.00
CA ARG I 87 37.00 -2.19 27.83
C ARG I 87 35.65 -2.58 28.40
N ALA I 88 35.01 -3.64 27.89
CA ALA I 88 33.75 -4.12 28.41
C ALA I 88 33.94 -5.26 29.39
N ASP I 89 35.16 -5.41 29.91
CA ASP I 89 35.56 -6.44 30.89
C ASP I 89 35.32 -7.84 30.33
N ALA I 90 35.71 -8.07 29.08
CA ALA I 90 35.71 -9.40 28.49
C ALA I 90 37.04 -9.60 27.77
N ARG I 91 38.06 -9.98 28.53
CA ARG I 91 39.38 -10.18 27.95
C ARG I 91 39.59 -11.60 27.45
N ASP I 92 38.62 -12.49 27.67
CA ASP I 92 38.73 -13.85 27.16
C ASP I 92 38.62 -13.87 25.64
N VAL I 93 37.50 -13.38 25.11
CA VAL I 93 37.23 -13.45 23.69
C VAL I 93 38.10 -12.47 22.90
N ALA I 94 38.47 -11.34 23.51
CA ALA I 94 39.29 -10.34 22.84
C ALA I 94 40.69 -10.87 22.58
N ALA I 95 41.27 -11.56 23.55
CA ALA I 95 42.55 -12.22 23.30
C ALA I 95 42.38 -13.42 22.40
N GLN I 96 41.21 -14.05 22.44
CA GLN I 96 40.94 -15.20 21.58
C GLN I 96 40.71 -14.75 20.15
N LEU I 97 40.21 -13.53 19.96
CA LEU I 97 40.09 -12.98 18.61
C LEU I 97 41.44 -12.63 18.02
N GLN I 98 42.41 -12.28 18.87
CA GLN I 98 43.69 -11.74 18.41
C GLN I 98 44.51 -12.79 17.68
N GLU I 99 44.50 -14.03 18.17
CA GLU I 99 45.20 -15.09 17.46
C GLU I 99 44.43 -15.54 16.21
N ARG I 100 43.13 -15.28 16.17
CA ARG I 100 42.34 -15.62 15.00
C ARG I 100 42.23 -14.48 14.00
N ARG I 101 42.63 -13.27 14.38
CA ARG I 101 42.79 -12.23 13.36
C ARG I 101 44.03 -12.50 12.53
N LEU I 102 45.01 -13.21 13.08
CA LEU I 102 46.19 -13.56 12.30
C LEU I 102 45.91 -14.67 11.31
N GLN I 103 44.90 -15.50 11.55
CA GLN I 103 44.52 -16.55 10.61
C GLN I 103 43.43 -16.08 9.67
N ARG I 104 43.65 -14.95 9.01
CA ARG I 104 42.70 -14.43 8.05
C ARG I 104 43.07 -14.87 6.65
N ARG J 14 12.62 -33.59 -11.36
CA ARG J 14 11.89 -32.61 -12.13
C ARG J 14 12.04 -31.22 -11.52
N LEU J 15 11.51 -30.21 -12.21
CA LEU J 15 11.57 -28.85 -11.70
C LEU J 15 10.63 -28.65 -10.52
N ALA J 16 9.48 -29.33 -10.52
CA ALA J 16 8.50 -29.12 -9.46
C ALA J 16 8.96 -29.75 -8.15
N VAL J 17 9.53 -30.96 -8.20
CA VAL J 17 10.04 -31.58 -6.99
C VAL J 17 11.35 -30.96 -6.55
N ALA J 18 12.00 -30.17 -7.40
CA ALA J 18 13.21 -29.47 -6.97
C ALA J 18 12.87 -28.27 -6.10
N ARG J 19 11.71 -27.66 -6.30
CA ARG J 19 11.29 -26.57 -5.44
C ARG J 19 10.57 -27.07 -4.21
N GLU J 20 9.94 -28.24 -4.32
CA GLU J 20 9.23 -28.82 -3.19
C GLU J 20 10.21 -29.24 -2.11
N LEU J 21 11.35 -29.75 -2.53
CA LEU J 21 12.37 -30.24 -1.61
C LEU J 21 13.05 -29.11 -0.87
N LEU J 22 13.13 -27.94 -1.50
CA LEU J 22 13.81 -26.79 -0.92
C LEU J 22 12.94 -26.07 0.09
N LEU J 23 11.68 -25.81 -0.27
CA LEU J 23 10.80 -25.06 0.59
C LEU J 23 10.42 -25.83 1.84
N ALA J 24 10.37 -27.16 1.75
CA ALA J 24 10.14 -27.98 2.94
C ALA J 24 11.41 -28.16 3.77
N ALA J 25 12.56 -27.82 3.22
CA ALA J 25 13.80 -27.83 3.98
C ALA J 25 14.28 -26.42 4.28
N LEU J 26 13.45 -25.42 4.04
CA LEU J 26 13.76 -24.05 4.40
C LEU J 26 12.92 -23.53 5.54
N GLU J 27 11.65 -23.89 5.59
CA GLU J 27 10.81 -23.54 6.73
C GLU J 27 10.89 -24.58 7.84
N GLU J 28 11.77 -25.57 7.71
CA GLU J 28 12.17 -26.37 8.85
C GLU J 28 13.14 -25.62 9.73
N LEU J 29 13.71 -24.53 9.24
CA LEU J 29 14.54 -23.67 10.06
C LEU J 29 13.69 -22.96 11.09
N SER J 30 14.29 -22.67 12.24
CA SER J 30 13.60 -21.90 13.26
C SER J 30 13.56 -20.42 12.87
N GLN J 31 12.92 -19.62 13.72
CA GLN J 31 12.92 -18.19 13.51
C GLN J 31 14.28 -17.59 13.80
N GLU J 32 15.06 -18.22 14.67
CA GLU J 32 16.39 -17.71 14.97
C GLU J 32 17.38 -18.06 13.88
N GLN J 33 17.31 -19.28 13.37
CA GLN J 33 18.23 -19.69 12.31
C GLN J 33 17.97 -18.94 11.02
N LEU J 34 16.71 -18.58 10.76
CA LEU J 34 16.39 -17.81 9.57
C LEU J 34 16.93 -16.40 9.64
N LYS J 35 17.13 -15.85 10.84
CA LYS J 35 17.84 -14.58 10.92
C LYS J 35 19.32 -14.77 10.65
N ARG J 36 19.84 -15.95 10.92
CA ARG J 36 21.24 -16.26 10.67
C ARG J 36 21.46 -16.80 9.26
N PHE J 37 20.46 -17.45 8.68
CA PHE J 37 20.61 -18.04 7.36
C PHE J 37 20.58 -16.97 6.27
N ARG J 38 19.74 -15.96 6.42
CA ARG J 38 19.73 -14.87 5.45
C ARG J 38 21.00 -14.05 5.56
N HIS J 39 21.56 -13.95 6.76
CA HIS J 39 22.83 -13.27 6.95
C HIS J 39 23.97 -14.07 6.32
N LYS J 40 23.90 -15.39 6.40
CA LYS J 40 24.96 -16.26 5.87
C LYS J 40 24.65 -16.69 4.45
N LEU J 41 24.30 -15.75 3.59
CA LEU J 41 23.88 -16.11 2.25
C LEU J 41 24.60 -15.25 1.23
N ARG J 42 25.00 -14.06 1.66
CA ARG J 42 25.62 -13.08 0.77
C ARG J 42 27.13 -13.21 0.72
N ASP J 43 27.66 -14.39 1.03
CA ASP J 43 29.09 -14.61 0.99
C ASP J 43 29.50 -15.64 -0.05
N VAL J 44 28.56 -16.45 -0.53
CA VAL J 44 28.88 -17.43 -1.56
C VAL J 44 28.99 -16.74 -2.91
N GLY J 45 29.51 -17.47 -3.89
CA GLY J 45 29.63 -16.97 -5.23
C GLY J 45 31.00 -17.20 -5.81
N PRO J 46 31.10 -17.21 -7.15
CA PRO J 46 32.42 -17.31 -7.79
C PRO J 46 33.27 -16.09 -7.48
N ASP J 47 32.75 -14.90 -7.80
CA ASP J 47 33.39 -13.65 -7.44
C ASP J 47 32.30 -12.57 -7.42
N GLY J 48 31.77 -12.29 -6.22
CA GLY J 48 30.81 -11.23 -6.04
C GLY J 48 29.45 -11.45 -6.67
N ARG J 49 29.09 -12.68 -6.99
CA ARG J 49 27.78 -12.96 -7.57
C ARG J 49 26.89 -13.56 -6.49
N SER J 50 26.24 -12.71 -5.72
CA SER J 50 25.35 -13.12 -4.66
C SER J 50 24.08 -12.30 -4.71
N ILE J 51 23.15 -12.62 -3.82
CA ILE J 51 21.89 -11.89 -3.76
C ILE J 51 22.07 -10.67 -2.86
N PRO J 52 21.69 -9.48 -3.31
CA PRO J 52 21.86 -8.29 -2.48
C PRO J 52 20.85 -8.25 -1.33
N TRP J 53 21.07 -7.30 -0.43
CA TRP J 53 20.23 -7.16 0.76
C TRP J 53 18.81 -6.74 0.45
N GLY J 54 18.61 -5.95 -0.61
CA GLY J 54 17.32 -5.31 -0.83
C GLY J 54 16.18 -6.28 -1.08
N ARG J 55 16.50 -7.49 -1.52
CA ARG J 55 15.52 -8.54 -1.68
C ARG J 55 15.76 -9.70 -0.72
N LEU J 56 16.47 -9.47 0.38
CA LEU J 56 16.69 -10.51 1.37
C LEU J 56 16.30 -10.13 2.79
N GLU J 57 16.33 -8.84 3.12
CA GLU J 57 16.23 -8.42 4.52
C GLU J 57 14.85 -8.68 5.11
N ARG J 58 13.81 -8.45 4.33
CA ARG J 58 12.43 -8.68 4.74
C ARG J 58 11.81 -9.81 3.95
N ALA J 59 12.56 -10.89 3.76
CA ALA J 59 12.07 -12.06 3.04
C ALA J 59 11.54 -13.07 4.03
N ASP J 60 10.37 -13.63 3.73
CA ASP J 60 9.75 -14.66 4.55
C ASP J 60 10.38 -16.01 4.20
N ALA J 61 9.90 -17.08 4.81
CA ALA J 61 10.45 -18.41 4.52
C ALA J 61 10.05 -18.91 3.14
N VAL J 62 8.83 -18.62 2.70
CA VAL J 62 8.44 -19.02 1.36
C VAL J 62 9.07 -18.10 0.34
N ASP J 63 9.13 -16.80 0.64
CA ASP J 63 9.71 -15.80 -0.24
C ASP J 63 11.20 -16.04 -0.45
N LEU J 64 11.88 -16.57 0.57
CA LEU J 64 13.28 -16.94 0.42
C LEU J 64 13.45 -18.14 -0.49
N ALA J 65 12.51 -19.07 -0.48
CA ALA J 65 12.59 -20.19 -1.40
C ALA J 65 12.16 -19.82 -2.81
N GLU J 66 11.61 -18.62 -3.01
CA GLU J 66 11.28 -18.14 -4.34
C GLU J 66 12.50 -17.58 -5.05
N GLN J 67 13.10 -16.52 -4.50
CA GLN J 67 14.19 -15.87 -5.21
C GLN J 67 15.50 -16.64 -5.13
N LEU J 68 15.63 -17.56 -4.18
CA LEU J 68 16.77 -18.47 -4.24
C LEU J 68 16.61 -19.44 -5.39
N ALA J 69 15.38 -19.76 -5.77
CA ALA J 69 15.16 -20.59 -6.95
C ALA J 69 15.30 -19.82 -8.23
N GLN J 70 15.22 -18.48 -8.18
CA GLN J 70 15.31 -17.69 -9.40
C GLN J 70 16.70 -17.14 -9.66
N PHE J 71 17.45 -16.80 -8.62
CA PHE J 71 18.78 -16.24 -8.84
C PHE J 71 19.76 -17.30 -9.31
N TYR J 72 19.64 -18.51 -8.76
CA TYR J 72 20.55 -19.58 -9.11
C TYR J 72 19.96 -20.58 -10.09
N GLY J 73 18.64 -20.63 -10.21
CA GLY J 73 18.01 -21.71 -10.92
C GLY J 73 17.68 -22.80 -9.93
N PRO J 74 16.54 -23.46 -10.09
CA PRO J 74 16.08 -24.42 -9.07
C PRO J 74 16.90 -25.69 -9.00
N GLU J 75 17.65 -26.01 -10.03
CA GLU J 75 18.44 -27.23 -10.00
C GLU J 75 19.73 -27.08 -9.19
N PRO J 76 20.52 -26.00 -9.30
CA PRO J 76 21.61 -25.83 -8.32
C PRO J 76 21.26 -24.96 -7.12
N ALA J 77 19.99 -24.62 -6.90
CA ALA J 77 19.63 -23.90 -5.68
C ALA J 77 19.78 -24.77 -4.45
N LEU J 78 19.67 -26.09 -4.60
CA LEU J 78 19.86 -26.98 -3.46
C LEU J 78 21.32 -26.98 -3.02
N GLU J 79 22.24 -26.91 -3.96
CA GLU J 79 23.65 -26.99 -3.61
C GLU J 79 24.14 -25.70 -2.97
N VAL J 80 23.57 -24.55 -3.35
CA VAL J 80 23.90 -23.30 -2.69
C VAL J 80 23.13 -23.13 -1.39
N ALA J 81 22.12 -23.95 -1.15
CA ALA J 81 21.44 -23.92 0.14
C ALA J 81 22.11 -24.85 1.14
N ARG J 82 22.51 -26.03 0.69
CA ARG J 82 23.12 -27.00 1.58
C ARG J 82 24.53 -26.56 1.98
N LYS J 83 25.22 -25.83 1.11
CA LYS J 83 26.53 -25.32 1.47
C LYS J 83 26.44 -24.24 2.53
N THR J 84 25.32 -23.53 2.59
CA THR J 84 25.11 -22.51 3.60
C THR J 84 24.37 -23.00 4.83
N LEU J 85 23.55 -24.04 4.70
CA LEU J 85 22.90 -24.60 5.88
C LEU J 85 23.90 -25.28 6.80
N LYS J 86 24.98 -25.82 6.24
CA LYS J 86 26.08 -26.27 7.08
C LYS J 86 26.81 -25.09 7.70
N ARG J 87 26.79 -23.94 7.02
CA ARG J 87 27.50 -22.77 7.48
C ARG J 87 26.67 -21.87 8.38
N ALA J 88 25.35 -22.07 8.42
CA ALA J 88 24.48 -21.30 9.30
C ALA J 88 24.21 -22.04 10.60
N ASP J 89 25.04 -23.04 10.92
CA ASP J 89 24.94 -23.86 12.13
C ASP J 89 23.60 -24.58 12.22
N ALA J 90 23.16 -25.15 11.10
CA ALA J 90 21.99 -26.03 11.08
C ALA J 90 22.36 -27.28 10.28
N ARG J 91 23.00 -28.24 10.94
CA ARG J 91 23.40 -29.46 10.27
C ARG J 91 22.34 -30.55 10.33
N ASP J 92 21.24 -30.29 11.04
CA ASP J 92 20.14 -31.25 11.08
C ASP J 92 19.45 -31.34 9.73
N VAL J 93 18.91 -30.22 9.25
CA VAL J 93 18.12 -30.21 8.04
C VAL J 93 18.99 -30.39 6.80
N ALA J 94 20.25 -29.94 6.85
CA ALA J 94 21.14 -30.05 5.71
C ALA J 94 21.51 -31.50 5.44
N ALA J 95 21.76 -32.27 6.49
CA ALA J 95 21.96 -33.71 6.30
C ALA J 95 20.65 -34.40 5.97
N GLN J 96 19.54 -33.85 6.47
CA GLN J 96 18.23 -34.43 6.18
C GLN J 96 17.82 -34.14 4.74
N LEU J 97 18.30 -33.03 4.18
CA LEU J 97 18.06 -32.75 2.76
C LEU J 97 18.87 -33.66 1.86
N GLN J 98 20.03 -34.12 2.34
CA GLN J 98 20.96 -34.85 1.49
C GLN J 98 20.42 -36.22 1.10
N GLU J 99 19.76 -36.91 2.03
CA GLU J 99 19.15 -38.17 1.67
C GLU J 99 17.88 -37.98 0.84
N ARG J 100 17.27 -36.79 0.92
CA ARG J 100 16.08 -36.50 0.13
C ARG J 100 16.40 -35.84 -1.19
N ARG J 101 17.64 -35.37 -1.39
CA ARG J 101 18.03 -35.00 -2.74
C ARG J 101 18.25 -36.22 -3.60
N LEU J 102 18.55 -37.37 -2.99
CA LEU J 102 18.69 -38.59 -3.77
C LEU J 102 17.35 -39.16 -4.19
N GLN J 103 16.27 -38.84 -3.48
CA GLN J 103 14.94 -39.28 -3.86
C GLN J 103 14.22 -38.23 -4.71
N ARG J 104 14.88 -37.80 -5.77
CA ARG J 104 14.29 -36.83 -6.68
C ARG J 104 13.64 -37.55 -7.85
N ARG K 14 -24.84 -26.64 -11.48
CA ARG K 14 -24.91 -25.54 -12.44
C ARG K 14 -23.59 -24.77 -12.46
N LEU K 15 -23.49 -23.82 -13.39
CA LEU K 15 -22.29 -23.00 -13.47
C LEU K 15 -22.22 -22.00 -12.33
N ALA K 16 -23.36 -21.49 -11.87
CA ALA K 16 -23.35 -20.48 -10.83
C ALA K 16 -22.97 -21.07 -9.48
N VAL K 17 -23.50 -22.25 -9.15
CA VAL K 17 -23.14 -22.89 -7.89
C VAL K 17 -21.75 -23.51 -7.96
N ALA K 18 -21.17 -23.65 -9.15
CA ALA K 18 -19.81 -24.13 -9.24
C ALA K 18 -18.80 -23.06 -8.88
N ARG K 19 -19.14 -21.80 -9.10
CA ARG K 19 -18.26 -20.71 -8.68
C ARG K 19 -18.52 -20.30 -7.26
N GLU K 20 -19.75 -20.51 -6.79
CA GLU K 20 -20.10 -20.17 -5.42
C GLU K 20 -19.37 -21.07 -4.44
N LEU K 21 -19.24 -22.34 -4.81
CA LEU K 21 -18.61 -23.33 -3.96
C LEU K 21 -17.11 -23.11 -3.87
N LEU K 22 -16.50 -22.54 -4.91
CA LEU K 22 -15.07 -22.34 -4.95
C LEU K 22 -14.65 -21.10 -4.18
N LEU K 23 -15.36 -19.98 -4.39
CA LEU K 23 -14.99 -18.73 -3.76
C LEU K 23 -15.24 -18.76 -2.26
N ALA K 24 -16.23 -19.53 -1.80
CA ALA K 24 -16.43 -19.69 -0.38
C ALA K 24 -15.47 -20.71 0.23
N ALA K 25 -14.79 -21.49 -0.59
CA ALA K 25 -13.76 -22.40 -0.11
C ALA K 25 -12.37 -21.90 -0.48
N LEU K 26 -12.26 -20.67 -0.96
CA LEU K 26 -10.97 -20.05 -1.23
C LEU K 26 -10.63 -18.95 -0.26
N GLU K 27 -11.61 -18.13 0.15
CA GLU K 27 -11.37 -17.14 1.19
C GLU K 27 -11.59 -17.71 2.57
N GLU K 28 -11.83 -19.00 2.70
CA GLU K 28 -11.68 -19.68 3.98
C GLU K 28 -10.21 -19.89 4.32
N LEU K 29 -9.33 -19.76 3.35
CA LEU K 29 -7.90 -19.81 3.60
C LEU K 29 -7.48 -18.58 4.40
N SER K 30 -6.44 -18.76 5.22
CA SER K 30 -5.89 -17.64 5.94
C SER K 30 -5.04 -16.77 5.02
N GLN K 31 -4.51 -15.69 5.58
CA GLN K 31 -3.60 -14.85 4.82
C GLN K 31 -2.27 -15.55 4.60
N GLU K 32 -1.88 -16.43 5.52
CA GLU K 32 -0.62 -17.14 5.36
C GLU K 32 -0.74 -18.27 4.35
N GLN K 33 -1.85 -19.00 4.38
CA GLN K 33 -2.03 -20.10 3.43
C GLN K 33 -2.21 -19.59 2.01
N LEU K 34 -2.79 -18.40 1.85
CA LEU K 34 -2.94 -17.82 0.53
C LEU K 34 -1.61 -17.39 -0.07
N LYS K 35 -0.62 -17.10 0.76
CA LYS K 35 0.72 -16.88 0.22
C LYS K 35 1.34 -18.20 -0.21
N ARG K 36 0.93 -19.30 0.43
CA ARG K 36 1.42 -20.62 0.08
C ARG K 36 0.60 -21.27 -1.01
N PHE K 37 -0.68 -20.93 -1.11
CA PHE K 37 -1.55 -21.56 -2.10
C PHE K 37 -1.28 -21.03 -3.50
N ARG K 38 -1.00 -19.73 -3.62
CA ARG K 38 -0.64 -19.18 -4.93
C ARG K 38 0.71 -19.69 -5.37
N HIS K 39 1.60 -19.94 -4.41
CA HIS K 39 2.89 -20.52 -4.74
C HIS K 39 2.75 -21.96 -5.17
N LYS K 40 1.82 -22.69 -4.57
CA LYS K 40 1.61 -24.10 -4.88
C LYS K 40 0.55 -24.30 -5.95
N LEU K 41 0.63 -23.54 -7.03
CA LEU K 41 -0.42 -23.58 -8.03
C LEU K 41 0.18 -23.75 -9.41
N ARG K 42 1.42 -23.30 -9.57
CA ARG K 42 2.10 -23.31 -10.86
C ARG K 42 2.86 -24.60 -11.11
N ASP K 43 2.49 -25.67 -10.45
CA ASP K 43 3.14 -26.95 -10.64
C ASP K 43 2.24 -28.01 -11.25
N VAL K 44 0.92 -27.80 -11.20
CA VAL K 44 0.00 -28.75 -11.79
C VAL K 44 -0.02 -28.59 -13.30
N GLY K 45 -0.64 -29.55 -13.98
CA GLY K 45 -0.78 -29.49 -15.41
C GLY K 45 -0.37 -30.78 -16.07
N PRO K 46 -0.87 -31.02 -17.29
CA PRO K 46 -0.43 -32.20 -18.05
C PRO K 46 1.04 -32.11 -18.41
N ASP K 47 1.42 -31.02 -19.07
CA ASP K 47 2.82 -30.74 -19.36
C ASP K 47 2.95 -29.23 -19.59
N GLY K 48 3.33 -28.51 -18.53
CA GLY K 48 3.59 -27.09 -18.62
C GLY K 48 2.38 -26.22 -18.86
N ARG K 49 1.17 -26.71 -18.61
CA ARG K 49 -0.03 -25.89 -18.80
C ARG K 49 -0.52 -25.43 -17.43
N SER K 50 0.01 -24.30 -16.97
CA SER K 50 -0.36 -23.74 -15.69
C SER K 50 -0.55 -22.24 -15.85
N ILE K 51 -0.94 -21.60 -14.77
CA ILE K 51 -1.15 -20.15 -14.78
C ILE K 51 0.18 -19.46 -14.49
N PRO K 52 0.61 -18.50 -15.29
CA PRO K 52 1.88 -17.82 -15.04
C PRO K 52 1.80 -16.87 -13.85
N TRP K 53 2.97 -16.38 -13.45
CA TRP K 53 3.06 -15.50 -12.30
C TRP K 53 2.40 -14.15 -12.51
N GLY K 54 2.39 -13.63 -13.73
CA GLY K 54 1.99 -12.26 -13.97
C GLY K 54 0.55 -11.97 -13.61
N ARG K 55 -0.30 -12.99 -13.59
CA ARG K 55 -1.67 -12.85 -13.15
C ARG K 55 -1.95 -13.64 -11.87
N LEU K 56 -0.91 -13.93 -11.08
CA LEU K 56 -1.09 -14.62 -9.82
C LEU K 56 -0.45 -13.93 -8.62
N GLU K 57 0.59 -13.13 -8.83
CA GLU K 57 1.42 -12.65 -7.72
C GLU K 57 0.67 -11.64 -6.85
N ARG K 58 -0.10 -10.76 -7.47
CA ARG K 58 -0.90 -9.77 -6.78
C ARG K 58 -2.39 -10.04 -6.94
N ALA K 59 -2.77 -11.30 -6.81
CA ALA K 59 -4.18 -11.69 -6.92
C ALA K 59 -4.79 -11.76 -5.52
N ASP K 60 -5.98 -11.20 -5.38
CA ASP K 60 -6.71 -11.24 -4.12
C ASP K 60 -7.43 -12.59 -4.02
N ALA K 61 -8.22 -12.78 -2.95
CA ALA K 61 -8.93 -14.03 -2.79
C ALA K 61 -10.09 -14.17 -3.77
N VAL K 62 -10.77 -13.08 -4.08
CA VAL K 62 -11.84 -13.16 -5.06
C VAL K 62 -11.26 -13.23 -6.45
N ASP K 63 -10.19 -12.46 -6.70
CA ASP K 63 -9.52 -12.44 -7.99
C ASP K 63 -8.90 -13.78 -8.33
N LEU K 64 -8.46 -14.52 -7.32
CA LEU K 64 -7.96 -15.86 -7.55
C LEU K 64 -9.07 -16.81 -7.93
N ALA K 65 -10.27 -16.63 -7.39
CA ALA K 65 -11.39 -17.46 -7.79
C ALA K 65 -11.96 -17.06 -9.13
N GLU K 66 -11.53 -15.93 -9.69
CA GLU K 66 -11.95 -15.54 -11.03
C GLU K 66 -11.13 -16.26 -12.10
N GLN K 67 -9.82 -16.02 -12.13
CA GLN K 67 -9.02 -16.59 -13.20
C GLN K 67 -8.75 -18.07 -13.05
N LEU K 68 -8.93 -18.63 -11.85
CA LEU K 68 -8.92 -20.07 -11.75
C LEU K 68 -10.17 -20.68 -12.37
N ALA K 69 -11.27 -19.92 -12.37
CA ALA K 69 -12.47 -20.38 -13.07
C ALA K 69 -12.38 -20.17 -14.57
N GLN K 70 -11.48 -19.30 -15.03
CA GLN K 70 -11.37 -19.03 -16.45
C GLN K 70 -10.29 -19.85 -17.15
N PHE K 71 -9.18 -20.12 -16.47
CA PHE K 71 -8.11 -20.85 -17.12
C PHE K 71 -8.46 -22.32 -17.27
N TYR K 72 -9.15 -22.90 -16.29
CA TYR K 72 -9.51 -24.30 -16.33
C TYR K 72 -10.96 -24.53 -16.72
N GLY K 73 -11.82 -23.54 -16.60
CA GLY K 73 -13.23 -23.76 -16.69
C GLY K 73 -13.77 -24.03 -15.31
N PRO K 74 -14.97 -23.53 -15.01
CA PRO K 74 -15.48 -23.63 -13.63
C PRO K 74 -15.85 -25.03 -13.20
N GLU K 75 -16.07 -25.95 -14.14
CA GLU K 75 -16.44 -27.29 -13.75
C GLU K 75 -15.24 -28.13 -13.30
N PRO K 76 -14.07 -28.13 -13.96
CA PRO K 76 -12.91 -28.77 -13.33
C PRO K 76 -12.01 -27.85 -12.54
N ALA K 77 -12.43 -26.62 -12.25
CA ALA K 77 -11.63 -25.77 -11.39
C ALA K 77 -11.64 -26.26 -9.94
N LEU K 78 -12.69 -26.97 -9.53
CA LEU K 78 -12.72 -27.53 -8.19
C LEU K 78 -11.68 -28.63 -8.03
N GLU K 79 -11.49 -29.44 -9.07
CA GLU K 79 -10.56 -30.56 -8.97
C GLU K 79 -9.11 -30.10 -8.99
N VAL K 80 -8.82 -29.01 -9.69
CA VAL K 80 -7.47 -28.44 -9.64
C VAL K 80 -7.27 -27.59 -8.40
N ALA K 81 -8.33 -27.25 -7.70
CA ALA K 81 -8.16 -26.56 -6.43
C ALA K 81 -8.01 -27.52 -5.27
N ARG K 82 -8.79 -28.60 -5.28
CA ARG K 82 -8.74 -29.57 -4.19
C ARG K 82 -7.44 -30.36 -4.24
N LYS K 83 -6.89 -30.58 -5.43
CA LYS K 83 -5.62 -31.27 -5.53
C LYS K 83 -4.48 -30.44 -4.99
N THR K 84 -4.61 -29.12 -5.02
CA THR K 84 -3.60 -28.23 -4.48
C THR K 84 -3.86 -27.79 -3.05
N LEU K 85 -5.13 -27.78 -2.62
CA LEU K 85 -5.41 -27.47 -1.22
C LEU K 85 -4.91 -28.56 -0.30
N LYS K 86 -4.90 -29.81 -0.76
CA LYS K 86 -4.21 -30.85 -0.02
C LYS K 86 -2.70 -30.65 -0.05
N ARG K 87 -2.20 -30.04 -1.11
CA ARG K 87 -0.77 -29.84 -1.29
C ARG K 87 -0.26 -28.54 -0.70
N ALA K 88 -1.15 -27.61 -0.35
CA ALA K 88 -0.76 -26.36 0.29
C ALA K 88 -0.89 -26.43 1.80
N ASP K 89 -0.97 -27.66 2.34
CA ASP K 89 -1.09 -27.94 3.78
C ASP K 89 -2.34 -27.30 4.37
N ALA K 90 -3.47 -27.42 3.67
CA ALA K 90 -4.77 -27.02 4.19
C ALA K 90 -5.76 -28.14 3.91
N ARG K 91 -5.78 -29.14 4.76
CA ARG K 91 -6.67 -30.28 4.58
C ARG K 91 -8.02 -30.07 5.25
N ASP K 92 -8.20 -28.96 5.96
CA ASP K 92 -9.49 -28.67 6.57
C ASP K 92 -10.52 -28.32 5.51
N VAL K 93 -10.26 -27.28 4.72
CA VAL K 93 -11.21 -26.78 3.75
C VAL K 93 -11.34 -27.72 2.57
N ALA K 94 -10.26 -28.44 2.22
CA ALA K 94 -10.30 -29.35 1.09
C ALA K 94 -11.21 -30.53 1.35
N ALA K 95 -11.16 -31.08 2.56
CA ALA K 95 -12.12 -32.11 2.93
C ALA K 95 -13.50 -31.52 3.13
N GLN K 96 -13.56 -30.26 3.54
CA GLN K 96 -14.85 -29.60 3.72
C GLN K 96 -15.49 -29.26 2.38
N LEU K 97 -14.67 -29.05 1.36
CA LEU K 97 -15.21 -28.84 0.01
C LEU K 97 -15.74 -30.14 -0.57
N GLN K 98 -15.18 -31.28 -0.16
CA GLN K 98 -15.51 -32.56 -0.79
C GLN K 98 -16.94 -32.99 -0.52
N GLU K 99 -17.42 -32.76 0.71
CA GLU K 99 -18.81 -33.08 0.99
C GLU K 99 -19.76 -32.04 0.39
N ARG K 100 -19.25 -30.85 0.08
CA ARG K 100 -20.07 -29.83 -0.54
C ARG K 100 -19.97 -29.83 -2.05
N ARG K 101 -19.01 -30.56 -2.63
CA ARG K 101 -19.07 -30.80 -4.06
C ARG K 101 -20.16 -31.80 -4.39
N LEU K 102 -20.53 -32.66 -3.44
CA LEU K 102 -21.62 -33.58 -3.67
C LEU K 102 -22.99 -32.90 -3.60
N GLN K 103 -23.09 -31.78 -2.91
CA GLN K 103 -24.34 -31.02 -2.85
C GLN K 103 -24.37 -29.93 -3.91
N ARG K 104 -24.13 -30.31 -5.15
CA ARG K 104 -24.18 -29.37 -6.26
C ARG K 104 -25.55 -29.40 -6.91
N ARG L 14 -42.05 7.06 -8.09
CA ARG L 14 -41.72 7.67 -9.37
C ARG L 14 -40.41 7.11 -9.92
N LEU L 15 -40.08 7.48 -11.16
CA LEU L 15 -38.83 7.03 -11.75
C LEU L 15 -37.62 7.70 -11.12
N ALA L 16 -37.76 8.96 -10.71
CA ALA L 16 -36.62 9.68 -10.16
C ALA L 16 -36.25 9.18 -8.77
N VAL L 17 -37.25 8.93 -7.92
CA VAL L 17 -36.97 8.39 -6.59
C VAL L 17 -36.60 6.91 -6.64
N ALA L 18 -36.84 6.25 -7.78
CA ALA L 18 -36.41 4.86 -7.90
C ALA L 18 -34.92 4.76 -8.16
N ARG L 19 -34.34 5.76 -8.80
CA ARG L 19 -32.89 5.77 -8.99
C ARG L 19 -32.18 6.39 -7.82
N GLU L 20 -32.86 7.28 -7.09
CA GLU L 20 -32.26 7.93 -5.94
C GLU L 20 -32.07 6.92 -4.82
N LEU L 21 -33.02 6.00 -4.68
CA LEU L 21 -32.98 5.00 -3.63
C LEU L 21 -31.91 3.96 -3.88
N LEU L 22 -31.58 3.71 -5.14
CA LEU L 22 -30.60 2.70 -5.51
C LEU L 22 -29.18 3.21 -5.36
N LEU L 23 -28.92 4.42 -5.87
CA LEU L 23 -27.57 4.97 -5.85
C LEU L 23 -27.12 5.30 -4.44
N ALA L 24 -28.05 5.67 -3.56
CA ALA L 24 -27.69 5.89 -2.18
C ALA L 24 -27.59 4.60 -1.39
N ALA L 25 -28.07 3.48 -1.93
CA ALA L 25 -27.89 2.18 -1.33
C ALA L 25 -26.88 1.35 -2.09
N LEU L 26 -26.15 1.95 -3.02
CA LEU L 26 -25.07 1.27 -3.72
C LEU L 26 -23.70 1.78 -3.33
N GLU L 27 -23.55 3.09 -3.12
CA GLU L 27 -22.31 3.63 -2.61
C GLU L 27 -22.24 3.62 -1.09
N GLU L 28 -23.24 3.03 -0.43
CA GLU L 28 -23.10 2.65 0.96
C GLU L 28 -22.24 1.41 1.11
N LEU L 29 -22.02 0.67 0.02
CA LEU L 29 -21.10 -0.45 0.03
C LEU L 29 -19.68 0.04 0.22
N SER L 30 -18.86 -0.78 0.84
CA SER L 30 -17.45 -0.46 0.97
C SER L 30 -16.73 -0.71 -0.35
N GLN L 31 -15.43 -0.41 -0.36
CA GLN L 31 -14.62 -0.70 -1.52
C GLN L 31 -14.40 -2.20 -1.67
N GLU L 32 -14.42 -2.94 -0.57
CA GLU L 32 -14.23 -4.38 -0.63
C GLU L 32 -15.50 -5.08 -1.09
N GLN L 33 -16.66 -4.65 -0.59
CA GLN L 33 -17.91 -5.27 -1.00
C GLN L 33 -18.24 -4.98 -2.45
N LEU L 34 -17.83 -3.82 -2.96
CA LEU L 34 -18.05 -3.50 -4.36
C LEU L 34 -17.22 -4.36 -5.29
N LYS L 35 -16.08 -4.87 -4.82
CA LYS L 35 -15.37 -5.87 -5.62
C LYS L 35 -16.09 -7.21 -5.59
N ARG L 36 -16.82 -7.47 -4.52
CA ARG L 36 -17.60 -8.69 -4.41
C ARG L 36 -18.98 -8.56 -5.00
N PHE L 37 -19.55 -7.36 -5.01
CA PHE L 37 -20.90 -7.16 -5.51
C PHE L 37 -20.94 -7.22 -7.03
N ARG L 38 -19.93 -6.66 -7.70
CA ARG L 38 -19.86 -6.76 -9.15
C ARG L 38 -19.60 -8.19 -9.58
N HIS L 39 -18.86 -8.93 -8.77
CA HIS L 39 -18.62 -10.34 -9.05
C HIS L 39 -19.90 -11.15 -8.86
N LYS L 40 -20.71 -10.79 -7.87
CA LYS L 40 -21.94 -11.51 -7.57
C LYS L 40 -23.14 -10.90 -8.27
N LEU L 41 -23.01 -10.65 -9.57
CA LEU L 41 -24.06 -9.95 -10.28
C LEU L 41 -24.39 -10.68 -11.56
N ARG L 42 -23.42 -11.41 -12.10
CA ARG L 42 -23.55 -12.10 -13.37
C ARG L 42 -24.10 -13.50 -13.22
N ASP L 43 -24.79 -13.79 -12.14
CA ASP L 43 -25.38 -15.10 -11.93
C ASP L 43 -26.89 -15.08 -11.90
N VAL L 44 -27.50 -13.93 -11.73
CA VAL L 44 -28.95 -13.84 -11.74
C VAL L 44 -29.47 -13.90 -13.17
N GLY L 45 -30.77 -14.06 -13.30
CA GLY L 45 -31.41 -14.08 -14.60
C GLY L 45 -32.33 -15.26 -14.76
N PRO L 46 -33.29 -15.15 -15.69
CA PRO L 46 -34.17 -16.29 -15.99
C PRO L 46 -33.38 -17.44 -16.60
N ASP L 47 -32.67 -17.16 -17.69
CA ASP L 47 -31.76 -18.12 -18.29
C ASP L 47 -30.74 -17.33 -19.11
N GLY L 48 -29.58 -17.09 -18.49
CA GLY L 48 -28.48 -16.44 -19.17
C GLY L 48 -28.68 -14.98 -19.52
N ARG L 49 -29.64 -14.30 -18.90
CA ARG L 49 -29.85 -12.89 -19.19
C ARG L 49 -29.27 -12.06 -18.05
N SER L 50 -27.98 -11.75 -18.16
CA SER L 50 -27.27 -10.97 -17.15
C SER L 50 -26.41 -9.94 -17.86
N ILE L 51 -25.76 -9.10 -17.06
CA ILE L 51 -24.88 -8.08 -17.62
C ILE L 51 -23.49 -8.67 -17.83
N PRO L 52 -22.90 -8.51 -19.01
CA PRO L 52 -21.58 -9.08 -19.27
C PRO L 52 -20.48 -8.31 -18.55
N TRP L 53 -19.28 -8.89 -18.57
CA TRP L 53 -18.14 -8.30 -17.88
C TRP L 53 -17.68 -6.98 -18.48
N GLY L 54 -17.83 -6.81 -19.80
CA GLY L 54 -17.21 -5.68 -20.48
C GLY L 54 -17.71 -4.34 -20.02
N ARG L 55 -18.91 -4.28 -19.47
CA ARG L 55 -19.45 -3.07 -18.89
C ARG L 55 -19.62 -3.18 -17.38
N LEU L 56 -18.90 -4.08 -16.72
CA LEU L 56 -18.97 -4.21 -15.28
C LEU L 56 -17.62 -4.15 -14.58
N GLU L 57 -16.53 -4.53 -15.25
CA GLU L 57 -15.26 -4.75 -14.57
C GLU L 57 -14.65 -3.47 -14.06
N ARG L 58 -14.75 -2.39 -14.83
CA ARG L 58 -14.24 -1.08 -14.45
C ARG L 58 -15.37 -0.09 -14.24
N ALA L 59 -16.43 -0.53 -13.57
CA ALA L 59 -17.57 0.31 -13.28
C ALA L 59 -17.41 0.91 -11.89
N ASP L 60 -17.67 2.21 -11.77
CA ASP L 60 -17.61 2.90 -10.50
C ASP L 60 -18.94 2.67 -9.76
N ALA L 61 -19.10 3.30 -8.60
CA ALA L 61 -20.32 3.12 -7.83
C ALA L 61 -21.50 3.84 -8.47
N VAL L 62 -21.28 5.01 -9.05
CA VAL L 62 -22.37 5.70 -9.74
C VAL L 62 -22.64 5.02 -11.07
N ASP L 63 -21.57 4.63 -11.77
CA ASP L 63 -21.69 3.97 -13.06
C ASP L 63 -22.40 2.63 -12.96
N LEU L 64 -22.23 1.94 -11.82
CA LEU L 64 -22.97 0.71 -11.59
C LEU L 64 -24.44 0.97 -11.37
N ALA L 65 -24.80 2.08 -10.75
CA ALA L 65 -26.21 2.42 -10.60
C ALA L 65 -26.82 2.96 -11.88
N GLU L 66 -26.00 3.24 -12.90
CA GLU L 66 -26.53 3.65 -14.19
C GLU L 66 -26.98 2.46 -15.02
N GLN L 67 -26.06 1.55 -15.35
CA GLN L 67 -26.42 0.47 -16.25
C GLN L 67 -27.23 -0.62 -15.57
N LEU L 68 -27.22 -0.68 -14.24
CA LEU L 68 -28.18 -1.55 -13.57
C LEU L 68 -29.59 -0.99 -13.70
N ALA L 69 -29.72 0.33 -13.81
CA ALA L 69 -31.03 0.91 -14.06
C ALA L 69 -31.44 0.80 -15.52
N GLN L 70 -30.50 0.56 -16.42
CA GLN L 70 -30.84 0.47 -17.84
C GLN L 70 -31.05 -0.95 -18.32
N PHE L 71 -30.29 -1.92 -17.79
CA PHE L 71 -30.44 -3.28 -18.27
C PHE L 71 -31.74 -3.90 -17.79
N TYR L 72 -32.13 -3.60 -16.56
CA TYR L 72 -33.35 -4.16 -15.99
C TYR L 72 -34.52 -3.21 -16.00
N GLY L 73 -34.28 -1.92 -16.13
CA GLY L 73 -35.31 -0.94 -15.89
C GLY L 73 -35.26 -0.53 -14.45
N PRO L 74 -35.50 0.76 -14.16
CA PRO L 74 -35.30 1.25 -12.80
C PRO L 74 -36.32 0.76 -11.80
N GLU L 75 -37.46 0.26 -12.25
CA GLU L 75 -38.47 -0.22 -11.31
C GLU L 75 -38.15 -1.62 -10.78
N PRO L 76 -37.73 -2.61 -11.58
CA PRO L 76 -37.24 -3.83 -10.95
C PRO L 76 -35.73 -3.90 -10.74
N ALA L 77 -35.01 -2.79 -10.89
CA ALA L 77 -33.59 -2.81 -10.57
C ALA L 77 -33.34 -2.94 -9.08
N LEU L 78 -34.29 -2.50 -8.25
CA LEU L 78 -34.15 -2.66 -6.81
C LEU L 78 -34.24 -4.13 -6.42
N GLU L 79 -35.11 -4.88 -7.08
CA GLU L 79 -35.30 -6.28 -6.70
C GLU L 79 -34.14 -7.14 -7.13
N VAL L 80 -33.49 -6.80 -8.25
CA VAL L 80 -32.28 -7.51 -8.66
C VAL L 80 -31.06 -7.03 -7.90
N ALA L 81 -31.16 -5.89 -7.21
CA ALA L 81 -30.05 -5.46 -6.37
C ALA L 81 -30.16 -6.03 -4.97
N ARG L 82 -31.37 -6.06 -4.41
CA ARG L 82 -31.57 -6.58 -3.07
C ARG L 82 -31.39 -8.09 -3.02
N LYS L 83 -31.69 -8.78 -4.11
CA LYS L 83 -31.47 -10.22 -4.14
C LYS L 83 -29.98 -10.55 -4.17
N THR L 84 -29.16 -9.65 -4.70
CA THR L 84 -27.72 -9.86 -4.72
C THR L 84 -27.00 -9.21 -3.55
N LEU L 85 -27.55 -8.17 -2.95
CA LEU L 85 -26.93 -7.60 -1.76
C LEU L 85 -27.02 -8.54 -0.58
N LYS L 86 -28.06 -9.36 -0.53
CA LYS L 86 -28.07 -10.45 0.45
C LYS L 86 -27.06 -11.52 0.08
N ARG L 87 -26.76 -11.66 -1.20
CA ARG L 87 -25.87 -12.70 -1.67
C ARG L 87 -24.41 -12.25 -1.73
N ALA L 88 -24.15 -10.94 -1.64
CA ALA L 88 -22.80 -10.42 -1.61
C ALA L 88 -22.30 -10.18 -0.19
N ASP L 89 -22.97 -10.80 0.80
CA ASP L 89 -22.65 -10.72 2.22
C ASP L 89 -22.71 -9.27 2.72
N ALA L 90 -23.74 -8.54 2.32
CA ALA L 90 -24.03 -7.21 2.86
C ALA L 90 -25.50 -7.15 3.20
N ARG L 91 -25.86 -7.64 4.38
CA ARG L 91 -27.25 -7.63 4.80
C ARG L 91 -27.63 -6.37 5.55
N ASP L 92 -26.67 -5.48 5.80
CA ASP L 92 -26.99 -4.22 6.45
C ASP L 92 -27.79 -3.32 5.53
N VAL L 93 -27.23 -2.99 4.36
CA VAL L 93 -27.84 -2.04 3.46
C VAL L 93 -29.07 -2.64 2.77
N ALA L 94 -29.07 -3.96 2.55
CA ALA L 94 -30.19 -4.62 1.88
C ALA L 94 -31.44 -4.59 2.74
N ALA L 95 -31.30 -4.81 4.04
CA ALA L 95 -32.43 -4.64 4.93
C ALA L 95 -32.75 -3.17 5.12
N GLN L 96 -31.74 -2.31 5.01
CA GLN L 96 -31.97 -0.87 5.14
C GLN L 96 -32.66 -0.32 3.90
N LEU L 97 -32.44 -0.95 2.75
CA LEU L 97 -33.17 -0.56 1.55
C LEU L 97 -34.63 -0.98 1.61
N GLN L 98 -34.92 -2.06 2.33
CA GLN L 98 -36.27 -2.66 2.30
C GLN L 98 -37.29 -1.76 2.98
N GLU L 99 -36.92 -1.10 4.08
CA GLU L 99 -37.86 -0.16 4.69
C GLU L 99 -37.93 1.14 3.89
N ARG L 100 -36.93 1.43 3.08
CA ARG L 100 -36.96 2.62 2.24
C ARG L 100 -37.53 2.37 0.86
N ARG L 101 -37.70 1.11 0.46
CA ARG L 101 -38.48 0.85 -0.72
C ARG L 101 -39.96 1.07 -0.45
N LEU L 102 -40.38 0.94 0.80
CA LEU L 102 -41.77 1.22 1.14
C LEU L 102 -42.07 2.71 1.16
N GLN L 103 -41.06 3.55 1.38
CA GLN L 103 -41.26 5.00 1.34
C GLN L 103 -40.95 5.57 -0.03
N ARG L 104 -41.59 5.01 -1.05
CA ARG L 104 -41.42 5.49 -2.42
C ARG L 104 -42.52 6.47 -2.75
N ARG M 14 -27.21 41.39 -15.37
CA ARG M 14 -27.12 41.35 -16.81
C ARG M 14 -26.98 39.90 -17.30
N LEU M 15 -27.02 39.73 -18.61
CA LEU M 15 -26.86 38.40 -19.18
C LEU M 15 -25.43 37.91 -19.08
N ALA M 16 -24.45 38.81 -19.18
CA ALA M 16 -23.05 38.41 -19.15
C ALA M 16 -22.62 37.98 -17.76
N VAL M 17 -23.03 38.71 -16.73
CA VAL M 17 -22.69 38.32 -15.36
C VAL M 17 -23.53 37.15 -14.89
N ALA M 18 -24.60 36.81 -15.61
CA ALA M 18 -25.36 35.63 -15.24
C ALA M 18 -24.67 34.35 -15.68
N ARG M 19 -23.89 34.41 -16.75
CA ARG M 19 -23.11 33.26 -17.18
C ARG M 19 -21.78 33.20 -16.47
N GLU M 20 -21.26 34.35 -16.06
CA GLU M 20 -19.98 34.39 -15.36
C GLU M 20 -20.12 33.77 -14.00
N LEU M 21 -21.26 33.98 -13.35
CA LEU M 21 -21.50 33.48 -12.01
C LEU M 21 -21.70 31.97 -12.01
N LEU M 22 -22.20 31.42 -13.11
CA LEU M 22 -22.49 30.00 -13.20
C LEU M 22 -21.24 29.19 -13.50
N LEU M 23 -20.45 29.65 -14.48
CA LEU M 23 -19.27 28.91 -14.90
C LEU M 23 -18.19 28.91 -13.83
N ALA M 24 -18.12 29.97 -13.02
CA ALA M 24 -17.19 29.99 -11.91
C ALA M 24 -17.70 29.22 -10.71
N ALA M 25 -18.99 28.88 -10.69
CA ALA M 25 -19.54 28.01 -9.66
C ALA M 25 -19.85 26.63 -10.19
N LEU M 26 -19.38 26.31 -11.38
CA LEU M 26 -19.51 24.96 -11.93
C LEU M 26 -18.19 24.23 -12.01
N GLU M 27 -17.11 24.91 -12.35
CA GLU M 27 -15.79 24.30 -12.31
C GLU M 27 -15.14 24.43 -10.94
N GLU M 28 -15.86 24.94 -9.95
CA GLU M 28 -15.46 24.77 -8.57
C GLU M 28 -15.77 23.35 -8.08
N LEU M 29 -16.60 22.62 -8.82
CA LEU M 29 -16.84 21.22 -8.52
C LEU M 29 -15.59 20.40 -8.78
N SER M 30 -15.43 19.33 -8.02
CA SER M 30 -14.32 18.42 -8.27
C SER M 30 -14.62 17.55 -9.48
N GLN M 31 -13.65 16.70 -9.82
CA GLN M 31 -13.87 15.75 -10.89
C GLN M 31 -14.84 14.66 -10.48
N GLU M 32 -14.91 14.37 -9.18
CA GLU M 32 -15.83 13.35 -8.71
C GLU M 32 -17.26 13.88 -8.64
N GLN M 33 -17.42 15.11 -8.17
CA GLN M 33 -18.76 15.69 -8.08
C GLN M 33 -19.35 15.94 -9.45
N LEU M 34 -18.52 16.26 -10.44
CA LEU M 34 -19.00 16.47 -11.79
C LEU M 34 -19.48 15.18 -12.43
N LYS M 35 -18.98 14.03 -11.99
CA LYS M 35 -19.58 12.78 -12.45
C LYS M 35 -20.93 12.56 -11.78
N ARG M 36 -21.11 13.11 -10.59
CA ARG M 36 -22.38 13.00 -9.87
C ARG M 36 -23.34 14.11 -10.22
N PHE M 37 -22.83 15.27 -10.61
CA PHE M 37 -23.69 16.41 -10.92
C PHE M 37 -24.38 16.23 -12.27
N ARG M 38 -23.67 15.68 -13.26
CA ARG M 38 -24.30 15.41 -14.55
C ARG M 38 -25.32 14.30 -14.41
N HIS M 39 -25.07 13.36 -13.51
CA HIS M 39 -26.04 12.30 -13.25
C HIS M 39 -27.26 12.84 -12.55
N LYS M 40 -27.08 13.82 -11.67
CA LYS M 40 -28.18 14.40 -10.90
C LYS M 40 -28.76 15.62 -11.58
N LEU M 41 -29.03 15.52 -12.88
CA LEU M 41 -29.45 16.70 -13.62
C LEU M 41 -30.68 16.38 -14.44
N ARG M 42 -30.84 15.11 -14.79
CA ARG M 42 -31.92 14.66 -15.65
C ARG M 42 -33.16 14.26 -14.87
N ASP M 43 -33.32 14.78 -13.67
CA ASP M 43 -34.49 14.47 -12.87
C ASP M 43 -35.36 15.68 -12.60
N VAL M 44 -34.83 16.89 -12.79
CA VAL M 44 -35.63 18.08 -12.59
C VAL M 44 -36.56 18.29 -13.79
N GLY M 45 -37.51 19.21 -13.63
CA GLY M 45 -38.42 19.56 -14.68
C GLY M 45 -39.85 19.57 -14.21
N PRO M 46 -40.72 20.29 -14.94
CA PRO M 46 -42.15 20.27 -14.62
C PRO M 46 -42.74 18.89 -14.84
N ASP M 47 -42.58 18.36 -16.05
CA ASP M 47 -42.97 17.00 -16.37
C ASP M 47 -42.15 16.56 -17.59
N GLY M 48 -41.04 15.86 -17.32
CA GLY M 48 -40.22 15.30 -18.38
C GLY M 48 -39.47 16.28 -19.24
N ARG M 49 -39.30 17.52 -18.79
CA ARG M 49 -38.56 18.51 -19.56
C ARG M 49 -37.16 18.66 -18.96
N SER M 50 -36.24 17.82 -19.40
CA SER M 50 -34.87 17.84 -18.90
C SER M 50 -33.94 17.70 -20.08
N ILE M 51 -32.64 17.77 -19.81
CA ILE M 51 -31.63 17.63 -20.85
C ILE M 51 -31.33 16.15 -21.05
N PRO M 52 -31.36 15.63 -22.27
CA PRO M 52 -31.08 14.21 -22.49
C PRO M 52 -29.61 13.89 -22.33
N TRP M 53 -29.32 12.58 -22.32
CA TRP M 53 -27.95 12.11 -22.12
C TRP M 53 -27.01 12.47 -23.26
N GLY M 54 -27.52 12.54 -24.49
CA GLY M 54 -26.66 12.64 -25.65
C GLY M 54 -25.82 13.90 -25.69
N ARG M 55 -26.25 14.94 -25.00
CA ARG M 55 -25.48 16.16 -24.87
C ARG M 55 -25.05 16.42 -23.43
N LEU M 56 -24.98 15.37 -22.61
CA LEU M 56 -24.51 15.51 -21.24
C LEU M 56 -23.40 14.56 -20.85
N GLU M 57 -23.30 13.40 -21.49
CA GLU M 57 -22.43 12.33 -21.00
C GLU M 57 -20.96 12.68 -21.14
N ARG M 58 -20.58 13.31 -22.24
CA ARG M 58 -19.22 13.72 -22.50
C ARG M 58 -19.11 15.25 -22.52
N ALA M 59 -19.76 15.90 -21.56
CA ALA M 59 -19.70 17.34 -21.43
C ALA M 59 -18.63 17.74 -20.44
N ASP M 60 -17.82 18.73 -20.81
CA ASP M 60 -16.77 19.25 -19.94
C ASP M 60 -17.41 20.24 -18.96
N ALA M 61 -16.60 20.88 -18.12
CA ALA M 61 -17.12 21.83 -17.16
C ALA M 61 -17.57 23.13 -17.82
N VAL M 62 -16.87 23.58 -18.85
CA VAL M 62 -17.31 24.78 -19.55
C VAL M 62 -18.49 24.43 -20.45
N ASP M 63 -18.43 23.28 -21.11
CA ASP M 63 -19.49 22.82 -22.00
C ASP M 63 -20.79 22.59 -21.25
N LEU M 64 -20.70 22.19 -19.99
CA LEU M 64 -21.90 22.05 -19.18
C LEU M 64 -22.49 23.40 -18.83
N ALA M 65 -21.67 24.43 -18.65
CA ALA M 65 -22.20 25.76 -18.42
C ALA M 65 -22.70 26.42 -19.68
N GLU M 66 -22.46 25.82 -20.85
CA GLU M 66 -23.00 26.34 -22.10
C GLU M 66 -24.44 25.89 -22.31
N GLN M 67 -24.67 24.58 -22.40
CA GLN M 67 -26.01 24.10 -22.72
C GLN M 67 -26.96 24.18 -21.54
N LEU M 68 -26.46 24.29 -20.32
CA LEU M 68 -27.35 24.61 -19.21
C LEU M 68 -27.84 26.04 -19.31
N ALA M 69 -27.04 26.93 -19.91
CA ALA M 69 -27.50 28.28 -20.15
C ALA M 69 -28.42 28.38 -21.36
N GLN M 70 -28.41 27.38 -22.24
CA GLN M 70 -29.25 27.43 -23.44
C GLN M 70 -30.57 26.69 -23.28
N PHE M 71 -30.58 25.58 -22.54
CA PHE M 71 -31.82 24.83 -22.42
C PHE M 71 -32.80 25.54 -21.52
N TYR M 72 -32.32 26.17 -20.46
CA TYR M 72 -33.20 26.86 -19.52
C TYR M 72 -33.22 28.36 -19.71
N GLY M 73 -32.23 28.93 -20.38
CA GLY M 73 -32.06 30.36 -20.38
C GLY M 73 -31.15 30.74 -19.24
N PRO M 74 -30.27 31.72 -19.45
CA PRO M 74 -29.25 32.03 -18.44
C PRO M 74 -29.79 32.65 -17.18
N GLU M 75 -30.98 33.21 -17.20
CA GLU M 75 -31.51 33.83 -16.00
C GLU M 75 -32.09 32.80 -15.01
N PRO M 76 -32.87 31.78 -15.42
CA PRO M 76 -33.18 30.73 -14.45
C PRO M 76 -32.26 29.52 -14.48
N ALA M 77 -31.12 29.59 -15.17
CA ALA M 77 -30.16 28.49 -15.11
C ALA M 77 -29.50 28.39 -13.76
N LEU M 78 -29.41 29.50 -13.03
CA LEU M 78 -28.86 29.46 -11.68
C LEU M 78 -29.76 28.70 -10.73
N GLU M 79 -31.07 28.86 -10.89
CA GLU M 79 -32.00 28.23 -9.96
C GLU M 79 -32.10 26.72 -10.21
N VAL M 80 -31.94 26.30 -11.47
CA VAL M 80 -31.90 24.86 -11.75
C VAL M 80 -30.53 24.27 -11.46
N ALA M 81 -29.51 25.11 -11.26
CA ALA M 81 -28.22 24.59 -10.86
C ALA M 81 -28.10 24.49 -9.35
N ARG M 82 -28.62 25.50 -8.64
CA ARG M 82 -28.53 25.50 -7.18
C ARG M 82 -29.46 24.46 -6.57
N LYS M 83 -30.58 24.16 -7.24
CA LYS M 83 -31.46 23.12 -6.74
C LYS M 83 -30.83 21.74 -6.88
N THR M 84 -29.93 21.57 -7.85
CA THR M 84 -29.24 20.30 -8.02
C THR M 84 -27.89 20.24 -7.33
N LEU M 85 -27.23 21.38 -7.12
CA LEU M 85 -25.98 21.36 -6.36
C LEU M 85 -26.21 21.00 -4.91
N LYS M 86 -27.38 21.34 -4.36
CA LYS M 86 -27.75 20.82 -3.06
C LYS M 86 -28.05 19.33 -3.13
N ARG M 87 -28.50 18.86 -4.29
CA ARG M 87 -28.89 17.48 -4.46
C ARG M 87 -27.75 16.59 -4.92
N ALA M 88 -26.64 17.17 -5.39
CA ALA M 88 -25.47 16.41 -5.80
C ALA M 88 -24.43 16.32 -4.69
N ASP M 89 -24.85 16.60 -3.45
CA ASP M 89 -24.02 16.57 -2.25
C ASP M 89 -22.84 17.53 -2.35
N ALA M 90 -23.11 18.74 -2.83
CA ALA M 90 -22.11 19.82 -2.83
C ALA M 90 -22.79 21.07 -2.29
N ARG M 91 -22.87 21.20 -0.97
CA ARG M 91 -23.50 22.35 -0.37
C ARG M 91 -22.54 23.49 -0.13
N ASP M 92 -21.25 23.29 -0.40
CA ASP M 92 -20.29 24.37 -0.26
C ASP M 92 -20.51 25.45 -1.32
N VAL M 93 -20.42 25.06 -2.59
CA VAL M 93 -20.49 26.01 -3.68
C VAL M 93 -21.92 26.54 -3.87
N ALA M 94 -22.93 25.73 -3.54
CA ALA M 94 -24.32 26.15 -3.70
C ALA M 94 -24.68 27.25 -2.73
N ALA M 95 -24.22 27.16 -1.48
CA ALA M 95 -24.40 28.26 -0.56
C ALA M 95 -23.47 29.42 -0.92
N GLN M 96 -22.33 29.12 -1.52
CA GLN M 96 -21.41 30.17 -1.93
C GLN M 96 -21.94 30.91 -3.15
N LEU M 97 -22.73 30.23 -3.98
CA LEU M 97 -23.37 30.90 -5.11
C LEU M 97 -24.50 31.81 -4.65
N GLN M 98 -25.13 31.48 -3.52
CA GLN M 98 -26.33 32.18 -3.09
C GLN M 98 -26.03 33.62 -2.67
N GLU M 99 -24.91 33.84 -1.99
CA GLU M 99 -24.55 35.21 -1.65
C GLU M 99 -24.02 35.96 -2.86
N ARG M 100 -23.56 35.24 -3.89
CA ARG M 100 -23.08 35.89 -5.10
C ARG M 100 -24.17 36.03 -6.15
N ARG M 101 -25.31 35.36 -6.00
CA ARG M 101 -26.44 35.69 -6.84
C ARG M 101 -27.04 37.03 -6.43
N LEU M 102 -26.86 37.44 -5.17
CA LEU M 102 -27.34 38.74 -4.75
C LEU M 102 -26.47 39.87 -5.27
N GLN M 103 -25.20 39.60 -5.57
CA GLN M 103 -24.32 40.62 -6.14
C GLN M 103 -24.31 40.56 -7.66
N ARG M 104 -25.49 40.60 -8.27
CA ARG M 104 -25.61 40.60 -9.72
C ARG M 104 -25.71 42.02 -10.23
N ARG N 14 2.52 49.49 -37.71
CA ARG N 14 1.94 49.23 -39.02
C ARG N 14 0.83 48.20 -38.93
N LEU N 15 0.14 47.98 -40.05
CA LEU N 15 -0.93 46.99 -40.08
C LEU N 15 -0.38 45.57 -40.03
N ALA N 16 0.78 45.34 -40.64
CA ALA N 16 1.33 43.98 -40.69
C ALA N 16 1.86 43.54 -39.34
N VAL N 17 2.55 44.43 -38.62
CA VAL N 17 3.03 44.08 -37.28
C VAL N 17 1.90 44.08 -36.26
N ALA N 18 0.74 44.65 -36.59
CA ALA N 18 -0.38 44.59 -35.67
C ALA N 18 -1.04 43.22 -35.71
N ARG N 19 -0.98 42.52 -36.82
CA ARG N 19 -1.51 41.16 -36.88
C ARG N 19 -0.49 40.15 -36.44
N GLU N 20 0.80 40.48 -36.61
CA GLU N 20 1.87 39.57 -36.21
C GLU N 20 1.90 39.44 -34.69
N LEU N 21 1.65 40.55 -34.01
CA LEU N 21 1.70 40.60 -32.55
C LEU N 21 0.53 39.85 -31.94
N LEU N 22 -0.60 39.80 -32.63
CA LEU N 22 -1.81 39.16 -32.12
C LEU N 22 -1.76 37.66 -32.29
N LEU N 23 -1.38 37.19 -33.48
CA LEU N 23 -1.37 35.77 -33.77
C LEU N 23 -0.30 35.03 -32.99
N ALA N 24 0.81 35.70 -32.68
CA ALA N 24 1.83 35.10 -31.83
C ALA N 24 1.48 35.18 -30.35
N ALA N 25 0.49 35.99 -30.00
CA ALA N 25 -0.02 36.03 -28.63
C ALA N 25 -1.38 35.39 -28.52
N LEU N 26 -1.82 34.68 -29.56
CA LEU N 26 -3.06 33.93 -29.52
C LEU N 26 -2.83 32.43 -29.51
N GLU N 27 -1.85 31.93 -30.27
CA GLU N 27 -1.50 30.53 -30.22
C GLU N 27 -0.46 30.25 -29.13
N GLU N 28 -0.12 31.24 -28.31
CA GLU N 28 0.55 30.97 -27.06
C GLU N 28 -0.43 30.43 -26.02
N LEU N 29 -1.73 30.56 -26.26
CA LEU N 29 -2.73 29.95 -25.40
C LEU N 29 -2.68 28.44 -25.54
N SER N 30 -3.02 27.75 -24.46
CA SER N 30 -3.11 26.30 -24.51
C SER N 30 -4.38 25.87 -25.23
N GLN N 31 -4.54 24.56 -25.36
CA GLN N 31 -5.78 24.04 -25.93
C GLN N 31 -6.94 24.21 -24.97
N GLU N 32 -6.65 24.23 -23.67
CA GLU N 32 -7.72 24.40 -22.68
C GLU N 32 -8.16 25.85 -22.60
N GLN N 33 -7.20 26.79 -22.63
CA GLN N 33 -7.55 28.19 -22.55
C GLN N 33 -8.27 28.66 -23.78
N LEU N 34 -7.96 28.08 -24.94
CA LEU N 34 -8.64 28.43 -26.17
C LEU N 34 -10.09 27.98 -26.17
N LYS N 35 -10.44 26.94 -25.41
CA LYS N 35 -11.84 26.62 -25.23
C LYS N 35 -12.52 27.62 -24.31
N ARG N 36 -11.75 28.23 -23.42
CA ARG N 36 -12.27 29.24 -22.52
C ARG N 36 -12.21 30.64 -23.12
N PHE N 37 -11.25 30.89 -24.01
CA PHE N 37 -11.10 32.22 -24.57
C PHE N 37 -12.17 32.51 -25.62
N ARG N 38 -12.53 31.50 -26.42
CA ARG N 38 -13.62 31.70 -27.37
C ARG N 38 -14.95 31.85 -26.66
N HIS N 39 -15.09 31.19 -25.51
CA HIS N 39 -16.29 31.35 -24.71
C HIS N 39 -16.34 32.73 -24.08
N LYS N 40 -15.20 33.27 -23.69
CA LYS N 40 -15.13 34.57 -23.03
C LYS N 40 -14.88 35.69 -24.03
N LEU N 41 -15.64 35.70 -25.12
CA LEU N 41 -15.36 36.66 -26.18
C LEU N 41 -16.64 37.35 -26.59
N ARG N 42 -17.77 36.67 -26.40
CA ARG N 42 -19.07 37.16 -26.83
C ARG N 42 -19.76 37.99 -25.76
N ASP N 43 -19.01 38.57 -24.84
CA ASP N 43 -19.58 39.40 -23.81
C ASP N 43 -19.14 40.84 -23.88
N VAL N 44 -18.06 41.13 -24.61
CA VAL N 44 -17.61 42.50 -24.77
C VAL N 44 -18.49 43.22 -25.77
N GLY N 45 -18.33 44.54 -25.82
CA GLY N 45 -19.06 45.36 -26.77
C GLY N 45 -19.70 46.55 -26.11
N PRO N 46 -20.00 47.59 -26.90
CA PRO N 46 -20.72 48.74 -26.36
C PRO N 46 -22.13 48.37 -25.93
N ASP N 47 -22.89 47.79 -26.86
CA ASP N 47 -24.21 47.24 -26.55
C ASP N 47 -24.53 46.18 -27.62
N GLY N 48 -24.26 44.92 -27.29
CA GLY N 48 -24.60 43.82 -28.16
C GLY N 48 -23.82 43.72 -29.46
N ARG N 49 -22.67 44.37 -29.55
CA ARG N 49 -21.87 44.30 -30.77
C ARG N 49 -20.70 43.35 -30.50
N SER N 50 -20.92 42.07 -30.73
CA SER N 50 -19.90 41.04 -30.51
C SER N 50 -19.93 40.09 -31.69
N ILE N 51 -19.00 39.13 -31.67
CA ILE N 51 -18.94 38.13 -32.74
C ILE N 51 -19.88 36.98 -32.38
N PRO N 52 -20.75 36.56 -33.30
CA PRO N 52 -21.68 35.47 -33.00
C PRO N 52 -20.97 34.12 -32.96
N TRP N 53 -21.71 33.11 -32.50
CA TRP N 53 -21.15 31.76 -32.36
C TRP N 53 -20.82 31.12 -33.68
N GLY N 54 -21.56 31.41 -34.74
CA GLY N 54 -21.46 30.66 -35.98
C GLY N 54 -20.11 30.75 -36.65
N ARG N 55 -19.35 31.79 -36.35
CA ARG N 55 -17.99 31.93 -36.83
C ARG N 55 -16.97 31.90 -35.70
N LEU N 56 -17.33 31.32 -34.56
CA LEU N 56 -16.40 31.19 -33.45
C LEU N 56 -16.25 29.77 -32.92
N GLU N 57 -17.27 28.92 -33.06
CA GLU N 57 -17.31 27.65 -32.34
C GLU N 57 -16.26 26.68 -32.85
N ARG N 58 -16.05 26.63 -34.15
CA ARG N 58 -15.06 25.77 -34.79
C ARG N 58 -13.94 26.59 -35.40
N ALA N 59 -13.48 27.61 -34.68
CA ALA N 59 -12.38 28.45 -35.14
C ALA N 59 -11.06 27.94 -34.56
N ASP N 60 -10.05 27.85 -35.42
CA ASP N 60 -8.72 27.44 -35.01
C ASP N 60 -7.99 28.64 -34.40
N ALA N 61 -6.73 28.47 -34.03
CA ALA N 61 -5.98 29.56 -33.43
C ALA N 61 -5.61 30.62 -34.46
N VAL N 62 -5.30 30.23 -35.68
CA VAL N 62 -5.01 31.21 -36.71
C VAL N 62 -6.30 31.85 -37.20
N ASP N 63 -7.34 31.02 -37.35
CA ASP N 63 -8.65 31.50 -37.81
C ASP N 63 -9.27 32.48 -36.83
N LEU N 64 -8.99 32.30 -35.54
CA LEU N 64 -9.44 33.27 -34.55
C LEU N 64 -8.72 34.58 -34.67
N ALA N 65 -7.45 34.57 -35.04
CA ALA N 65 -6.73 35.81 -35.25
C ALA N 65 -7.07 36.46 -36.57
N GLU N 66 -7.81 35.78 -37.44
CA GLU N 66 -8.29 36.38 -38.68
C GLU N 66 -9.53 37.23 -38.45
N GLN N 67 -10.62 36.61 -38.00
CA GLN N 67 -11.86 37.36 -37.88
C GLN N 67 -11.90 38.29 -36.68
N LEU N 68 -11.03 38.09 -35.70
CA LEU N 68 -10.87 39.11 -34.67
C LEU N 68 -10.21 40.35 -35.24
N ALA N 69 -9.37 40.17 -36.26
CA ALA N 69 -8.78 41.32 -36.92
C ALA N 69 -9.75 41.97 -37.90
N GLN N 70 -10.80 41.27 -38.32
CA GLN N 70 -11.73 41.84 -39.29
C GLN N 70 -12.96 42.45 -38.63
N PHE N 71 -13.44 41.88 -37.53
CA PHE N 71 -14.65 42.43 -36.93
C PHE N 71 -14.36 43.74 -36.22
N TYR N 72 -13.20 43.85 -35.59
CA TYR N 72 -12.86 45.06 -34.85
C TYR N 72 -11.90 45.96 -35.61
N GLY N 73 -11.18 45.44 -36.60
CA GLY N 73 -10.09 46.17 -37.18
C GLY N 73 -8.82 45.79 -36.44
N PRO N 74 -7.70 45.67 -37.17
CA PRO N 74 -6.48 45.14 -36.54
C PRO N 74 -5.85 46.09 -35.54
N GLU N 75 -6.17 47.36 -35.58
CA GLU N 75 -5.55 48.30 -34.64
C GLU N 75 -6.22 48.26 -33.26
N PRO N 76 -7.55 48.21 -33.09
CA PRO N 76 -8.07 47.93 -31.75
C PRO N 76 -8.39 46.47 -31.47
N ALA N 77 -7.96 45.53 -32.32
CA ALA N 77 -8.14 44.12 -32.00
C ALA N 77 -7.27 43.69 -30.84
N LEU N 78 -6.14 44.37 -30.62
CA LEU N 78 -5.29 44.05 -29.48
C LEU N 78 -5.98 44.42 -28.17
N GLU N 79 -6.69 45.54 -28.16
CA GLU N 79 -7.31 46.00 -26.92
C GLU N 79 -8.52 45.15 -26.55
N VAL N 80 -9.24 44.62 -27.54
CA VAL N 80 -10.33 43.70 -27.24
C VAL N 80 -9.82 42.29 -26.99
N ALA N 81 -8.56 42.01 -27.30
CA ALA N 81 -8.00 40.72 -26.94
C ALA N 81 -7.39 40.73 -25.56
N ARG N 82 -6.69 41.83 -25.22
CA ARG N 82 -6.05 41.92 -23.91
C ARG N 82 -7.07 42.09 -22.80
N LYS N 83 -8.21 42.73 -23.11
CA LYS N 83 -9.25 42.86 -22.11
C LYS N 83 -9.90 41.52 -21.79
N THR N 84 -9.89 40.60 -22.75
CA THR N 84 -10.45 39.28 -22.54
C THR N 84 -9.42 38.24 -22.12
N LEU N 85 -8.15 38.44 -22.47
CA LEU N 85 -7.12 37.52 -21.99
C LEU N 85 -6.91 37.64 -20.50
N LYS N 86 -7.13 38.83 -19.94
CA LYS N 86 -7.18 38.95 -18.49
C LYS N 86 -8.43 38.29 -17.92
N ARG N 87 -9.50 38.24 -18.72
CA ARG N 87 -10.76 37.70 -18.27
C ARG N 87 -10.90 36.21 -18.54
N ALA N 88 -10.04 35.63 -19.37
CA ALA N 88 -10.04 34.20 -19.65
C ALA N 88 -9.05 33.45 -18.77
N ASP N 89 -8.59 34.08 -17.68
CA ASP N 89 -7.64 33.55 -16.72
C ASP N 89 -6.32 33.17 -17.39
N ALA N 90 -5.82 34.06 -18.25
CA ALA N 90 -4.48 33.91 -18.82
C ALA N 90 -3.79 35.27 -18.72
N ARG N 91 -3.21 35.54 -17.56
CA ARG N 91 -2.53 36.81 -17.35
C ARG N 91 -1.06 36.75 -17.73
N ASP N 92 -0.56 35.58 -18.12
CA ASP N 92 0.82 35.48 -18.58
C ASP N 92 1.01 36.18 -19.91
N VAL N 93 0.27 35.74 -20.93
CA VAL N 93 0.45 36.25 -22.28
C VAL N 93 -0.09 37.67 -22.41
N ALA N 94 -1.12 38.02 -21.63
CA ALA N 94 -1.71 39.36 -21.71
C ALA N 94 -0.75 40.42 -21.21
N ALA N 95 -0.04 40.13 -20.12
CA ALA N 95 1.01 41.03 -19.67
C ALA N 95 2.21 40.97 -20.61
N GLN N 96 2.43 39.81 -21.22
CA GLN N 96 3.54 39.67 -22.16
C GLN N 96 3.25 40.38 -23.45
N LEU N 97 1.97 40.52 -23.82
CA LEU N 97 1.60 41.30 -25.00
C LEU N 97 1.77 42.79 -24.73
N GLN N 98 1.62 43.23 -23.48
CA GLN N 98 1.59 44.65 -23.16
C GLN N 98 2.94 45.32 -23.39
N GLU N 99 4.03 44.63 -23.04
CA GLU N 99 5.34 45.20 -23.33
C GLU N 99 5.68 45.10 -24.81
N ARG N 100 5.03 44.19 -25.53
CA ARG N 100 5.27 44.07 -26.96
C ARG N 100 4.30 44.89 -27.80
N ARG N 101 3.23 45.41 -27.20
CA ARG N 101 2.46 46.42 -27.91
C ARG N 101 3.21 47.74 -27.95
N LEU N 102 4.10 47.98 -27.00
CA LEU N 102 4.91 49.18 -27.05
C LEU N 102 6.01 49.12 -28.10
N GLN N 103 6.43 47.92 -28.49
CA GLN N 103 7.43 47.76 -29.54
C GLN N 103 6.78 47.54 -30.89
N ARG N 104 5.87 48.45 -31.26
CA ARG N 104 5.21 48.38 -32.55
C ARG N 104 5.94 49.26 -33.55
N ARG O 14 17.11 -44.62 13.94
CA ARG O 14 16.45 -43.59 13.16
C ARG O 14 16.75 -42.21 13.72
N LEU O 15 16.30 -41.18 13.02
CA LEU O 15 16.51 -39.81 13.48
C LEU O 15 15.64 -39.48 14.67
N ALA O 16 14.43 -40.04 14.74
CA ALA O 16 13.51 -39.71 15.83
C ALA O 16 13.97 -40.33 17.14
N VAL O 17 14.41 -41.59 17.11
CA VAL O 17 14.91 -42.23 18.33
C VAL O 17 16.29 -41.72 18.70
N ALA O 18 16.98 -41.02 17.80
CA ALA O 18 18.26 -40.43 18.16
C ALA O 18 18.08 -39.17 18.99
N ARG O 19 16.98 -38.46 18.81
CA ARG O 19 16.70 -37.30 19.65
C ARG O 19 15.98 -37.69 20.92
N GLU O 20 15.23 -38.79 20.87
CA GLU O 20 14.51 -39.26 22.04
C GLU O 20 15.48 -39.74 23.11
N LEU O 21 16.56 -40.38 22.66
CA LEU O 21 17.56 -40.93 23.57
C LEU O 21 18.38 -39.85 24.24
N LEU O 22 18.54 -38.71 23.57
CA LEU O 22 19.36 -37.62 24.08
C LEU O 22 18.59 -36.78 25.08
N LEU O 23 17.35 -36.42 24.76
CA LEU O 23 16.57 -35.55 25.62
C LEU O 23 16.17 -36.25 26.92
N ALA O 24 16.00 -37.56 26.89
CA ALA O 24 15.74 -38.31 28.11
C ALA O 24 17.00 -38.58 28.89
N ALA O 25 18.17 -38.38 28.30
CA ALA O 25 19.44 -38.48 29.01
C ALA O 25 20.06 -37.12 29.25
N LEU O 26 19.31 -36.05 28.99
CA LEU O 26 19.77 -34.71 29.29
C LEU O 26 19.03 -34.07 30.45
N GLU O 27 17.72 -34.29 30.55
CA GLU O 27 16.97 -33.83 31.70
C GLU O 27 16.99 -34.83 32.85
N GLU O 28 17.76 -35.91 32.72
CA GLU O 28 18.13 -36.71 33.88
C GLU O 28 19.20 -36.03 34.71
N LEU O 29 19.87 -35.02 34.14
CA LEU O 29 20.80 -34.21 34.90
C LEU O 29 20.06 -33.39 35.94
N SER O 30 20.73 -33.11 37.05
CA SER O 30 20.15 -32.25 38.06
C SER O 30 20.24 -30.79 37.62
N GLN O 31 19.71 -29.91 38.47
CA GLN O 31 19.84 -28.49 38.19
C GLN O 31 21.26 -28.01 38.41
N GLU O 32 22.01 -28.69 39.29
CA GLU O 32 23.39 -28.29 39.53
C GLU O 32 24.30 -28.78 38.41
N GLN O 33 24.09 -30.00 37.94
CA GLN O 33 24.94 -30.53 36.87
C GLN O 33 24.69 -29.81 35.56
N LEU O 34 23.47 -29.33 35.34
CA LEU O 34 23.17 -28.58 34.13
C LEU O 34 23.84 -27.22 34.12
N LYS O 35 24.15 -26.65 35.29
CA LYS O 35 24.98 -25.46 35.31
C LYS O 35 26.42 -25.80 34.99
N ARG O 36 26.84 -27.02 35.29
CA ARG O 36 28.18 -27.47 35.00
C ARG O 36 28.30 -28.07 33.61
N PHE O 37 27.21 -28.64 33.09
CA PHE O 37 27.27 -29.28 31.78
C PHE O 37 27.30 -28.27 30.65
N ARG O 38 26.57 -27.17 30.80
CA ARG O 38 26.63 -26.11 29.80
C ARG O 38 27.98 -25.42 29.82
N HIS O 39 28.58 -25.34 31.00
CA HIS O 39 29.91 -24.78 31.11
C HIS O 39 30.95 -25.69 30.48
N LYS O 40 30.76 -27.00 30.60
CA LYS O 40 31.70 -27.99 30.08
C LYS O 40 31.31 -28.44 28.68
N LEU O 41 31.02 -27.49 27.80
CA LEU O 41 30.51 -27.86 26.49
C LEU O 41 31.27 -27.11 25.42
N ARG O 42 31.79 -25.95 25.78
CA ARG O 42 32.47 -25.06 24.84
C ARG O 42 33.96 -25.34 24.74
N ASP O 43 34.38 -26.55 25.08
CA ASP O 43 35.78 -26.92 24.99
C ASP O 43 36.05 -28.01 23.98
N VAL O 44 35.03 -28.74 23.57
CA VAL O 44 35.21 -29.78 22.56
C VAL O 44 35.33 -29.16 21.18
N GLY O 45 35.74 -29.97 20.22
CA GLY O 45 35.85 -29.53 18.85
C GLY O 45 37.17 -29.91 18.24
N PRO O 46 37.23 -29.97 16.90
CA PRO O 46 38.50 -30.21 16.22
C PRO O 46 39.48 -29.08 16.44
N ASP O 47 39.05 -27.86 16.10
CA ASP O 47 39.83 -26.65 16.39
C ASP O 47 38.85 -25.48 16.40
N GLY O 48 38.40 -25.12 17.61
CA GLY O 48 37.55 -23.95 17.78
C GLY O 48 36.15 -24.07 17.22
N ARG O 49 35.66 -25.27 16.95
CA ARG O 49 34.31 -25.44 16.43
C ARG O 49 33.41 -25.91 17.56
N SER O 50 32.87 -24.97 18.32
CA SER O 50 31.99 -25.27 19.43
C SER O 50 30.80 -24.32 19.39
N ILE O 51 29.88 -24.52 20.32
CA ILE O 51 28.69 -23.68 20.40
C ILE O 51 29.03 -22.45 21.25
N PRO O 52 28.75 -21.24 20.77
CA PRO O 52 29.05 -20.04 21.55
C PRO O 52 28.11 -19.87 22.73
N TRP O 53 28.46 -18.92 23.59
CA TRP O 53 27.68 -18.66 24.80
C TRP O 53 26.29 -18.11 24.52
N GLY O 54 26.13 -17.34 23.45
CA GLY O 54 24.89 -16.59 23.23
C GLY O 54 23.67 -17.45 23.08
N ARG O 55 23.85 -18.69 22.66
CA ARG O 55 22.76 -19.65 22.58
C ARG O 55 22.92 -20.80 23.57
N LEU O 56 23.70 -20.60 24.64
CA LEU O 56 23.86 -21.62 25.66
C LEU O 56 23.56 -21.16 27.07
N GLU O 57 23.72 -19.86 27.36
CA GLU O 57 23.72 -19.39 28.74
C GLU O 57 22.35 -19.49 29.39
N ARG O 58 21.30 -19.20 28.64
CA ARG O 58 19.93 -19.28 29.11
C ARG O 58 19.17 -20.37 28.37
N ALA O 59 19.81 -21.52 28.20
CA ALA O 59 19.18 -22.66 27.54
C ALA O 59 18.58 -23.59 28.59
N ASP O 60 17.36 -24.03 28.35
CA ASP O 60 16.69 -24.97 29.23
C ASP O 60 17.17 -26.38 28.90
N ALA O 61 16.60 -27.39 29.57
CA ALA O 61 17.01 -28.77 29.32
C ALA O 61 16.51 -29.28 27.97
N VAL O 62 15.31 -28.88 27.56
CA VAL O 62 14.83 -29.29 26.25
C VAL O 62 15.52 -28.47 25.17
N ASP O 63 15.70 -27.17 25.43
CA ASP O 63 16.35 -26.26 24.48
C ASP O 63 17.81 -26.65 24.24
N LEU O 64 18.46 -27.21 25.25
CA LEU O 64 19.81 -27.72 25.06
C LEU O 64 19.83 -28.95 24.19
N ALA O 65 18.81 -29.79 24.28
CA ALA O 65 18.74 -30.95 23.40
C ALA O 65 18.30 -30.59 21.99
N GLU O 66 17.86 -29.35 21.76
CA GLU O 66 17.53 -28.88 20.43
C GLU O 66 18.77 -28.46 19.66
N GLN O 67 19.48 -27.45 20.15
CA GLN O 67 20.60 -26.94 19.37
C GLN O 67 21.84 -27.83 19.44
N LEU O 68 21.92 -28.73 20.42
CA LEU O 68 22.95 -29.75 20.35
C LEU O 68 22.67 -30.73 19.24
N ALA O 69 21.39 -30.94 18.92
CA ALA O 69 21.05 -31.78 17.79
C ALA O 69 21.21 -31.07 16.46
N GLN O 70 21.26 -29.74 16.47
CA GLN O 70 21.39 -28.98 15.22
C GLN O 70 22.81 -28.59 14.89
N PHE O 71 23.63 -28.29 15.89
CA PHE O 71 24.99 -27.87 15.59
C PHE O 71 25.85 -29.04 15.15
N TYR O 72 25.64 -30.21 15.73
CA TYR O 72 26.43 -31.38 15.39
C TYR O 72 25.71 -32.35 14.47
N GLY O 73 24.40 -32.27 14.40
CA GLY O 73 23.62 -33.31 13.76
C GLY O 73 23.23 -34.33 14.80
N PRO O 74 22.02 -34.88 14.70
CA PRO O 74 21.52 -35.76 15.77
C PRO O 74 22.22 -37.09 15.86
N GLU O 75 22.90 -37.52 14.82
CA GLU O 75 23.56 -38.81 14.87
C GLU O 75 24.90 -38.75 15.62
N PRO O 76 25.78 -37.76 15.45
CA PRO O 76 26.92 -37.66 16.38
C PRO O 76 26.70 -36.72 17.55
N ALA O 77 25.47 -36.26 17.82
CA ALA O 77 25.23 -35.47 19.00
C ALA O 77 25.34 -36.30 20.27
N LEU O 78 25.09 -37.61 20.19
CA LEU O 78 25.25 -38.48 21.33
C LEU O 78 26.72 -38.60 21.74
N GLU O 79 27.61 -38.66 20.75
CA GLU O 79 29.02 -38.85 21.06
C GLU O 79 29.65 -37.59 21.63
N VAL O 80 29.18 -36.42 21.22
CA VAL O 80 29.65 -35.18 21.83
C VAL O 80 28.95 -34.90 23.15
N ALA O 81 27.87 -35.60 23.45
CA ALA O 81 27.26 -35.45 24.76
C ALA O 81 27.86 -36.41 25.77
N ARG O 82 28.13 -37.66 25.34
CA ARG O 82 28.68 -38.64 26.26
C ARG O 82 30.13 -38.33 26.60
N LYS O 83 30.86 -37.70 25.67
CA LYS O 83 32.23 -37.31 25.95
C LYS O 83 32.28 -36.19 26.99
N THR O 84 31.24 -35.37 27.07
CA THR O 84 31.18 -34.30 28.04
C THR O 84 30.44 -34.67 29.31
N LEU O 85 29.51 -35.63 29.25
CA LEU O 85 28.86 -36.09 30.47
C LEU O 85 29.83 -36.83 31.37
N LYS O 86 30.83 -37.50 30.80
CA LYS O 86 31.91 -38.02 31.62
C LYS O 86 32.77 -36.89 32.17
N ARG O 87 32.83 -35.77 31.46
CA ARG O 87 33.68 -34.66 31.83
C ARG O 87 32.97 -33.65 32.73
N ALA O 88 31.64 -33.72 32.83
CA ALA O 88 30.88 -32.85 33.70
C ALA O 88 30.59 -33.50 35.04
N ASP O 89 31.33 -34.57 35.38
CA ASP O 89 31.21 -35.33 36.62
C ASP O 89 29.80 -35.93 36.78
N ALA O 90 29.27 -36.49 35.69
CA ALA O 90 28.02 -37.25 35.75
C ALA O 90 28.23 -38.55 34.99
N ARG O 91 28.81 -39.55 35.66
CA ARG O 91 29.06 -40.82 35.02
C ARG O 91 27.90 -41.79 35.16
N ASP O 92 26.86 -41.41 35.89
CA ASP O 92 25.68 -42.26 36.01
C ASP O 92 24.92 -42.33 34.69
N VAL O 93 24.48 -41.18 34.19
CA VAL O 93 23.65 -41.13 33.00
C VAL O 93 24.46 -41.44 31.74
N ALA O 94 25.74 -41.11 31.74
CA ALA O 94 26.59 -41.35 30.57
C ALA O 94 26.80 -42.83 30.33
N ALA O 95 27.02 -43.59 31.40
CA ALA O 95 27.07 -45.04 31.27
C ALA O 95 25.69 -45.61 31.02
N GLN O 96 24.65 -44.94 31.53
CA GLN O 96 23.29 -45.40 31.30
C GLN O 96 22.85 -45.12 29.87
N LEU O 97 23.41 -44.08 29.24
CA LEU O 97 23.14 -43.82 27.84
C LEU O 97 23.83 -44.84 26.94
N GLN O 98 24.96 -45.39 27.39
CA GLN O 98 25.78 -46.25 26.53
C GLN O 98 25.10 -47.56 26.22
N GLU O 99 24.41 -48.16 27.19
CA GLU O 99 23.66 -49.38 26.90
C GLU O 99 22.39 -49.08 26.12
N ARG O 100 21.90 -47.84 26.17
CA ARG O 100 20.72 -47.47 25.41
C ARG O 100 21.05 -46.88 24.05
N ARG O 101 22.32 -46.54 23.79
CA ARG O 101 22.70 -46.25 22.42
C ARG O 101 22.75 -47.53 21.60
N LEU O 102 22.98 -48.67 22.24
CA LEU O 102 22.97 -49.93 21.51
C LEU O 102 21.56 -50.38 21.16
N GLN O 103 20.55 -49.92 21.89
CA GLN O 103 19.15 -50.25 21.57
C GLN O 103 18.52 -49.16 20.71
N ARG O 104 19.17 -48.84 19.61
CA ARG O 104 18.64 -47.84 18.68
C ARG O 104 17.88 -48.54 17.57
N ARG P 14 -19.47 -33.98 14.91
CA ARG P 14 -19.47 -32.92 13.92
C ARG P 14 -18.09 -32.27 13.82
N LEU P 15 -17.93 -31.37 12.85
CA LEU P 15 -16.66 -30.67 12.70
C LEU P 15 -16.44 -29.65 13.80
N ALA P 16 -17.52 -29.02 14.28
CA ALA P 16 -17.37 -27.98 15.30
C ALA P 16 -17.00 -28.56 16.65
N VAL P 17 -17.62 -29.67 17.03
CA VAL P 17 -17.27 -30.31 18.30
C VAL P 17 -15.95 -31.06 18.21
N ALA P 18 -15.45 -31.29 17.00
CA ALA P 18 -14.13 -31.91 16.87
C ALA P 18 -13.01 -30.93 17.16
N ARG P 19 -13.24 -29.64 16.91
CA ARG P 19 -12.24 -28.64 17.26
C ARG P 19 -12.41 -28.16 18.68
N GLU P 20 -13.64 -28.23 19.20
CA GLU P 20 -13.90 -27.81 20.56
C GLU P 20 -13.23 -28.76 21.55
N LEU P 21 -13.22 -30.04 21.22
CA LEU P 21 -12.66 -31.06 22.08
C LEU P 21 -11.14 -31.00 22.12
N LEU P 22 -10.53 -30.52 21.04
CA LEU P 22 -9.09 -30.45 20.93
C LEU P 22 -8.52 -29.23 21.64
N LEU P 23 -9.13 -28.06 21.43
CA LEU P 23 -8.62 -26.82 22.00
C LEU P 23 -8.81 -26.80 23.51
N ALA P 24 -9.84 -27.45 24.02
CA ALA P 24 -10.01 -27.55 25.47
C ALA P 24 -9.13 -28.63 26.08
N ALA P 25 -8.55 -29.51 25.25
CA ALA P 25 -7.59 -30.49 25.72
C ALA P 25 -6.19 -30.15 25.28
N LEU P 26 -5.97 -28.94 24.77
CA LEU P 26 -4.64 -28.47 24.43
C LEU P 26 -4.16 -27.37 25.34
N GLU P 27 -5.03 -26.45 25.76
CA GLU P 27 -4.68 -25.46 26.75
C GLU P 27 -4.89 -25.95 28.17
N GLU P 28 -5.25 -27.23 28.34
CA GLU P 28 -5.11 -27.87 29.64
C GLU P 28 -3.66 -28.21 29.93
N LEU P 29 -2.80 -28.20 28.92
CA LEU P 29 -1.38 -28.37 29.12
C LEU P 29 -0.80 -27.18 29.87
N SER P 30 0.24 -27.43 30.66
CA SER P 30 0.92 -26.34 31.33
C SER P 30 1.80 -25.59 30.34
N GLN P 31 2.46 -24.55 30.85
CA GLN P 31 3.42 -23.82 30.02
C GLN P 31 4.68 -24.64 29.79
N GLU P 32 4.99 -25.54 30.72
CA GLU P 32 6.18 -26.37 30.54
C GLU P 32 5.92 -27.51 29.57
N GLN P 33 4.74 -28.14 29.66
CA GLN P 33 4.42 -29.23 28.76
C GLN P 33 4.24 -28.75 27.33
N LEU P 34 3.76 -27.52 27.15
CA LEU P 34 3.62 -26.97 25.82
C LEU P 34 4.96 -26.69 25.16
N LYS P 35 6.01 -26.47 25.94
CA LYS P 35 7.34 -26.41 25.35
C LYS P 35 7.82 -27.79 24.94
N ARG P 36 7.33 -28.82 25.63
CA ARG P 36 7.68 -30.20 25.31
C ARG P 36 6.76 -30.79 24.26
N PHE P 37 5.51 -30.34 24.21
CA PHE P 37 4.55 -30.90 23.27
C PHE P 37 4.81 -30.44 21.85
N ARG P 38 5.21 -29.18 21.67
CA ARG P 38 5.57 -28.70 20.34
C ARG P 38 6.85 -29.36 19.87
N HIS P 39 7.74 -29.67 20.79
CA HIS P 39 8.97 -30.37 20.44
C HIS P 39 8.67 -31.82 20.06
N LYS P 40 7.69 -32.43 20.72
CA LYS P 40 7.34 -33.83 20.47
C LYS P 40 6.22 -33.94 19.45
N LEU P 41 6.34 -33.24 18.33
CA LEU P 41 5.25 -33.20 17.38
C LEU P 41 5.77 -33.46 15.97
N ARG P 42 7.04 -33.15 15.76
CA ARG P 42 7.67 -33.27 14.45
C ARG P 42 8.30 -34.62 14.22
N ASP P 43 7.84 -35.64 14.92
CA ASP P 43 8.37 -36.98 14.74
C ASP P 43 7.34 -37.96 14.22
N VAL P 44 6.05 -37.63 14.31
CA VAL P 44 5.02 -38.50 13.78
C VAL P 44 4.96 -38.38 12.26
N GLY P 45 4.24 -39.30 11.64
CA GLY P 45 4.04 -39.27 10.22
C GLY P 45 4.30 -40.62 9.58
N PRO P 46 3.73 -40.84 8.39
CA PRO P 46 4.01 -42.08 7.65
C PRO P 46 5.48 -42.15 7.24
N ASP P 47 5.93 -41.13 6.52
CA ASP P 47 7.35 -40.98 6.18
C ASP P 47 7.60 -39.50 5.90
N GLY P 48 8.09 -38.79 6.92
CA GLY P 48 8.49 -37.41 6.77
C GLY P 48 7.35 -36.42 6.54
N ARG P 49 6.12 -36.78 6.86
CA ARG P 49 5.00 -35.87 6.68
C ARG P 49 4.60 -35.32 8.04
N SER P 50 5.26 -34.24 8.46
CA SER P 50 5.00 -33.61 9.73
C SER P 50 4.95 -32.10 9.53
N ILE P 51 4.65 -31.38 10.59
CA ILE P 51 4.58 -29.92 10.53
C ILE P 51 5.99 -29.36 10.76
N PRO P 52 6.48 -28.46 9.91
CA PRO P 52 7.81 -27.91 10.10
C PRO P 52 7.87 -26.93 11.25
N TRP P 53 9.10 -26.53 11.59
CA TRP P 53 9.32 -25.62 12.72
C TRP P 53 8.78 -24.24 12.48
N GLY P 54 8.78 -23.76 11.24
CA GLY P 54 8.49 -22.36 10.97
C GLY P 54 7.11 -21.92 11.37
N ARG P 55 6.17 -22.85 11.46
CA ARG P 55 4.84 -22.56 11.94
C ARG P 55 4.54 -23.28 13.26
N LEU P 56 5.56 -23.65 14.02
CA LEU P 56 5.37 -24.27 15.31
C LEU P 56 6.11 -23.61 16.46
N GLU P 57 7.22 -22.93 16.18
CA GLU P 57 8.13 -22.50 17.25
C GLU P 57 7.52 -21.40 18.11
N ARG P 58 6.81 -20.47 17.49
CA ARG P 58 6.15 -19.38 18.19
C ARG P 58 4.63 -19.51 18.08
N ALA P 59 4.13 -20.72 18.26
CA ALA P 59 2.70 -20.98 18.23
C ALA P 59 2.13 -20.95 19.63
N ASP P 60 1.01 -20.26 19.80
CA ASP P 60 0.32 -20.20 21.09
C ASP P 60 -0.51 -21.47 21.26
N ALA P 61 -1.27 -21.54 22.35
CA ALA P 61 -2.10 -22.73 22.59
C ALA P 61 -3.30 -22.77 21.66
N VAL P 62 -3.89 -21.63 21.34
CA VAL P 62 -5.00 -21.64 20.40
C VAL P 62 -4.48 -21.82 18.98
N ASP P 63 -3.35 -21.15 18.68
CA ASP P 63 -2.74 -21.23 17.35
C ASP P 63 -2.26 -22.64 17.04
N LEU P 64 -1.85 -23.39 18.07
CA LEU P 64 -1.49 -24.78 17.87
C LEU P 64 -2.70 -25.63 17.56
N ALA P 65 -3.85 -25.31 18.13
CA ALA P 65 -5.06 -26.05 17.81
C ALA P 65 -5.65 -25.64 16.47
N GLU P 66 -5.13 -24.57 15.85
CA GLU P 66 -5.56 -24.17 14.52
C GLU P 66 -4.86 -25.00 13.44
N GLN P 67 -3.53 -24.90 13.36
CA GLN P 67 -2.83 -25.56 12.27
C GLN P 67 -2.71 -27.07 12.48
N LEU P 68 -2.89 -27.56 13.70
CA LEU P 68 -3.02 -29.00 13.86
C LEU P 68 -4.34 -29.49 13.29
N ALA P 69 -5.36 -28.65 13.30
CA ALA P 69 -6.62 -29.00 12.67
C ALA P 69 -6.57 -28.84 11.16
N GLN P 70 -5.61 -28.08 10.63
CA GLN P 70 -5.54 -27.87 9.19
C GLN P 70 -4.57 -28.80 8.49
N PHE P 71 -3.45 -29.16 9.14
CA PHE P 71 -2.49 -30.02 8.48
C PHE P 71 -3.00 -31.45 8.38
N TYR P 72 -3.68 -31.92 9.41
CA TYR P 72 -4.18 -33.29 9.43
C TYR P 72 -5.66 -33.40 9.10
N GLY P 73 -6.41 -32.31 9.23
CA GLY P 73 -7.85 -32.39 9.19
C GLY P 73 -8.37 -32.58 10.59
N PRO P 74 -9.49 -31.96 10.92
CA PRO P 74 -9.95 -31.96 12.32
C PRO P 74 -10.44 -33.31 12.81
N GLU P 75 -10.78 -34.22 11.91
CA GLU P 75 -11.26 -35.52 12.36
C GLU P 75 -10.13 -36.46 12.79
N PRO P 76 -9.00 -36.59 12.09
CA PRO P 76 -7.88 -37.32 12.70
C PRO P 76 -6.87 -36.46 13.43
N ALA P 77 -7.16 -35.18 13.69
CA ALA P 77 -6.25 -34.38 14.50
C ALA P 77 -6.24 -34.83 15.95
N LEU P 78 -7.33 -35.44 16.42
CA LEU P 78 -7.36 -35.95 17.78
C LEU P 78 -6.43 -37.14 17.94
N GLU P 79 -6.37 -37.99 16.92
CA GLU P 79 -5.55 -39.20 17.03
C GLU P 79 -4.07 -38.88 16.95
N VAL P 80 -3.69 -37.85 16.19
CA VAL P 80 -2.30 -37.41 16.17
C VAL P 80 -1.96 -36.55 17.38
N ALA P 81 -2.96 -36.07 18.12
CA ALA P 81 -2.67 -35.36 19.35
C ALA P 81 -2.58 -36.31 20.53
N ARG P 82 -3.46 -37.30 20.59
CA ARG P 82 -3.44 -38.23 21.70
C ARG P 82 -2.24 -39.16 21.64
N LYS P 83 -1.76 -39.46 20.44
CA LYS P 83 -0.57 -40.28 20.31
C LYS P 83 0.67 -39.54 20.79
N THR P 84 0.66 -38.21 20.71
CA THR P 84 1.78 -37.41 21.19
C THR P 84 1.61 -36.91 22.61
N LEU P 85 0.37 -36.76 23.09
CA LEU P 85 0.18 -36.38 24.48
C LEU P 85 0.60 -37.49 25.42
N LYS P 86 0.49 -38.75 25.00
CA LYS P 86 1.09 -39.83 25.76
C LYS P 86 2.61 -39.78 25.66
N ARG P 87 3.13 -39.23 24.57
CA ARG P 87 4.56 -39.20 24.33
C ARG P 87 5.22 -37.93 24.87
N ALA P 88 4.44 -36.91 25.20
CA ALA P 88 4.96 -35.69 25.80
C ALA P 88 4.89 -35.70 27.31
N ASP P 89 4.72 -36.89 27.89
CA ASP P 89 4.62 -37.12 29.35
C ASP P 89 3.46 -36.34 29.95
N ALA P 90 2.31 -36.37 29.30
CA ALA P 90 1.07 -35.83 29.85
C ALA P 90 -0.03 -36.86 29.64
N ARG P 91 -0.12 -37.84 30.54
CA ARG P 91 -1.12 -38.88 30.41
C ARG P 91 -2.42 -38.51 31.13
N ASP P 92 -2.46 -37.38 31.82
CA ASP P 92 -3.70 -36.94 32.45
C ASP P 92 -4.73 -36.53 31.42
N VAL P 93 -4.38 -35.55 30.59
CA VAL P 93 -5.33 -34.99 29.64
C VAL P 93 -5.61 -35.94 28.49
N ALA P 94 -4.62 -36.78 28.12
CA ALA P 94 -4.78 -37.71 27.02
C ALA P 94 -5.79 -38.79 27.36
N ALA P 95 -5.74 -39.31 28.58
CA ALA P 95 -6.78 -40.23 29.02
C ALA P 95 -8.09 -39.50 29.25
N GLN P 96 -8.02 -38.22 29.62
CA GLN P 96 -9.23 -37.44 29.83
C GLN P 96 -9.88 -37.09 28.51
N LEU P 97 -9.08 -36.98 27.44
CA LEU P 97 -9.64 -36.77 26.12
C LEU P 97 -10.33 -38.02 25.59
N GLN P 98 -9.87 -39.19 26.01
CA GLN P 98 -10.34 -40.45 25.43
C GLN P 98 -11.79 -40.74 25.79
N GLU P 99 -12.20 -40.43 27.02
CA GLU P 99 -13.61 -40.60 27.35
C GLU P 99 -14.47 -39.49 26.76
N ARG P 100 -13.87 -38.36 26.40
CA ARG P 100 -14.60 -37.29 25.77
C ARG P 100 -14.57 -37.34 24.26
N ARG P 101 -13.70 -38.18 23.67
CA ARG P 101 -13.85 -38.45 22.25
C ARG P 101 -15.04 -39.35 21.99
N LEU P 102 -15.45 -40.14 22.99
CA LEU P 102 -16.63 -40.97 22.83
C LEU P 102 -17.91 -40.15 22.92
N GLN P 103 -17.89 -39.00 23.58
CA GLN P 103 -19.05 -38.13 23.65
C GLN P 103 -19.03 -37.07 22.56
N ARG P 104 -18.88 -37.51 21.32
CA ARG P 104 -18.87 -36.60 20.19
C ARG P 104 -20.27 -36.53 19.59
N ARG Q 14 -33.17 1.42 17.76
CA ARG Q 14 -32.83 1.94 16.45
C ARG Q 14 -31.61 1.23 15.88
N LEU Q 15 -31.28 1.53 14.62
CA LEU Q 15 -30.12 0.94 14.00
C LEU Q 15 -28.83 1.50 14.56
N ALA Q 16 -28.81 2.78 14.94
CA ALA Q 16 -27.59 3.40 15.41
C ALA Q 16 -27.22 2.91 16.80
N VAL Q 17 -28.20 2.79 17.69
CA VAL Q 17 -27.93 2.27 19.03
C VAL Q 17 -27.70 0.76 19.02
N ALA Q 18 -28.06 0.09 17.92
CA ALA Q 18 -27.78 -1.34 17.83
C ALA Q 18 -26.31 -1.59 17.52
N ARG Q 19 -25.66 -0.68 16.83
CA ARG Q 19 -24.23 -0.82 16.58
C ARG Q 19 -23.41 -0.24 17.71
N GLU Q 20 -23.97 0.73 18.42
CA GLU Q 20 -23.27 1.35 19.54
C GLU Q 20 -23.12 0.37 20.68
N LEU Q 21 -24.15 -0.45 20.88
CA LEU Q 21 -24.18 -1.42 21.96
C LEU Q 21 -23.22 -2.56 21.71
N LEU Q 22 -22.97 -2.88 20.45
CA LEU Q 22 -22.12 -4.00 20.08
C LEU Q 22 -20.65 -3.63 20.15
N LEU Q 23 -20.29 -2.47 19.60
CA LEU Q 23 -18.89 -2.07 19.55
C LEU Q 23 -18.35 -1.74 20.93
N ALA Q 24 -19.20 -1.24 21.82
CA ALA Q 24 -18.77 -1.02 23.20
C ALA Q 24 -18.77 -2.29 24.03
N ALA Q 25 -19.38 -3.37 23.53
CA ALA Q 25 -19.30 -4.66 24.17
C ALA Q 25 -18.41 -5.62 23.41
N LEU Q 26 -17.66 -5.12 22.43
CA LEU Q 26 -16.69 -5.92 21.71
C LEU Q 26 -15.26 -5.54 22.03
N GLU Q 27 -14.97 -4.26 22.20
CA GLU Q 27 -13.65 -3.83 22.64
C GLU Q 27 -13.54 -3.79 24.15
N GLU Q 28 -14.57 -4.26 24.87
CA GLU Q 28 -14.40 -4.60 26.28
C GLU Q 28 -13.67 -5.93 26.43
N LEU Q 29 -13.57 -6.71 25.36
CA LEU Q 29 -12.77 -7.92 25.38
C LEU Q 29 -11.30 -7.56 25.49
N SER Q 30 -10.53 -8.45 26.12
CA SER Q 30 -9.09 -8.26 26.18
C SER Q 30 -8.45 -8.62 24.85
N GLN Q 31 -7.14 -8.46 24.78
CA GLN Q 31 -6.41 -8.86 23.59
C GLN Q 31 -6.34 -10.38 23.50
N GLU Q 32 -6.39 -11.07 24.63
CA GLU Q 32 -6.35 -12.54 24.60
C GLU Q 32 -7.70 -13.12 24.20
N GLN Q 33 -8.78 -12.56 24.73
CA GLN Q 33 -10.11 -13.06 24.40
C GLN Q 33 -10.46 -12.80 22.94
N LEU Q 34 -9.96 -11.69 22.38
CA LEU Q 34 -10.21 -11.40 20.98
C LEU Q 34 -9.49 -12.37 20.06
N LYS Q 35 -8.40 -12.98 20.50
CA LYS Q 35 -7.82 -14.05 19.71
C LYS Q 35 -8.67 -15.30 19.81
N ARG Q 36 -9.39 -15.46 20.91
CA ARG Q 36 -10.28 -16.61 21.10
C ARG Q 36 -11.66 -16.35 20.56
N PHE Q 37 -12.10 -15.09 20.53
CA PHE Q 37 -13.45 -14.79 20.07
C PHE Q 37 -13.55 -14.88 18.55
N ARG Q 38 -12.52 -14.45 17.83
CA ARG Q 38 -12.53 -14.60 16.38
C ARG Q 38 -12.42 -16.06 15.99
N HIS Q 39 -11.73 -16.85 16.80
CA HIS Q 39 -11.65 -18.28 16.56
C HIS Q 39 -12.98 -18.94 16.82
N LYS Q 40 -13.72 -18.47 17.82
CA LYS Q 40 -14.99 -19.06 18.20
C LYS Q 40 -16.16 -18.36 17.52
N LEU Q 41 -16.05 -18.17 16.21
CA LEU Q 41 -17.06 -17.38 15.52
C LEU Q 41 -17.51 -18.12 14.27
N ARG Q 42 -16.64 -18.95 13.73
CA ARG Q 42 -16.89 -19.66 12.48
C ARG Q 42 -17.56 -21.00 12.70
N ASP Q 43 -18.25 -21.18 13.80
CA ASP Q 43 -18.94 -22.42 14.08
C ASP Q 43 -20.44 -22.26 14.17
N VAL Q 44 -20.93 -21.04 14.33
CA VAL Q 44 -22.37 -20.80 14.37
C VAL Q 44 -22.94 -20.85 12.96
N GLY Q 45 -24.26 -20.90 12.88
CA GLY Q 45 -24.95 -20.88 11.61
C GLY Q 45 -25.99 -21.97 11.52
N PRO Q 46 -26.97 -21.79 10.63
CA PRO Q 46 -27.97 -22.84 10.40
C PRO Q 46 -27.32 -24.08 9.81
N ASP Q 47 -26.63 -23.91 8.68
CA ASP Q 47 -25.84 -24.99 8.07
C ASP Q 47 -24.77 -24.32 7.20
N GLY Q 48 -23.58 -24.18 7.76
CA GLY Q 48 -22.45 -23.67 7.02
C GLY Q 48 -22.52 -22.21 6.62
N ARG Q 49 -23.37 -21.41 7.25
CA ARG Q 49 -23.47 -19.99 6.92
C ARG Q 49 -22.74 -19.20 8.00
N SER Q 50 -21.44 -19.02 7.85
CA SER Q 50 -20.63 -18.29 8.79
C SER Q 50 -19.70 -17.37 8.03
N ILE Q 51 -18.93 -16.58 8.77
CA ILE Q 51 -17.98 -15.66 8.15
C ILE Q 51 -16.67 -16.40 7.90
N PRO Q 52 -16.12 -16.34 6.69
CA PRO Q 52 -14.86 -17.05 6.41
C PRO Q 52 -13.67 -16.37 7.07
N TRP Q 53 -12.53 -17.06 7.02
CA TRP Q 53 -11.31 -16.56 7.64
C TRP Q 53 -10.75 -15.33 6.98
N GLY Q 54 -10.93 -15.17 5.68
CA GLY Q 54 -10.23 -14.15 4.93
C GLY Q 54 -10.57 -12.73 5.35
N ARG Q 55 -11.74 -12.55 5.96
CA ARG Q 55 -12.13 -11.27 6.51
C ARG Q 55 -12.26 -11.31 8.03
N LEU Q 56 -11.60 -12.26 8.68
CA LEU Q 56 -11.63 -12.34 10.14
C LEU Q 56 -10.26 -12.39 10.78
N GLU Q 57 -9.23 -12.90 10.08
CA GLU Q 57 -7.97 -13.23 10.72
C GLU Q 57 -7.21 -12.00 11.17
N ARG Q 58 -7.23 -10.95 10.37
CA ARG Q 58 -6.58 -9.68 10.68
C ARG Q 58 -7.60 -8.58 10.89
N ALA Q 59 -8.67 -8.89 11.62
CA ALA Q 59 -9.71 -7.92 11.92
C ALA Q 59 -9.44 -7.30 13.29
N ASP Q 60 -9.55 -5.98 13.37
CA ASP Q 60 -9.38 -5.25 14.62
C ASP Q 60 -10.68 -5.33 15.41
N ALA Q 61 -10.74 -4.65 16.56
CA ALA Q 61 -11.95 -4.68 17.38
C ALA Q 61 -13.07 -3.87 16.76
N VAL Q 62 -12.75 -2.75 16.12
CA VAL Q 62 -13.81 -1.98 15.46
C VAL Q 62 -14.19 -2.66 14.15
N ASP Q 63 -13.20 -3.19 13.44
CA ASP Q 63 -13.43 -3.86 12.16
C ASP Q 63 -14.26 -5.12 12.35
N LEU Q 64 -14.12 -5.79 13.50
CA LEU Q 64 -14.97 -6.92 13.80
C LEU Q 64 -16.40 -6.52 14.07
N ALA Q 65 -16.62 -5.36 14.65
CA ALA Q 65 -17.97 -4.88 14.84
C ALA Q 65 -18.58 -4.32 13.58
N GLU Q 66 -17.79 -4.15 12.51
CA GLU Q 66 -18.32 -3.73 11.22
C GLU Q 66 -18.92 -4.89 10.45
N GLN Q 67 -18.10 -5.90 10.13
CA GLN Q 67 -18.60 -6.97 9.28
C GLN Q 67 -19.49 -7.95 10.03
N LEU Q 68 -19.44 -7.97 11.35
CA LEU Q 68 -20.45 -8.72 12.08
C LEU Q 68 -21.80 -8.03 11.99
N ALA Q 69 -21.81 -6.71 11.83
CA ALA Q 69 -23.06 -6.00 11.62
C ALA Q 69 -23.54 -6.12 10.18
N GLN Q 70 -22.67 -6.47 9.24
CA GLN Q 70 -23.06 -6.57 7.85
C GLN Q 70 -23.43 -7.98 7.42
N PHE Q 71 -22.76 -8.99 7.96
CA PHE Q 71 -23.06 -10.35 7.53
C PHE Q 71 -24.39 -10.82 8.08
N TYR Q 72 -24.70 -10.44 9.32
CA TYR Q 72 -25.94 -10.87 9.95
C TYR Q 72 -27.01 -9.81 9.95
N GLY Q 73 -26.66 -8.54 9.77
CA GLY Q 73 -27.58 -7.46 10.00
C GLY Q 73 -27.43 -7.01 11.44
N PRO Q 74 -27.52 -5.70 11.68
CA PRO Q 74 -27.22 -5.19 13.03
C PRO Q 74 -28.25 -5.55 14.08
N GLU Q 75 -29.45 -5.94 13.68
CA GLU Q 75 -30.46 -6.28 14.67
C GLU Q 75 -30.27 -7.69 15.24
N PRO Q 76 -29.98 -8.75 14.47
CA PRO Q 76 -29.58 -10.00 15.11
C PRO Q 76 -28.08 -10.21 15.27
N ALA Q 77 -27.26 -9.18 15.05
CA ALA Q 77 -25.83 -9.34 15.32
C ALA Q 77 -25.55 -9.44 16.81
N LEU Q 78 -26.41 -8.88 17.65
CA LEU Q 78 -26.23 -9.01 19.09
C LEU Q 78 -26.45 -10.45 19.54
N GLU Q 79 -27.42 -11.13 18.94
CA GLU Q 79 -27.73 -12.49 19.38
C GLU Q 79 -26.67 -13.48 18.93
N VAL Q 80 -26.04 -13.25 17.77
CA VAL Q 80 -24.93 -14.09 17.35
C VAL Q 80 -23.63 -13.70 18.05
N ALA Q 81 -23.58 -12.54 18.70
CA ALA Q 81 -22.42 -12.20 19.48
C ALA Q 81 -22.52 -12.71 20.90
N ARG Q 82 -23.72 -12.61 21.50
CA ARG Q 82 -23.90 -13.06 22.87
C ARG Q 82 -23.86 -14.57 22.97
N LYS Q 83 -24.28 -15.26 21.92
CA LYS Q 83 -24.21 -16.72 21.92
C LYS Q 83 -22.77 -17.19 21.86
N THR Q 84 -21.88 -16.40 21.26
CA THR Q 84 -20.46 -16.75 21.20
C THR Q 84 -19.63 -16.15 22.31
N LEU Q 85 -20.06 -15.04 22.90
CA LEU Q 85 -19.34 -14.49 24.04
C LEU Q 85 -19.48 -15.39 25.26
N LYS Q 86 -20.60 -16.10 25.38
CA LYS Q 86 -20.68 -17.15 26.39
C LYS Q 86 -19.79 -18.32 26.03
N ARG Q 87 -19.55 -18.54 24.74
CA ARG Q 87 -18.78 -19.67 24.27
C ARG Q 87 -17.29 -19.37 24.14
N ALA Q 88 -16.90 -18.10 24.18
CA ALA Q 88 -15.50 -17.71 24.15
C ALA Q 88 -14.93 -17.49 25.54
N ASP Q 89 -15.61 -18.00 26.56
CA ASP Q 89 -15.24 -17.90 27.97
C ASP Q 89 -15.13 -16.45 28.42
N ALA Q 90 -16.10 -15.63 28.03
CA ALA Q 90 -16.23 -14.26 28.54
C ALA Q 90 -17.67 -14.04 28.93
N ARG Q 91 -18.03 -14.46 30.14
CA ARG Q 91 -19.40 -14.30 30.61
C ARG Q 91 -19.62 -12.98 31.33
N ASP Q 92 -18.57 -12.18 31.51
CA ASP Q 92 -18.73 -10.88 32.13
C ASP Q 92 -19.49 -9.93 31.21
N VAL Q 93 -18.94 -9.69 30.02
CA VAL Q 93 -19.49 -8.71 29.10
C VAL Q 93 -20.79 -9.21 28.48
N ALA Q 94 -20.93 -10.53 28.30
CA ALA Q 94 -22.13 -11.10 27.70
C ALA Q 94 -23.35 -10.91 28.60
N ALA Q 95 -23.17 -11.11 29.90
CA ALA Q 95 -24.25 -10.79 30.84
C ALA Q 95 -24.41 -9.29 30.98
N GLN Q 96 -23.33 -8.53 30.81
CA GLN Q 96 -23.40 -7.09 30.89
C GLN Q 96 -24.08 -6.50 29.66
N LEU Q 97 -23.98 -7.20 28.52
CA LEU Q 97 -24.71 -6.76 27.33
C LEU Q 97 -26.21 -7.04 27.47
N GLN Q 98 -26.57 -8.07 28.24
CA GLN Q 98 -27.96 -8.52 28.28
C GLN Q 98 -28.88 -7.50 28.95
N GLU Q 99 -28.39 -6.86 30.02
CA GLU Q 99 -29.20 -5.81 30.63
C GLU Q 99 -29.19 -4.53 29.80
N ARG Q 100 -28.19 -4.36 28.93
CA ARG Q 100 -28.14 -3.20 28.06
C ARG Q 100 -28.78 -3.43 26.71
N ARG Q 101 -29.09 -4.69 26.36
CA ARG Q 101 -29.95 -4.90 25.20
C ARG Q 101 -31.38 -4.53 25.53
N LEU Q 102 -31.76 -4.57 26.80
CA LEU Q 102 -33.11 -4.15 27.18
C LEU Q 102 -33.25 -2.64 27.17
N GLN Q 103 -32.17 -1.89 27.31
CA GLN Q 103 -32.21 -0.43 27.24
C GLN Q 103 -31.91 0.06 25.83
N ARG Q 104 -32.64 -0.47 24.85
CA ARG Q 104 -32.47 -0.05 23.47
C ARG Q 104 -33.48 1.04 23.13
N ARG R 14 -15.37 33.77 8.80
CA ARG R 14 -15.34 33.67 7.35
C ARG R 14 -15.34 32.22 6.90
N LEU R 15 -15.45 32.00 5.60
CA LEU R 15 -15.44 30.65 5.07
C LEU R 15 -14.05 30.03 5.13
N ALA R 16 -13.01 30.83 4.98
CA ALA R 16 -11.65 30.29 4.98
C ALA R 16 -11.21 29.86 6.36
N VAL R 17 -11.51 30.67 7.38
CA VAL R 17 -11.17 30.28 8.75
C VAL R 17 -12.10 29.21 9.28
N ALA R 18 -13.23 28.95 8.62
CA ALA R 18 -14.09 27.87 9.04
C ALA R 18 -13.53 26.51 8.62
N ARG R 19 -12.79 26.46 7.53
CA ARG R 19 -12.15 25.22 7.12
C ARG R 19 -10.81 25.05 7.78
N GLU R 20 -10.16 26.16 8.13
CA GLU R 20 -8.87 26.10 8.79
C GLU R 20 -9.00 25.53 10.18
N LEU R 21 -10.10 25.87 10.86
CA LEU R 21 -10.35 25.44 12.22
C LEU R 21 -10.69 23.97 12.28
N LEU R 22 -11.28 23.43 11.21
CA LEU R 22 -11.71 22.04 11.18
C LEU R 22 -10.56 21.11 10.85
N LEU R 23 -9.76 21.45 9.84
CA LEU R 23 -8.68 20.59 9.41
C LEU R 23 -7.56 20.52 10.45
N ALA R 24 -7.36 21.59 11.21
CA ALA R 24 -6.39 21.54 12.30
C ALA R 24 -6.94 20.87 13.54
N ALA R 25 -8.25 20.65 13.61
CA ALA R 25 -8.85 19.88 14.68
C ALA R 25 -9.31 18.51 14.21
N LEU R 26 -8.91 18.11 13.00
CA LEU R 26 -9.19 16.77 12.51
C LEU R 26 -7.96 15.90 12.41
N GLU R 27 -6.82 16.47 12.02
CA GLU R 27 -5.57 15.74 12.03
C GLU R 27 -4.86 15.84 13.38
N GLU R 28 -5.50 16.45 14.38
CA GLU R 28 -5.07 16.27 15.75
C GLU R 28 -5.50 14.91 16.29
N LEU R 29 -6.42 14.25 15.61
CA LEU R 29 -6.79 12.89 15.95
C LEU R 29 -5.64 11.94 15.68
N SER R 30 -5.55 10.88 16.47
CA SER R 30 -4.55 9.86 16.21
C SER R 30 -4.97 8.99 15.04
N GLN R 31 -4.10 8.03 14.70
CA GLN R 31 -4.44 7.08 13.67
C GLN R 31 -5.50 6.10 14.15
N GLU R 32 -5.55 5.86 15.45
CA GLU R 32 -6.56 4.94 15.99
C GLU R 32 -7.92 5.62 16.08
N GLN R 33 -7.96 6.88 16.51
CA GLN R 33 -9.22 7.58 16.63
C GLN R 33 -9.84 7.86 15.27
N LEU R 34 -9.00 8.06 14.26
CA LEU R 34 -9.50 8.28 12.91
C LEU R 34 -10.14 7.03 12.33
N LYS R 35 -9.74 5.84 12.79
CA LYS R 35 -10.48 4.65 12.39
C LYS R 35 -11.81 4.58 13.10
N ARG R 36 -11.90 5.18 14.29
CA ARG R 36 -13.14 5.22 15.05
C ARG R 36 -14.01 6.41 14.68
N PHE R 37 -13.39 7.50 14.24
CA PHE R 37 -14.16 8.70 13.92
C PHE R 37 -14.90 8.56 12.60
N ARG R 38 -14.28 7.92 11.61
CA ARG R 38 -14.98 7.66 10.35
C ARG R 38 -16.10 6.67 10.56
N HIS R 39 -15.91 5.73 11.48
CA HIS R 39 -16.96 4.78 11.80
C HIS R 39 -18.11 5.47 12.52
N LYS R 40 -17.81 6.44 13.36
CA LYS R 40 -18.82 7.15 14.15
C LYS R 40 -19.29 8.41 13.44
N LEU R 41 -19.62 8.30 12.17
CA LEU R 41 -19.94 9.49 11.40
C LEU R 41 -21.23 9.27 10.63
N ARG R 42 -21.52 8.01 10.33
CA ARG R 42 -22.67 7.64 9.51
C ARG R 42 -23.92 7.38 10.34
N ASP R 43 -23.98 7.95 11.53
CA ASP R 43 -25.15 7.79 12.37
C ASP R 43 -25.89 9.08 12.63
N VAL R 44 -25.25 10.22 12.39
CA VAL R 44 -25.92 11.51 12.57
C VAL R 44 -26.86 11.77 11.41
N GLY R 45 -27.71 12.78 11.57
CA GLY R 45 -28.62 13.19 10.53
C GLY R 45 -30.03 13.35 11.04
N PRO R 46 -30.84 14.13 10.33
CA PRO R 46 -32.26 14.26 10.68
C PRO R 46 -33.00 12.94 10.53
N ASP R 47 -32.92 12.38 9.32
CA ASP R 47 -33.45 11.03 9.06
C ASP R 47 -32.72 10.48 7.84
N GLY R 48 -31.68 9.69 8.09
CA GLY R 48 -30.96 9.02 7.03
C GLY R 48 -30.15 9.90 6.12
N ARG R 49 -29.84 11.13 6.51
CA ARG R 49 -29.03 12.01 5.69
C ARG R 49 -27.61 12.05 6.24
N SER R 50 -26.79 11.11 5.80
CA SER R 50 -25.41 11.01 6.26
C SER R 50 -24.53 10.74 5.04
N ILE R 51 -23.22 10.68 5.28
CA ILE R 51 -22.28 10.41 4.21
C ILE R 51 -22.13 8.91 4.05
N PRO R 52 -22.25 8.37 2.85
CA PRO R 52 -22.11 6.91 2.65
C PRO R 52 -20.67 6.45 2.80
N TRP R 53 -20.51 5.12 2.84
CA TRP R 53 -19.19 4.54 3.00
C TRP R 53 -18.26 4.76 1.83
N GLY R 54 -18.80 4.85 0.61
CA GLY R 54 -17.97 4.83 -0.57
C GLY R 54 -17.02 6.00 -0.69
N ARG R 55 -17.33 7.10 -0.02
CA ARG R 55 -16.43 8.24 0.06
C ARG R 55 -15.92 8.49 1.47
N LEU R 56 -15.94 7.46 2.32
CA LEU R 56 -15.42 7.60 3.67
C LEU R 56 -14.38 6.56 4.06
N GLU R 57 -14.42 5.37 3.45
CA GLU R 57 -13.64 4.24 3.95
C GLU R 57 -12.15 4.43 3.74
N ARG R 58 -11.76 4.99 2.62
CA ARG R 58 -10.36 5.26 2.30
C ARG R 58 -10.10 6.76 2.23
N ALA R 59 -10.66 7.50 3.19
CA ALA R 59 -10.46 8.94 3.25
C ALA R 59 -9.32 9.25 4.21
N ASP R 60 -8.43 10.15 3.79
CA ASP R 60 -7.31 10.59 4.61
C ASP R 60 -7.81 11.67 5.57
N ALA R 61 -6.90 12.24 6.36
CA ALA R 61 -7.30 13.28 7.31
C ALA R 61 -7.65 14.58 6.62
N VAL R 62 -6.94 14.94 5.56
CA VAL R 62 -7.28 16.16 4.83
C VAL R 62 -8.52 15.90 3.98
N ASP R 63 -8.59 14.72 3.36
CA ASP R 63 -9.73 14.35 2.51
C ASP R 63 -11.02 14.28 3.31
N LEU R 64 -10.93 13.90 4.58
CA LEU R 64 -12.10 13.91 5.44
C LEU R 64 -12.56 15.31 5.76
N ALA R 65 -11.63 16.26 5.87
CA ALA R 65 -12.01 17.64 6.09
C ALA R 65 -12.49 18.31 4.81
N GLU R 66 -12.34 17.67 3.67
CA GLU R 66 -12.88 18.19 2.41
C GLU R 66 -14.36 17.88 2.27
N GLN R 67 -14.72 16.60 2.23
CA GLN R 67 -16.11 16.25 1.97
C GLN R 67 -17.01 16.45 3.17
N LEU R 68 -16.46 16.55 4.37
CA LEU R 68 -17.28 16.99 5.48
C LEU R 68 -17.63 18.45 5.36
N ALA R 69 -16.77 19.24 4.71
CA ALA R 69 -17.10 20.63 4.44
C ALA R 69 -18.05 20.77 3.26
N GLN R 70 -18.16 19.77 2.41
CA GLN R 70 -19.03 19.86 1.24
C GLN R 70 -20.40 19.26 1.46
N PHE R 71 -20.51 18.18 2.23
CA PHE R 71 -21.81 17.55 2.42
C PHE R 71 -22.68 18.39 3.33
N TYR R 72 -22.11 19.01 4.35
CA TYR R 72 -22.88 19.79 5.30
C TYR R 72 -22.77 21.28 5.05
N GLY R 73 -21.75 21.73 4.34
CA GLY R 73 -21.44 23.14 4.28
C GLY R 73 -20.45 23.45 5.39
N PRO R 74 -19.50 24.35 5.12
CA PRO R 74 -18.41 24.57 6.08
C PRO R 74 -18.84 25.28 7.35
N GLU R 75 -19.98 25.95 7.34
CA GLU R 75 -20.41 26.66 8.54
C GLU R 75 -21.05 25.72 9.57
N PRO R 76 -21.93 24.78 9.22
CA PRO R 76 -22.31 23.78 10.24
C PRO R 76 -21.52 22.48 10.21
N ALA R 77 -20.40 22.43 9.48
CA ALA R 77 -19.55 21.24 9.55
C ALA R 77 -18.86 21.12 10.89
N LEU R 78 -18.63 22.24 11.58
CA LEU R 78 -18.03 22.17 12.90
C LEU R 78 -18.99 21.53 13.91
N GLU R 79 -20.28 21.82 13.78
CA GLU R 79 -21.23 21.31 14.76
C GLU R 79 -21.48 19.82 14.57
N VAL R 80 -21.41 19.34 13.32
CA VAL R 80 -21.52 17.90 13.09
C VAL R 80 -20.21 17.18 13.35
N ALA R 81 -19.10 17.92 13.49
CA ALA R 81 -17.86 17.29 13.87
C ALA R 81 -17.70 17.22 15.38
N ARG R 82 -18.09 18.30 16.07
CA ARG R 82 -17.95 18.33 17.52
C ARG R 82 -18.95 17.41 18.19
N LYS R 83 -20.12 17.20 17.57
CA LYS R 83 -21.08 16.26 18.13
C LYS R 83 -20.59 14.83 18.02
N THR R 84 -19.74 14.54 17.03
CA THR R 84 -19.19 13.21 16.87
C THR R 84 -17.84 13.04 17.51
N LEU R 85 -17.06 14.11 17.68
CA LEU R 85 -15.79 13.98 18.39
C LEU R 85 -16.01 13.69 19.86
N LYS R 86 -17.11 14.17 20.43
CA LYS R 86 -17.48 13.72 21.77
C LYS R 86 -17.93 12.27 21.74
N ARG R 87 -18.47 11.81 20.62
CA ARG R 87 -19.00 10.47 20.50
C ARG R 87 -17.96 9.46 20.04
N ALA R 88 -16.82 9.91 19.51
CA ALA R 88 -15.74 9.03 19.09
C ALA R 88 -14.69 8.87 20.17
N ASP R 89 -15.03 9.22 21.42
CA ASP R 89 -14.17 9.14 22.60
C ASP R 89 -12.91 9.98 22.42
N ALA R 90 -13.07 11.20 21.92
CA ALA R 90 -11.98 12.17 21.85
C ALA R 90 -12.50 13.50 22.37
N ARG R 91 -12.53 13.67 23.68
CA ARG R 91 -13.02 14.90 24.27
C ARG R 91 -11.94 15.95 24.45
N ASP R 92 -10.69 15.62 24.13
CA ASP R 92 -9.62 16.60 24.21
C ASP R 92 -9.78 17.66 23.14
N VAL R 93 -9.77 17.23 21.87
CA VAL R 93 -9.79 18.15 20.75
C VAL R 93 -11.16 18.81 20.59
N ALA R 94 -12.23 18.12 20.97
CA ALA R 94 -13.58 18.66 20.85
C ALA R 94 -13.79 19.83 21.79
N ALA R 95 -13.30 19.72 23.02
CA ALA R 95 -13.33 20.86 23.92
C ALA R 95 -12.33 21.91 23.49
N GLN R 96 -11.23 21.48 22.87
CA GLN R 96 -10.23 22.43 22.39
C GLN R 96 -10.72 23.18 21.16
N LEU R 97 -11.61 22.57 20.38
CA LEU R 97 -12.22 23.25 19.25
C LEU R 97 -13.23 24.29 19.73
N GLN R 98 -13.86 24.06 20.88
CA GLN R 98 -14.97 24.88 21.33
C GLN R 98 -14.52 26.29 21.70
N GLU R 99 -13.35 26.42 22.33
CA GLU R 99 -12.86 27.76 22.61
C GLU R 99 -12.29 28.42 21.36
N ARG R 100 -11.94 27.63 20.35
CA ARG R 100 -11.44 28.19 19.10
C ARG R 100 -12.54 28.41 18.07
N ARG R 101 -13.74 27.87 18.29
CA ARG R 101 -14.86 28.28 17.47
C ARG R 101 -15.31 29.68 17.85
N LEU R 102 -15.06 30.10 19.08
CA LEU R 102 -15.39 31.45 19.48
C LEU R 102 -14.42 32.48 18.91
N GLN R 103 -13.20 32.07 18.57
CA GLN R 103 -12.24 32.98 17.94
C GLN R 103 -12.29 32.88 16.42
N ARG R 104 -13.48 33.02 15.86
CA ARG R 104 -13.65 32.99 14.42
C ARG R 104 -13.64 34.41 13.86
N ARG S 14 14.05 38.28 -14.88
CA ARG S 14 13.39 38.04 -16.16
C ARG S 14 12.19 37.12 -15.99
N LEU S 15 11.44 36.93 -17.08
CA LEU S 15 10.29 36.05 -17.03
C LEU S 15 10.70 34.59 -16.96
N ALA S 16 11.81 34.22 -17.59
CA ALA S 16 12.22 32.82 -17.62
C ALA S 16 12.75 32.37 -16.28
N VAL S 17 13.56 33.20 -15.62
CA VAL S 17 14.05 32.85 -14.29
C VAL S 17 12.98 33.00 -13.22
N ALA S 18 11.87 33.67 -13.54
CA ALA S 18 10.77 33.74 -12.58
C ALA S 18 9.98 32.44 -12.53
N ARG S 19 9.93 31.71 -13.63
CA ARG S 19 9.28 30.41 -13.63
C ARG S 19 10.23 29.31 -13.19
N GLU S 20 11.52 29.51 -13.41
CA GLU S 20 12.52 28.52 -13.02
C GLU S 20 12.60 28.44 -11.51
N LEU S 21 12.47 29.58 -10.85
CA LEU S 21 12.58 29.67 -9.40
C LEU S 21 11.39 29.05 -8.72
N LEU S 22 10.23 29.08 -9.37
CA LEU S 22 8.99 28.58 -8.80
C LEU S 22 8.88 27.07 -8.91
N LEU S 23 9.18 26.54 -10.10
CA LEU S 23 9.03 25.11 -10.34
C LEU S 23 10.07 24.30 -9.57
N ALA S 24 11.25 24.87 -9.33
CA ALA S 24 12.23 24.20 -8.50
C ALA S 24 11.95 24.36 -7.01
N ALA S 25 11.06 25.27 -6.64
CA ALA S 25 10.61 25.40 -5.27
C ALA S 25 9.20 24.89 -5.08
N LEU S 26 8.65 24.20 -6.08
CA LEU S 26 7.35 23.56 -5.97
C LEU S 26 7.44 22.05 -5.92
N GLU S 27 8.33 21.45 -6.71
CA GLU S 27 8.56 20.02 -6.61
C GLU S 27 9.60 19.67 -5.56
N GLU S 28 10.07 20.65 -4.79
CA GLU S 28 10.76 20.36 -3.54
C GLU S 28 9.78 19.94 -2.45
N LEU S 29 8.50 20.19 -2.65
CA LEU S 29 7.48 19.70 -1.74
C LEU S 29 7.38 18.19 -1.83
N SER S 30 7.01 17.56 -0.71
CA SER S 30 6.79 16.13 -0.71
C SER S 30 5.45 15.81 -1.37
N GLN S 31 5.17 14.51 -1.45
CA GLN S 31 3.86 14.09 -1.96
C GLN S 31 2.76 14.40 -0.96
N GLU S 32 3.10 14.43 0.33
CA GLU S 32 2.09 14.73 1.34
C GLU S 32 1.79 16.22 1.39
N GLN S 33 2.83 17.05 1.30
CA GLN S 33 2.62 18.50 1.35
C GLN S 33 1.90 18.99 0.11
N LEU S 34 2.11 18.35 -1.03
CA LEU S 34 1.41 18.73 -2.24
C LEU S 34 -0.07 18.41 -2.17
N LYS S 35 -0.48 17.44 -1.37
CA LYS S 35 -1.90 17.25 -1.13
C LYS S 35 -2.44 18.35 -0.23
N ARG S 36 -1.58 18.91 0.62
CA ARG S 36 -1.97 19.99 1.51
C ARG S 36 -1.80 21.35 0.86
N PHE S 37 -0.86 21.49 -0.07
CA PHE S 37 -0.61 22.77 -0.69
C PHE S 37 -1.69 23.13 -1.70
N ARG S 38 -2.17 22.15 -2.45
CA ARG S 38 -3.28 22.41 -3.37
C ARG S 38 -4.55 22.71 -2.61
N HIS S 39 -4.72 22.11 -1.44
CA HIS S 39 -5.87 22.40 -0.60
C HIS S 39 -5.77 23.80 -0.01
N LYS S 40 -4.56 24.23 0.31
CA LYS S 40 -4.34 25.55 0.92
C LYS S 40 -4.02 26.61 -0.12
N LEU S 41 -4.82 26.66 -1.18
CA LEU S 41 -4.50 27.55 -2.29
C LEU S 41 -5.73 28.35 -2.67
N ARG S 42 -6.90 27.78 -2.41
CA ARG S 42 -8.17 28.38 -2.81
C ARG S 42 -8.73 29.30 -1.74
N ASP S 43 -7.89 29.84 -0.87
CA ASP S 43 -8.35 30.75 0.16
C ASP S 43 -7.77 32.14 0.02
N VAL S 44 -6.70 32.30 -0.76
CA VAL S 44 -6.13 33.62 -0.98
C VAL S 44 -6.97 34.40 -1.98
N GLY S 45 -6.70 35.69 -2.07
CA GLY S 45 -7.38 36.54 -3.02
C GLY S 45 -7.89 37.81 -2.38
N PRO S 46 -8.12 38.85 -3.19
CA PRO S 46 -8.71 40.08 -2.67
C PRO S 46 -10.12 39.84 -2.17
N ASP S 47 -10.98 39.32 -3.06
CA ASP S 47 -12.32 38.90 -2.68
C ASP S 47 -12.78 37.86 -3.70
N GLY S 48 -12.62 36.59 -3.34
CA GLY S 48 -13.10 35.49 -4.16
C GLY S 48 -12.38 35.29 -5.48
N ARG S 49 -11.18 35.82 -5.64
CA ARG S 49 -10.43 35.63 -6.88
C ARG S 49 -9.34 34.59 -6.63
N SER S 50 -9.70 33.32 -6.80
CA SER S 50 -8.78 32.22 -6.59
C SER S 50 -8.94 31.23 -7.74
N ILE S 51 -8.11 30.20 -7.72
CA ILE S 51 -8.18 29.17 -8.75
C ILE S 51 -9.21 28.12 -8.33
N PRO S 52 -10.15 27.76 -9.19
CA PRO S 52 -11.16 26.76 -8.82
C PRO S 52 -10.58 25.36 -8.76
N TRP S 53 -11.40 24.43 -8.24
CA TRP S 53 -10.97 23.05 -8.08
C TRP S 53 -10.74 22.33 -9.38
N GLY S 54 -11.50 22.67 -10.44
CA GLY S 54 -11.51 21.88 -11.65
C GLY S 54 -10.18 21.81 -12.36
N ARG S 55 -9.32 22.79 -12.14
CA ARG S 55 -7.98 22.77 -12.67
C ARG S 55 -6.93 22.68 -11.57
N LEU S 56 -7.29 22.18 -10.40
CA LEU S 56 -6.33 21.98 -9.33
C LEU S 56 -6.29 20.59 -8.75
N GLU S 57 -7.40 19.83 -8.83
CA GLU S 57 -7.52 18.59 -8.06
C GLU S 57 -6.59 17.50 -8.58
N ARG S 58 -6.44 17.40 -9.88
CA ARG S 58 -5.55 16.44 -10.52
C ARG S 58 -4.38 17.13 -11.21
N ALA S 59 -3.80 18.11 -10.54
CA ALA S 59 -2.65 18.83 -11.07
C ALA S 59 -1.37 18.22 -10.52
N ASP S 60 -0.40 18.01 -11.40
CA ASP S 60 0.90 17.49 -11.03
C ASP S 60 1.75 18.63 -10.49
N ALA S 61 3.01 18.35 -10.16
CA ALA S 61 3.88 19.38 -9.62
C ALA S 61 4.32 20.38 -10.70
N VAL S 62 4.53 19.91 -11.92
CA VAL S 62 4.88 20.84 -12.99
C VAL S 62 3.64 21.58 -13.46
N ASP S 63 2.51 20.85 -13.55
CA ASP S 63 1.24 21.44 -13.97
C ASP S 63 0.75 22.49 -13.01
N LEU S 64 1.07 22.33 -11.71
CA LEU S 64 0.73 23.36 -10.75
C LEU S 64 1.58 24.61 -10.93
N ALA S 65 2.83 24.46 -11.34
CA ALA S 65 3.65 25.61 -11.63
C ALA S 65 3.32 26.26 -12.95
N GLU S 66 2.48 25.62 -13.77
CA GLU S 66 2.02 26.23 -15.01
C GLU S 66 0.87 27.20 -14.77
N GLN S 67 -0.26 26.70 -14.24
CA GLN S 67 -1.42 27.56 -14.11
C GLN S 67 -1.31 28.53 -12.95
N LEU S 68 -0.43 28.28 -12.00
CA LEU S 68 -0.14 29.31 -11.02
C LEU S 68 0.62 30.46 -11.64
N ALA S 69 1.40 30.18 -12.68
CA ALA S 69 2.07 31.25 -13.41
C ALA S 69 1.13 31.96 -14.37
N GLN S 70 0.00 31.35 -14.73
CA GLN S 70 -0.92 31.97 -15.67
C GLN S 70 -2.05 32.72 -15.01
N PHE S 71 -2.55 32.23 -13.87
CA PHE S 71 -3.67 32.91 -13.23
C PHE S 71 -3.24 34.21 -12.58
N TYR S 72 -2.05 34.23 -11.99
CA TYR S 72 -1.56 35.41 -11.31
C TYR S 72 -0.56 36.20 -12.13
N GLY S 73 0.07 35.59 -13.13
CA GLY S 73 1.21 36.18 -13.78
C GLY S 73 2.46 35.72 -13.08
N PRO S 74 3.53 35.46 -13.83
CA PRO S 74 4.72 34.84 -13.23
C PRO S 74 5.48 35.76 -12.29
N GLU S 75 5.27 37.06 -12.36
CA GLU S 75 6.01 37.95 -11.47
C GLU S 75 5.40 38.00 -10.07
N PRO S 76 4.09 38.09 -9.86
CA PRO S 76 3.59 37.91 -8.50
C PRO S 76 3.15 36.50 -8.15
N ALA S 77 3.45 35.50 -8.97
CA ALA S 77 3.16 34.12 -8.60
C ALA S 77 4.03 33.64 -7.46
N LEU S 78 5.23 34.21 -7.30
CA LEU S 78 6.07 33.85 -6.19
C LEU S 78 5.49 34.33 -4.87
N GLU S 79 4.88 35.51 -4.87
CA GLU S 79 4.36 36.06 -3.63
C GLU S 79 3.10 35.34 -3.18
N VAL S 80 2.29 34.86 -4.13
CA VAL S 80 1.13 34.05 -3.76
C VAL S 80 1.51 32.61 -3.47
N ALA S 81 2.73 32.20 -3.83
CA ALA S 81 3.17 30.87 -3.45
C ALA S 81 3.84 30.87 -2.09
N ARG S 82 4.65 31.90 -1.81
CA ARG S 82 5.35 31.97 -0.54
C ARG S 82 4.39 32.27 0.61
N LYS S 83 3.31 33.00 0.33
CA LYS S 83 2.32 33.26 1.36
C LYS S 83 1.57 32.01 1.74
N THR S 84 1.45 31.05 0.81
CA THR S 84 0.78 29.80 1.09
C THR S 84 1.72 28.68 1.51
N LEU S 85 3.00 28.74 1.10
CA LEU S 85 3.95 27.74 1.57
C LEU S 85 4.22 27.90 3.06
N LYS S 86 4.14 29.12 3.58
CA LYS S 86 4.16 29.29 5.03
C LYS S 86 2.88 28.76 5.65
N ARG S 87 1.78 28.79 4.90
CA ARG S 87 0.48 28.38 5.42
C ARG S 87 0.20 26.91 5.21
N ALA S 88 0.97 26.22 4.36
CA ALA S 88 0.82 24.79 4.14
C ALA S 88 1.77 23.98 5.00
N ASP S 89 2.32 24.60 6.05
CA ASP S 89 3.26 24.00 6.99
C ASP S 89 4.52 23.49 6.29
N ALA S 90 5.06 24.29 5.39
CA ALA S 90 6.36 24.00 4.76
C ALA S 90 7.17 25.29 4.80
N ARG S 91 7.83 25.54 5.92
CA ARG S 91 8.64 26.75 6.06
C ARG S 91 10.07 26.54 5.64
N ASP S 92 10.44 25.32 5.27
CA ASP S 92 11.79 25.07 4.77
C ASP S 92 11.99 25.71 3.41
N VAL S 93 11.18 25.32 2.43
CA VAL S 93 11.35 25.77 1.06
C VAL S 93 10.95 27.23 0.89
N ALA S 94 9.98 27.69 1.69
CA ALA S 94 9.52 29.08 1.60
C ALA S 94 10.60 30.05 2.03
N ALA S 95 11.31 29.73 3.10
CA ALA S 95 12.47 30.55 3.48
C ALA S 95 13.61 30.34 2.50
N GLN S 96 13.70 29.15 1.92
CA GLN S 96 14.75 28.87 0.95
C GLN S 96 14.48 29.58 -0.37
N LEU S 97 13.20 29.82 -0.68
CA LEU S 97 12.86 30.60 -1.86
C LEU S 97 13.18 32.08 -1.67
N GLN S 98 13.12 32.55 -0.42
CA GLN S 98 13.23 33.99 -0.14
C GLN S 98 14.62 34.51 -0.44
N GLU S 99 15.66 33.74 -0.12
CA GLU S 99 17.01 34.18 -0.47
C GLU S 99 17.28 33.99 -1.96
N ARG S 100 16.52 33.13 -2.63
CA ARG S 100 16.69 32.94 -4.06
C ARG S 100 15.78 33.82 -4.89
N ARG S 101 14.78 34.47 -4.27
CA ARG S 101 14.08 35.52 -4.98
C ARG S 101 14.94 36.76 -5.10
N LEU S 102 15.90 36.94 -4.20
CA LEU S 102 16.81 38.07 -4.31
C LEU S 102 17.84 37.86 -5.39
N GLN S 103 18.15 36.62 -5.75
CA GLN S 103 19.08 36.33 -6.84
C GLN S 103 18.36 36.14 -8.16
N ARG S 104 17.53 37.12 -8.52
CA ARG S 104 16.81 37.07 -9.78
C ARG S 104 17.58 37.85 -10.84
N ARG T 14 24.66 15.10 -43.08
CA ARG T 14 23.58 15.33 -44.03
C ARG T 14 22.30 15.75 -43.32
N LEU T 15 21.28 16.12 -44.09
CA LEU T 15 20.01 16.50 -43.50
C LEU T 15 19.26 15.30 -42.95
N ALA T 16 19.40 14.13 -43.57
CA ALA T 16 18.66 12.96 -43.14
C ALA T 16 19.21 12.41 -41.83
N VAL T 17 20.53 12.34 -41.69
CA VAL T 17 21.12 11.88 -40.44
C VAL T 17 21.03 12.93 -39.35
N ALA T 18 20.71 14.18 -39.70
CA ALA T 18 20.52 15.19 -38.66
C ALA T 18 19.17 15.04 -37.98
N ARG T 19 18.17 14.52 -38.69
CA ARG T 19 16.89 14.25 -38.07
C ARG T 19 16.86 12.89 -37.41
N GLU T 20 17.66 11.96 -37.91
CA GLU T 20 17.71 10.62 -37.35
C GLU T 20 18.33 10.66 -35.96
N LEU T 21 19.33 11.51 -35.79
CA LEU T 21 20.05 11.63 -34.53
C LEU T 21 19.19 12.28 -33.46
N LEU T 22 18.27 13.15 -33.86
CA LEU T 22 17.44 13.89 -32.93
C LEU T 22 16.27 13.05 -32.43
N LEU T 23 15.58 12.37 -33.36
CA LEU T 23 14.40 11.60 -33.00
C LEU T 23 14.76 10.38 -32.17
N ALA T 24 15.95 9.81 -32.37
CA ALA T 24 16.40 8.72 -31.53
C ALA T 24 16.95 9.20 -30.20
N ALA T 25 17.22 10.49 -30.06
CA ALA T 25 17.61 11.06 -28.79
C ALA T 25 16.50 11.89 -28.18
N LEU T 26 15.29 11.80 -28.72
CA LEU T 26 14.14 12.46 -28.14
C LEU T 26 13.15 11.49 -27.54
N GLU T 27 12.93 10.34 -28.16
CA GLU T 27 12.11 9.29 -27.57
C GLU T 27 12.90 8.38 -26.66
N GLU T 28 14.18 8.68 -26.42
CA GLU T 28 14.89 8.09 -25.30
C GLU T 28 14.47 8.73 -23.98
N LEU T 29 13.81 9.87 -24.03
CA LEU T 29 13.25 10.49 -22.84
C LEU T 29 12.10 9.64 -22.31
N SER T 30 11.91 9.66 -21.00
CA SER T 30 10.78 8.98 -20.42
C SER T 30 9.50 9.78 -20.64
N GLN T 31 8.38 9.21 -20.17
CA GLN T 31 7.13 9.93 -20.25
C GLN T 31 7.10 11.10 -19.26
N GLU T 32 7.86 10.99 -18.17
CA GLU T 32 7.89 12.08 -17.19
C GLU T 32 8.78 13.21 -17.67
N GLN T 33 9.93 12.88 -18.25
CA GLN T 33 10.84 13.92 -18.74
C GLN T 33 10.26 14.66 -19.92
N LEU T 34 9.46 13.99 -20.74
CA LEU T 34 8.81 14.64 -21.87
C LEU T 34 7.75 15.63 -21.42
N LYS T 35 7.16 15.45 -20.25
CA LYS T 35 6.30 16.49 -19.71
C LYS T 35 7.12 17.67 -19.22
N ARG T 36 8.35 17.42 -18.82
CA ARG T 36 9.25 18.47 -18.36
C ARG T 36 10.03 19.09 -19.51
N PHE T 37 10.29 18.32 -20.56
CA PHE T 37 11.09 18.85 -21.67
C PHE T 37 10.29 19.80 -22.54
N ARG T 38 9.00 19.52 -22.76
CA ARG T 38 8.16 20.45 -23.49
C ARG T 38 7.94 21.73 -22.71
N HIS T 39 7.90 21.60 -21.38
CA HIS T 39 7.78 22.78 -20.53
C HIS T 39 9.06 23.61 -20.56
N LYS T 40 10.20 22.95 -20.64
CA LYS T 40 11.50 23.64 -20.64
C LYS T 40 11.99 23.91 -22.05
N LEU T 41 11.13 24.46 -22.89
CA LEU T 41 11.49 24.63 -24.29
C LEU T 41 11.16 26.04 -24.74
N ARG T 42 10.19 26.65 -24.07
CA ARG T 42 9.70 27.97 -24.44
C ARG T 42 10.45 29.10 -23.74
N ASP T 43 11.67 28.84 -23.30
CA ASP T 43 12.47 29.85 -22.65
C ASP T 43 13.71 30.22 -23.42
N VAL T 44 14.13 29.40 -24.37
CA VAL T 44 15.30 29.71 -25.18
C VAL T 44 14.93 30.75 -26.24
N GLY T 45 15.96 31.30 -26.87
CA GLY T 45 15.76 32.25 -27.93
C GLY T 45 16.62 33.47 -27.75
N PRO T 46 16.88 34.20 -28.86
CA PRO T 46 17.60 35.48 -28.76
C PRO T 46 16.82 36.50 -27.97
N ASP T 47 15.58 36.76 -28.42
CA ASP T 47 14.66 37.62 -27.68
C ASP T 47 13.24 37.24 -28.12
N GLY T 48 12.59 36.39 -27.33
CA GLY T 48 11.21 36.02 -27.56
C GLY T 48 10.95 35.20 -28.80
N ARG T 49 11.95 34.54 -29.37
CA ARG T 49 11.75 33.70 -30.55
C ARG T 49 11.76 32.25 -30.11
N SER T 50 10.60 31.74 -29.70
CA SER T 50 10.47 30.37 -29.25
C SER T 50 9.21 29.78 -29.87
N ILE T 51 8.98 28.51 -29.60
CA ILE T 51 7.79 27.83 -30.12
C ILE T 51 6.63 28.06 -29.16
N PRO T 52 5.47 28.50 -29.63
CA PRO T 52 4.34 28.73 -28.74
C PRO T 52 3.72 27.43 -28.24
N TRP T 53 2.82 27.58 -27.27
CA TRP T 53 2.17 26.41 -26.67
C TRP T 53 1.25 25.67 -27.61
N GLY T 54 0.62 26.37 -28.56
CA GLY T 54 -0.45 25.77 -29.34
C GLY T 54 0.00 24.60 -30.19
N ARG T 55 1.28 24.54 -30.52
CA ARG T 55 1.85 23.41 -31.24
C ARG T 55 2.85 22.64 -30.39
N LEU T 56 2.76 22.74 -29.07
CA LEU T 56 3.63 21.98 -28.19
C LEU T 56 2.91 21.17 -27.13
N GLU T 57 1.71 21.58 -26.72
CA GLU T 57 1.08 21.00 -25.53
C GLU T 57 0.66 19.57 -25.73
N ARG T 58 0.13 19.25 -26.91
CA ARG T 58 -0.28 17.90 -27.26
C ARG T 58 0.61 17.32 -28.36
N ALA T 59 1.90 17.53 -28.23
CA ALA T 59 2.86 16.99 -29.19
C ALA T 59 3.41 15.66 -28.69
N ASP T 60 3.47 14.68 -29.57
CA ASP T 60 4.03 13.37 -29.25
C ASP T 60 5.55 13.45 -29.36
N ALA T 61 6.23 12.31 -29.16
CA ALA T 61 7.68 12.30 -29.24
C ALA T 61 8.18 12.45 -30.66
N VAL T 62 7.48 11.86 -31.64
CA VAL T 62 7.89 12.03 -33.02
C VAL T 62 7.48 13.42 -33.51
N ASP T 63 6.28 13.86 -33.11
CA ASP T 63 5.77 15.17 -33.50
C ASP T 63 6.63 16.30 -32.95
N LEU T 64 7.22 16.09 -31.78
CA LEU T 64 8.15 17.07 -31.24
C LEU T 64 9.43 17.13 -32.03
N ALA T 65 9.89 16.00 -32.58
CA ALA T 65 11.06 16.02 -33.41
C ALA T 65 10.77 16.54 -34.81
N GLU T 66 9.51 16.73 -35.16
CA GLU T 66 9.14 17.34 -36.44
C GLU T 66 9.25 18.85 -36.39
N GLN T 67 8.46 19.50 -35.54
CA GLN T 67 8.43 20.96 -35.55
C GLN T 67 9.65 21.57 -34.88
N LEU T 68 10.38 20.82 -34.07
CA LEU T 68 11.68 21.33 -33.64
C LEU T 68 12.66 21.34 -34.78
N ALA T 69 12.50 20.45 -35.75
CA ALA T 69 13.35 20.49 -36.94
C ALA T 69 12.89 21.56 -37.92
N GLN T 70 11.65 22.05 -37.81
CA GLN T 70 11.17 23.05 -38.74
C GLN T 70 11.29 24.46 -38.23
N PHE T 71 11.13 24.68 -36.92
CA PHE T 71 11.20 26.04 -36.42
C PHE T 71 12.63 26.55 -36.41
N TYR T 72 13.59 25.69 -36.09
CA TYR T 72 14.98 26.08 -36.02
C TYR T 72 15.78 25.68 -37.24
N GLY T 73 15.31 24.71 -38.01
CA GLY T 73 16.12 24.10 -39.03
C GLY T 73 16.82 22.90 -38.43
N PRO T 74 16.96 21.82 -39.20
CA PRO T 74 17.48 20.57 -38.62
C PRO T 74 18.95 20.62 -38.27
N GLU T 75 19.71 21.56 -38.80
CA GLU T 75 21.13 21.61 -38.47
C GLU T 75 21.38 22.27 -37.12
N PRO T 76 20.76 23.40 -36.73
CA PRO T 76 20.90 23.82 -35.33
C PRO T 76 19.79 23.35 -34.39
N ALA T 77 18.94 22.42 -34.81
CA ALA T 77 17.96 21.87 -33.88
C ALA T 77 18.61 21.01 -32.82
N LEU T 78 19.76 20.42 -33.11
CA LEU T 78 20.47 19.64 -32.10
C LEU T 78 21.00 20.54 -30.99
N GLU T 79 21.47 21.73 -31.34
CA GLU T 79 22.06 22.61 -30.34
C GLU T 79 21.00 23.22 -29.44
N VAL T 80 19.80 23.47 -29.97
CA VAL T 80 18.71 23.94 -29.13
C VAL T 80 18.04 22.79 -28.37
N ALA T 81 18.32 21.55 -28.74
CA ALA T 81 17.82 20.43 -27.96
C ALA T 81 18.77 20.05 -26.85
N ARG T 82 20.08 20.06 -27.13
CA ARG T 82 21.06 19.68 -26.13
C ARG T 82 21.19 20.74 -25.05
N LYS T 83 20.95 22.01 -25.40
CA LYS T 83 20.97 23.06 -24.39
C LYS T 83 19.80 22.94 -23.43
N THR T 84 18.69 22.36 -23.88
CA THR T 84 17.53 22.15 -23.02
C THR T 84 17.48 20.78 -22.38
N LEU T 85 18.10 19.78 -22.99
CA LEU T 85 18.16 18.47 -22.34
C LEU T 85 19.03 18.49 -21.11
N LYS T 86 20.05 19.35 -21.09
CA LYS T 86 20.77 19.59 -19.85
C LYS T 86 19.92 20.36 -18.86
N ARG T 87 18.99 21.16 -19.36
CA ARG T 87 18.15 22.00 -18.51
C ARG T 87 16.87 21.31 -18.08
N ALA T 88 16.49 20.21 -18.72
CA ALA T 88 15.32 19.44 -18.33
C ALA T 88 15.66 18.29 -17.41
N ASP T 89 16.85 18.33 -16.79
CA ASP T 89 17.37 17.32 -15.87
C ASP T 89 17.46 15.95 -16.52
N ALA T 90 17.96 15.90 -17.75
CA ALA T 90 18.27 14.65 -18.43
C ALA T 90 19.66 14.77 -19.03
N ARG T 91 20.69 14.53 -18.22
CA ARG T 91 22.06 14.63 -18.70
C ARG T 91 22.58 13.33 -19.27
N ASP T 92 21.79 12.26 -19.19
CA ASP T 92 22.21 10.99 -19.79
C ASP T 92 22.20 11.07 -21.30
N VAL T 93 21.05 11.38 -21.89
CA VAL T 93 20.91 11.37 -23.33
C VAL T 93 21.62 12.55 -23.98
N ALA T 94 21.71 13.68 -23.27
CA ALA T 94 22.36 14.87 -23.81
C ALA T 94 23.86 14.65 -23.98
N ALA T 95 24.49 14.00 -23.01
CA ALA T 95 25.88 13.62 -23.19
C ALA T 95 26.01 12.49 -24.19
N GLN T 96 25.00 11.63 -24.27
CA GLN T 96 25.02 10.54 -25.22
C GLN T 96 24.82 11.04 -26.64
N LEU T 97 24.11 12.16 -26.80
CA LEU T 97 23.96 12.77 -28.12
C LEU T 97 25.26 13.43 -28.56
N GLN T 98 26.07 13.89 -27.61
CA GLN T 98 27.24 14.70 -27.93
C GLN T 98 28.31 13.88 -28.65
N GLU T 99 28.51 12.63 -28.25
CA GLU T 99 29.46 11.80 -28.97
C GLU T 99 28.88 11.31 -30.29
N ARG T 100 27.56 11.32 -30.43
CA ARG T 100 26.94 10.92 -31.68
C ARG T 100 26.68 12.10 -32.61
N ARG T 101 26.79 13.33 -32.13
CA ARG T 101 26.82 14.45 -33.05
C ARG T 101 28.15 14.50 -33.80
N LEU T 102 29.21 13.95 -33.21
CA LEU T 102 30.48 13.90 -33.90
C LEU T 102 30.51 12.83 -34.99
N GLN T 103 29.66 11.81 -34.89
CA GLN T 103 29.57 10.79 -35.92
C GLN T 103 28.46 11.10 -36.92
N ARG T 104 28.51 12.30 -37.48
CA ARG T 104 27.53 12.71 -38.48
C ARG T 104 28.09 12.46 -39.87
N ARG U 14 3.22 -10.50 -61.25
CA ARG U 14 2.35 -9.62 -62.02
C ARG U 14 2.19 -8.27 -61.33
N LEU U 15 1.52 -7.34 -62.00
CA LEU U 15 1.29 -6.03 -61.41
C LEU U 15 0.24 -6.09 -60.31
N ALA U 16 -0.75 -6.98 -60.44
CA ALA U 16 -1.82 -7.03 -59.45
C ALA U 16 -1.34 -7.64 -58.14
N VAL U 17 -0.54 -8.71 -58.22
CA VAL U 17 -0.01 -9.31 -57.00
C VAL U 17 1.12 -8.48 -56.42
N ALA U 18 1.66 -7.53 -57.17
CA ALA U 18 2.67 -6.65 -56.61
C ALA U 18 2.07 -5.59 -55.71
N ARG U 19 0.82 -5.20 -55.97
CA ARG U 19 0.15 -4.26 -55.09
C ARG U 19 -0.55 -4.98 -53.95
N GLU U 20 -0.93 -6.23 -54.17
CA GLU U 20 -1.61 -7.01 -53.14
C GLU U 20 -0.64 -7.32 -52.01
N LEU U 21 0.62 -7.57 -52.36
CA LEU U 21 1.64 -7.92 -51.39
C LEU U 21 2.03 -6.72 -50.54
N LEU U 22 1.93 -5.52 -51.10
CA LEU U 22 2.34 -4.31 -50.40
C LEU U 22 1.27 -3.83 -49.43
N LEU U 23 0.01 -3.79 -49.88
CA LEU U 23 -1.07 -3.28 -49.05
C LEU U 23 -1.36 -4.21 -47.88
N ALA U 24 -1.15 -5.50 -48.04
CA ALA U 24 -1.30 -6.42 -46.92
C ALA U 24 -0.09 -6.42 -46.00
N ALA U 25 1.03 -5.84 -46.43
CA ALA U 25 2.19 -5.66 -45.58
C ALA U 25 2.36 -4.21 -45.16
N LEU U 26 1.36 -3.37 -45.42
CA LEU U 26 1.38 -1.99 -44.97
C LEU U 26 0.38 -1.71 -43.87
N GLU U 27 -0.81 -2.31 -43.94
CA GLU U 27 -1.77 -2.21 -42.86
C GLU U 27 -1.57 -3.28 -41.80
N GLU U 28 -0.50 -4.08 -41.92
CA GLU U 28 -0.04 -4.87 -40.79
C GLU U 28 0.70 -4.00 -39.79
N LEU U 29 1.09 -2.80 -40.18
CA LEU U 29 1.68 -1.85 -39.24
C LEU U 29 0.64 -1.38 -38.25
N SER U 30 1.09 -1.06 -37.04
CA SER U 30 0.19 -0.50 -36.05
C SER U 30 -0.11 0.95 -36.36
N GLN U 31 -0.95 1.55 -35.53
CA GLN U 31 -1.21 2.98 -35.67
C GLN U 31 -0.02 3.81 -35.24
N GLU U 32 0.80 3.27 -34.33
CA GLU U 32 1.98 4.01 -33.89
C GLU U 32 3.10 3.92 -34.92
N GLN U 33 3.30 2.75 -35.51
CA GLN U 33 4.36 2.59 -36.50
C GLN U 33 4.04 3.37 -37.77
N LEU U 34 2.76 3.50 -38.11
CA LEU U 34 2.37 4.28 -39.27
C LEU U 34 2.63 5.76 -39.10
N LYS U 35 2.64 6.25 -37.86
CA LYS U 35 3.08 7.62 -37.64
C LYS U 35 4.58 7.74 -37.81
N ARG U 36 5.30 6.65 -37.56
CA ARG U 36 6.74 6.63 -37.71
C ARG U 36 7.17 6.25 -39.12
N PHE U 37 6.35 5.45 -39.82
CA PHE U 37 6.72 5.00 -41.15
C PHE U 37 6.55 6.11 -42.18
N ARG U 38 5.52 6.94 -42.05
CA ARG U 38 5.37 8.07 -42.95
C ARG U 38 6.45 9.10 -42.70
N HIS U 39 6.89 9.21 -41.45
CA HIS U 39 8.00 10.11 -41.13
C HIS U 39 9.30 9.59 -41.70
N LYS U 40 9.48 8.28 -41.70
CA LYS U 40 10.72 7.67 -42.19
C LYS U 40 10.61 7.28 -43.64
N LEU U 41 10.14 8.19 -44.48
CA LEU U 41 9.89 7.85 -45.87
C LEU U 41 10.50 8.90 -46.79
N ARG U 42 10.64 10.11 -46.27
CA ARG U 42 11.11 11.24 -47.04
C ARG U 42 12.62 11.40 -46.97
N ASP U 43 13.34 10.34 -46.69
CA ASP U 43 14.78 10.39 -46.62
C ASP U 43 15.46 9.52 -47.67
N VAL U 44 14.73 8.59 -48.27
CA VAL U 44 15.30 7.76 -49.33
C VAL U 44 15.37 8.54 -50.62
N GLY U 45 16.09 7.99 -51.59
CA GLY U 45 16.19 8.58 -52.90
C GLY U 45 17.62 8.67 -53.37
N PRO U 46 17.82 8.76 -54.69
CA PRO U 46 19.18 8.96 -55.23
C PRO U 46 19.76 10.30 -54.79
N ASP U 47 19.03 11.37 -55.09
CA ASP U 47 19.39 12.71 -54.61
C ASP U 47 18.12 13.55 -54.62
N GLY U 48 17.47 13.65 -53.47
CA GLY U 48 16.30 14.50 -53.31
C GLY U 48 15.06 14.06 -54.05
N ARG U 49 14.97 12.81 -54.47
CA ARG U 49 13.78 12.33 -55.17
C ARG U 49 12.96 11.50 -54.19
N SER U 50 12.09 12.16 -53.44
CA SER U 50 11.23 11.51 -52.46
C SER U 50 9.83 12.08 -52.58
N ILE U 51 8.92 11.53 -51.80
CA ILE U 51 7.54 12.00 -51.80
C ILE U 51 7.42 13.18 -50.82
N PRO U 52 6.84 14.30 -51.24
CA PRO U 52 6.71 15.45 -50.33
C PRO U 52 5.66 15.21 -49.27
N TRP U 53 5.62 16.14 -48.30
CA TRP U 53 4.69 16.02 -47.18
C TRP U 53 3.24 16.19 -47.59
N GLY U 54 2.96 16.99 -48.61
CA GLY U 54 1.59 17.39 -48.91
C GLY U 54 0.69 16.25 -49.28
N ARG U 55 1.26 15.15 -49.77
CA ARG U 55 0.51 13.94 -50.07
C ARG U 55 0.91 12.78 -49.15
N LEU U 56 1.48 13.07 -47.99
CA LEU U 56 1.83 12.03 -47.04
C LEU U 56 1.28 12.23 -45.63
N GLU U 57 1.03 13.49 -45.23
CA GLU U 57 0.76 13.77 -43.83
C GLU U 57 -0.58 13.22 -43.36
N ARG U 58 -1.60 13.31 -44.21
CA ARG U 58 -2.93 12.79 -43.92
C ARG U 58 -3.27 11.61 -44.83
N ALA U 59 -2.30 10.72 -45.02
CA ALA U 59 -2.51 9.53 -45.83
C ALA U 59 -2.90 8.36 -44.94
N ASP U 60 -3.91 7.62 -45.36
CA ASP U 60 -4.37 6.44 -44.64
C ASP U 60 -3.47 5.26 -45.02
N ALA U 61 -3.78 4.07 -44.51
CA ALA U 61 -2.96 2.90 -44.82
C ALA U 61 -3.17 2.42 -46.25
N VAL U 62 -4.38 2.52 -46.77
CA VAL U 62 -4.60 2.13 -48.17
C VAL U 62 -4.07 3.23 -49.08
N ASP U 63 -4.30 4.48 -48.70
CA ASP U 63 -3.86 5.63 -49.49
C ASP U 63 -2.34 5.70 -49.57
N LEU U 64 -1.64 5.23 -48.54
CA LEU U 64 -0.20 5.14 -48.59
C LEU U 64 0.26 4.07 -49.55
N ALA U 65 -0.47 2.98 -49.66
CA ALA U 65 -0.12 1.95 -50.63
C ALA U 65 -0.51 2.33 -52.05
N GLU U 66 -1.26 3.41 -52.23
CA GLU U 66 -1.59 3.91 -53.56
C GLU U 66 -0.44 4.75 -54.14
N GLN U 67 -0.11 5.86 -53.49
CA GLN U 67 0.88 6.74 -54.06
C GLN U 67 2.31 6.23 -53.92
N LEU U 68 2.55 5.29 -53.02
CA LEU U 68 3.84 4.62 -53.03
C LEU U 68 3.96 3.71 -54.24
N ALA U 69 2.84 3.19 -54.73
CA ALA U 69 2.86 2.42 -55.96
C ALA U 69 2.94 3.30 -57.20
N GLN U 70 2.60 4.58 -57.08
CA GLN U 70 2.62 5.46 -58.24
C GLN U 70 3.90 6.27 -58.36
N PHE U 71 4.49 6.68 -57.25
CA PHE U 71 5.70 7.49 -57.33
C PHE U 71 6.89 6.67 -57.77
N TYR U 72 6.98 5.43 -57.30
CA TYR U 72 8.10 4.57 -57.63
C TYR U 72 7.79 3.55 -58.70
N GLY U 73 6.52 3.27 -58.93
CA GLY U 73 6.15 2.13 -59.74
C GLY U 73 5.97 0.93 -58.85
N PRO U 74 4.99 0.08 -59.14
CA PRO U 74 4.66 -1.01 -58.21
C PRO U 74 5.70 -2.10 -58.14
N GLU U 75 6.57 -2.20 -59.11
CA GLU U 75 7.58 -3.26 -59.09
C GLU U 75 8.75 -2.91 -58.17
N PRO U 76 9.32 -1.70 -58.16
CA PRO U 76 10.29 -1.39 -57.09
C PRO U 76 9.70 -0.68 -55.87
N ALA U 77 8.38 -0.62 -55.74
CA ALA U 77 7.80 -0.06 -54.52
C ALA U 77 8.02 -0.97 -53.32
N LEU U 78 8.17 -2.27 -53.55
CA LEU U 78 8.46 -3.18 -52.45
C LEU U 78 9.86 -2.93 -51.89
N GLU U 79 10.81 -2.63 -52.75
CA GLU U 79 12.18 -2.46 -52.29
C GLU U 79 12.37 -1.14 -51.55
N VAL U 80 11.62 -0.10 -51.92
CA VAL U 80 11.65 1.14 -51.16
C VAL U 80 10.78 1.07 -49.92
N ALA U 81 9.92 0.06 -49.81
CA ALA U 81 9.17 -0.12 -48.58
C ALA U 81 9.92 -0.98 -47.58
N ARG U 82 10.58 -2.04 -48.06
CA ARG U 82 11.31 -2.92 -47.16
C ARG U 82 12.57 -2.25 -46.63
N LYS U 83 13.16 -1.35 -47.41
CA LYS U 83 14.32 -0.62 -46.91
C LYS U 83 13.94 0.35 -45.81
N THR U 84 12.71 0.83 -45.80
CA THR U 84 12.24 1.72 -44.76
C THR U 84 11.53 1.01 -43.63
N LEU U 85 10.93 -0.16 -43.87
CA LEU U 85 10.33 -0.90 -42.78
C LEU U 85 11.37 -1.44 -41.82
N LYS U 86 12.58 -1.73 -42.32
CA LYS U 86 13.68 -2.01 -41.41
C LYS U 86 14.11 -0.76 -40.68
N ARG U 87 13.92 0.40 -41.29
CA ARG U 87 14.37 1.66 -40.73
C ARG U 87 13.31 2.33 -39.84
N ALA U 88 12.06 1.88 -39.92
CA ALA U 88 10.99 2.40 -39.07
C ALA U 88 10.78 1.54 -37.84
N ASP U 89 11.76 0.70 -37.50
CA ASP U 89 11.75 -0.21 -36.36
C ASP U 89 10.57 -1.17 -36.41
N ALA U 90 10.33 -1.74 -37.59
CA ALA U 90 9.35 -2.82 -37.75
C ALA U 90 10.01 -3.92 -38.58
N ARG U 91 10.77 -4.78 -37.92
CA ARG U 91 11.45 -5.86 -38.63
C ARG U 91 10.62 -7.12 -38.70
N ASP U 92 9.44 -7.14 -38.08
CA ASP U 92 8.55 -8.29 -38.18
C ASP U 92 7.99 -8.42 -39.59
N VAL U 93 7.27 -7.39 -40.04
CA VAL U 93 6.58 -7.45 -41.32
C VAL U 93 7.56 -7.38 -42.49
N ALA U 94 8.69 -6.69 -42.31
CA ALA U 94 9.68 -6.56 -43.38
C ALA U 94 10.34 -7.89 -43.69
N ALA U 95 10.66 -8.67 -42.66
CA ALA U 95 11.14 -10.02 -42.91
C ALA U 95 10.01 -10.93 -43.38
N GLN U 96 8.78 -10.63 -42.95
CA GLN U 96 7.65 -11.43 -43.38
C GLN U 96 7.29 -11.12 -44.82
N LEU U 97 7.58 -9.92 -45.29
CA LEU U 97 7.38 -9.58 -46.69
C LEU U 97 8.41 -10.27 -47.58
N GLN U 98 9.60 -10.53 -47.04
CA GLN U 98 10.72 -11.01 -47.85
C GLN U 98 10.49 -12.43 -48.34
N GLU U 99 9.90 -13.29 -47.51
CA GLU U 99 9.58 -14.63 -47.99
C GLU U 99 8.35 -14.62 -48.90
N ARG U 100 7.52 -13.58 -48.81
CA ARG U 100 6.36 -13.48 -49.68
C ARG U 100 6.64 -12.66 -50.94
N ARG U 101 7.77 -11.97 -51.02
CA ARG U 101 8.18 -11.43 -52.29
C ARG U 101 8.69 -12.54 -53.21
N LEU U 102 9.17 -13.63 -52.63
CA LEU U 102 9.59 -14.76 -53.45
C LEU U 102 8.42 -15.54 -54.02
N GLN U 103 7.26 -15.48 -53.38
CA GLN U 103 6.06 -16.14 -53.90
C GLN U 103 5.21 -15.19 -54.74
N ARG U 104 5.84 -14.57 -55.72
CA ARG U 104 5.15 -13.66 -56.63
C ARG U 104 4.73 -14.42 -57.88
#